data_1ITZ
#
_entry.id   1ITZ
#
_cell.length_a   136.438
_cell.length_b   136.438
_cell.length_c   203.731
_cell.angle_alpha   90.00
_cell.angle_beta   90.00
_cell.angle_gamma   120.00
#
_symmetry.space_group_name_H-M   'P 31 2 1'
#
loop_
_entity.id
_entity.type
_entity.pdbx_description
1 polymer Transketolase
2 non-polymer 'MAGNESIUM ION'
3 non-polymer 'THIAMINE DIPHOSPHATE'
4 water water
#
_entity_poly.entity_id   1
_entity_poly.type   'polypeptide(L)'
_entity_poly.pdbx_seq_one_letter_code
;GAVETLQGKAATGELLEKSVNTIRFLAIDAVEKANSGHPGLPMGCAPMGHVLYDEVMRYNPKNPYWFNRDRFVLSAGHGC
MLQYALLHLAGYDSVKEEDLKQFRQWGSRTPGHPENFETPGVEVTTGPLGQGIANAVGLALAEKHLAARFNKPDSEIVDH
YTYVILGDGCQMEGIANEACSLAGHWGLGKLIAFYDDNHISIDGDTEIAFTEDVSTRFEALGWHTIWVKNGNTGYDDIRA
AIKEAKAVTDKPTLIKVTTTIGFGSPNKANSYSVHGSALGAKEVEATRQNLGWPYDTFFVPEDVKSHWSRHTPEGAALEA
DWNAKFAEYEKKYADDAATLKSIITGELPTGWVDALPKYTPESPGDATRNLSQQCLNALANVVPGLIGGSADLASSNMTL
LKMFGDFQKDTAEERNVRFGVREHGMGAICNGIALHSPGFVPYCATFFVFTDYMRGAMRISALSEAGVIYVMTHDSIGLG
EDGPTHQPIEHLVSFRAMPNILMLRPADGNETAGAYKVAVLNRKRPSILALSRQKLPHLPGTSIEGVEKGGYTISDNSTG
NKPDLIVMGTGSELEIAAKAADELRKEGKTVRVVSFVSWELFDEQSDEYKESVLPAAVTARISIEAGSTLGWQKYVGAQG
KAIGIDKFGASAPAGTIYKEYGITVESIIAAAKSF
;
_entity_poly.pdbx_strand_id   A,B,C
#
# COMPACT_ATOMS: atom_id res chain seq x y z
N ALA A 10 48.07 -5.23 23.36
CA ALA A 10 47.05 -5.43 24.43
C ALA A 10 47.18 -4.38 25.53
N ALA A 11 46.06 -3.84 25.99
CA ALA A 11 46.12 -2.84 27.03
C ALA A 11 46.51 -3.48 28.36
N THR A 12 47.10 -2.68 29.23
CA THR A 12 47.54 -3.18 30.52
C THR A 12 47.57 -2.05 31.53
N GLY A 13 47.69 -2.41 32.80
CA GLY A 13 47.74 -1.40 33.84
C GLY A 13 46.59 -0.42 33.83
N GLU A 14 46.91 0.85 34.08
CA GLU A 14 45.87 1.86 34.14
C GLU A 14 45.10 2.05 32.83
N LEU A 15 45.73 1.73 31.70
CA LEU A 15 45.02 1.89 30.44
C LEU A 15 43.91 0.84 30.35
N LEU A 16 44.22 -0.38 30.79
CA LEU A 16 43.24 -1.45 30.77
C LEU A 16 42.07 -1.05 31.67
N GLU A 17 42.38 -0.58 32.88
CA GLU A 17 41.35 -0.17 33.84
C GLU A 17 40.47 0.91 33.25
N LYS A 18 41.09 1.90 32.63
CA LYS A 18 40.34 2.99 32.03
C LYS A 18 39.45 2.55 30.88
N SER A 19 39.95 1.64 30.05
CA SER A 19 39.13 1.17 28.93
C SER A 19 37.91 0.43 29.46
N VAL A 20 38.14 -0.46 30.42
CA VAL A 20 37.06 -1.25 31.02
C VAL A 20 36.05 -0.31 31.66
N ASN A 21 36.51 0.74 32.34
CA ASN A 21 35.56 1.66 32.97
C ASN A 21 34.85 2.55 31.95
N THR A 22 35.49 2.81 30.81
CA THR A 22 34.86 3.63 29.78
C THR A 22 33.58 2.90 29.33
N ILE A 23 33.69 1.59 29.20
CA ILE A 23 32.55 0.78 28.79
C ILE A 23 31.44 0.87 29.84
N ARG A 24 31.80 0.66 31.12
CA ARG A 24 30.82 0.72 32.20
C ARG A 24 30.10 2.07 32.19
N PHE A 25 30.85 3.16 32.14
CA PHE A 25 30.23 4.47 32.19
C PHE A 25 29.46 4.87 30.94
N LEU A 26 29.82 4.35 29.78
CA LEU A 26 29.03 4.68 28.60
C LEU A 26 27.65 4.05 28.84
N ALA A 27 27.66 2.83 29.36
CA ALA A 27 26.41 2.13 29.64
C ALA A 27 25.59 2.89 30.71
N ILE A 28 26.25 3.26 31.81
CA ILE A 28 25.60 4.00 32.89
C ILE A 28 24.99 5.31 32.40
N ASP A 29 25.75 6.10 31.63
CA ASP A 29 25.26 7.38 31.13
C ASP A 29 24.17 7.24 30.08
N ALA A 30 24.28 6.24 29.21
CA ALA A 30 23.26 6.06 28.18
C ALA A 30 21.92 5.73 28.86
N VAL A 31 21.97 4.85 29.86
CA VAL A 31 20.78 4.45 30.62
C VAL A 31 20.21 5.60 31.43
N GLU A 32 21.08 6.34 32.12
CA GLU A 32 20.66 7.48 32.93
C GLU A 32 19.93 8.51 32.06
N LYS A 33 20.51 8.83 30.90
CA LYS A 33 19.90 9.79 29.99
C LYS A 33 18.51 9.35 29.51
N ALA A 34 18.37 8.07 29.16
CA ALA A 34 17.08 7.55 28.70
C ALA A 34 16.13 7.27 29.87
N ASN A 35 16.70 7.16 31.08
CA ASN A 35 15.93 6.84 32.26
C ASN A 35 15.20 5.53 31.98
N SER A 36 15.90 4.63 31.29
CA SER A 36 15.35 3.35 30.92
C SER A 36 16.50 2.52 30.39
N GLY A 37 16.48 1.23 30.69
CA GLY A 37 17.54 0.37 30.22
C GLY A 37 18.17 -0.47 31.31
N HIS A 38 19.20 -1.21 30.95
CA HIS A 38 19.82 -2.12 31.90
C HIS A 38 21.29 -1.87 32.13
N PRO A 39 21.63 -1.27 33.27
CA PRO A 39 23.05 -1.00 33.57
C PRO A 39 23.80 -2.16 34.22
N GLY A 40 23.08 -3.04 34.89
CA GLY A 40 23.72 -4.16 35.58
C GLY A 40 24.70 -5.05 34.81
N LEU A 41 24.22 -5.69 33.75
CA LEU A 41 25.02 -6.60 32.94
C LEU A 41 26.26 -5.93 32.33
N PRO A 42 26.08 -4.75 31.71
CA PRO A 42 27.23 -4.06 31.12
C PRO A 42 28.30 -3.78 32.18
N MET A 43 27.87 -3.38 33.37
CA MET A 43 28.82 -3.08 34.45
C MET A 43 29.61 -4.31 34.86
N GLY A 44 28.96 -5.48 35.00
CA GLY A 44 29.68 -6.67 35.40
C GLY A 44 30.38 -7.38 34.26
N CYS A 45 29.91 -7.20 33.03
CA CYS A 45 30.52 -7.87 31.90
C CYS A 45 31.53 -7.03 31.13
N ALA A 46 31.76 -5.78 31.55
CA ALA A 46 32.73 -4.93 30.82
C ALA A 46 34.09 -5.59 30.66
N PRO A 47 34.60 -6.27 31.71
CA PRO A 47 35.91 -6.89 31.54
C PRO A 47 35.97 -7.93 30.41
N MET A 48 34.99 -8.82 30.32
CA MET A 48 35.08 -9.81 29.25
C MET A 48 34.74 -9.19 27.89
N GLY A 49 33.96 -8.12 27.91
CA GLY A 49 33.60 -7.46 26.66
C GLY A 49 34.84 -6.81 26.06
N HIS A 50 35.65 -6.20 26.94
CA HIS A 50 36.87 -5.55 26.50
C HIS A 50 37.86 -6.56 25.93
N VAL A 51 38.08 -7.67 26.64
CA VAL A 51 39.02 -8.67 26.16
C VAL A 51 38.60 -9.24 24.80
N LEU A 52 37.31 -9.49 24.67
CA LEU A 52 36.72 -10.05 23.46
C LEU A 52 36.85 -9.14 22.22
N TYR A 53 36.34 -7.90 22.30
CA TYR A 53 36.42 -7.01 21.15
C TYR A 53 37.78 -6.38 20.89
N ASP A 54 38.57 -6.18 21.93
CA ASP A 54 39.87 -5.56 21.74
C ASP A 54 41.03 -6.51 21.46
N GLU A 55 40.98 -7.71 22.04
CA GLU A 55 42.09 -8.66 21.88
C GLU A 55 41.83 -9.95 21.12
N VAL A 56 40.61 -10.48 21.20
CA VAL A 56 40.33 -11.77 20.59
C VAL A 56 39.64 -11.84 19.24
N MET A 57 38.54 -11.13 19.11
CA MET A 57 37.79 -11.18 17.88
C MET A 57 38.48 -10.56 16.67
N ARG A 58 38.30 -11.20 15.51
CA ARG A 58 38.82 -10.71 14.23
C ARG A 58 37.64 -10.08 13.44
N TYR A 59 37.75 -8.79 13.15
CA TYR A 59 36.70 -8.09 12.43
C TYR A 59 37.26 -6.81 11.84
N ASN A 60 36.49 -6.20 10.94
CA ASN A 60 36.88 -4.95 10.32
C ASN A 60 35.75 -3.99 10.66
N PRO A 61 35.99 -3.03 11.56
CA PRO A 61 34.94 -2.08 11.94
C PRO A 61 34.32 -1.27 10.80
N LYS A 62 35.06 -1.12 9.70
CA LYS A 62 34.57 -0.38 8.55
C LYS A 62 33.85 -1.28 7.53
N ASN A 63 33.81 -2.58 7.81
CA ASN A 63 33.07 -3.51 6.94
C ASN A 63 32.44 -4.60 7.80
N PRO A 64 31.25 -4.31 8.35
CA PRO A 64 30.56 -5.29 9.18
C PRO A 64 30.08 -6.50 8.40
N TYR A 65 30.26 -6.48 7.07
CA TYR A 65 29.81 -7.60 6.24
C TYR A 65 30.91 -8.56 5.80
N TRP A 66 32.15 -8.30 6.20
CA TRP A 66 33.26 -9.18 5.83
C TRP A 66 32.90 -10.63 6.15
N PHE A 67 32.87 -11.45 5.12
CA PHE A 67 32.48 -12.85 5.25
C PHE A 67 33.19 -13.66 6.34
N ASN A 68 34.52 -13.62 6.37
CA ASN A 68 35.22 -14.41 7.36
C ASN A 68 35.42 -13.82 8.77
N ARG A 69 34.69 -12.76 9.09
CA ARG A 69 34.76 -12.15 10.43
C ARG A 69 34.29 -13.10 11.53
N ASP A 70 34.83 -12.96 12.75
CA ASP A 70 34.34 -13.79 13.86
C ASP A 70 32.98 -13.17 14.23
N ARG A 71 32.05 -13.99 14.73
CA ARG A 71 30.72 -13.49 15.10
C ARG A 71 30.49 -13.39 16.60
N PHE A 72 29.88 -12.29 17.02
CA PHE A 72 29.57 -12.11 18.42
C PHE A 72 28.05 -12.01 18.59
N VAL A 73 27.53 -12.67 19.62
CA VAL A 73 26.09 -12.63 19.89
C VAL A 73 25.82 -12.37 21.35
N LEU A 74 25.06 -11.31 21.64
CA LEU A 74 24.70 -11.04 23.01
C LEU A 74 23.33 -11.68 23.23
N SER A 75 23.33 -12.88 23.81
CA SER A 75 22.08 -13.58 24.05
C SER A 75 21.25 -12.89 25.14
N ALA A 76 21.92 -12.31 26.13
CA ALA A 76 21.20 -11.60 27.19
C ALA A 76 21.06 -10.19 26.65
N GLY A 77 20.17 -10.08 25.66
CA GLY A 77 19.92 -8.83 24.96
C GLY A 77 19.64 -7.58 25.76
N HIS A 78 19.09 -7.72 26.97
CA HIS A 78 18.79 -6.54 27.77
C HIS A 78 20.08 -5.76 28.07
N GLY A 79 21.22 -6.46 28.07
CA GLY A 79 22.49 -5.80 28.31
C GLY A 79 23.09 -5.17 27.07
N CYS A 80 22.26 -4.83 26.10
CA CYS A 80 22.73 -4.28 24.84
C CYS A 80 23.71 -3.10 24.92
N MET A 81 23.63 -2.27 25.96
CA MET A 81 24.57 -1.17 26.03
C MET A 81 26.02 -1.67 26.02
N LEU A 82 26.24 -2.90 26.48
CA LEU A 82 27.58 -3.46 26.47
C LEU A 82 28.04 -3.49 25.01
N GLN A 83 27.19 -4.05 24.15
CA GLN A 83 27.54 -4.16 22.75
C GLN A 83 27.63 -2.81 22.05
N TYR A 84 26.71 -1.90 22.34
CA TYR A 84 26.77 -0.59 21.70
C TYR A 84 28.05 0.14 22.10
N ALA A 85 28.46 -0.01 23.36
CA ALA A 85 29.69 0.65 23.81
C ALA A 85 30.87 0.12 23.00
N LEU A 86 30.93 -1.21 22.87
CA LEU A 86 32.02 -1.84 22.15
C LEU A 86 32.01 -1.47 20.66
N LEU A 87 30.84 -1.46 20.02
CA LEU A 87 30.78 -1.10 18.61
C LEU A 87 31.26 0.35 18.44
N HIS A 88 30.86 1.21 19.38
CA HIS A 88 31.27 2.61 19.32
C HIS A 88 32.79 2.76 19.43
N LEU A 89 33.38 2.13 20.44
CA LEU A 89 34.83 2.19 20.67
C LEU A 89 35.62 1.57 19.51
N ALA A 90 35.10 0.47 18.95
CA ALA A 90 35.77 -0.24 17.87
C ALA A 90 35.78 0.58 16.58
N GLY A 91 34.90 1.56 16.48
CA GLY A 91 34.90 2.39 15.29
C GLY A 91 33.84 2.10 14.25
N TYR A 92 32.82 1.33 14.61
CA TYR A 92 31.75 1.04 13.66
C TYR A 92 30.99 2.32 13.33
N ASP A 93 30.63 2.49 12.05
CA ASP A 93 29.91 3.69 11.63
C ASP A 93 28.49 3.73 12.13
N SER A 94 27.96 2.59 12.57
CA SER A 94 26.57 2.55 13.04
C SER A 94 26.34 3.10 14.45
N VAL A 95 27.38 3.22 15.25
CA VAL A 95 27.19 3.75 16.60
C VAL A 95 28.14 4.88 16.94
N LYS A 96 27.73 6.10 16.61
CA LYS A 96 28.52 7.29 16.89
C LYS A 96 28.08 7.86 18.25
N GLU A 97 28.75 8.90 18.69
CA GLU A 97 28.43 9.51 19.97
C GLU A 97 26.96 9.89 20.07
N GLU A 98 26.43 10.49 19.04
CA GLU A 98 25.04 10.92 19.08
C GLU A 98 24.05 9.73 19.16
N ASP A 99 24.43 8.57 18.62
CA ASP A 99 23.56 7.41 18.69
C ASP A 99 23.46 6.92 20.14
N LEU A 100 24.58 6.95 20.86
CA LEU A 100 24.58 6.55 22.26
C LEU A 100 23.63 7.48 23.02
N LYS A 101 23.58 8.74 22.62
CA LYS A 101 22.71 9.69 23.29
C LYS A 101 21.24 9.53 22.89
N GLN A 102 20.97 8.64 21.95
CA GLN A 102 19.61 8.40 21.47
C GLN A 102 19.13 7.00 21.87
N PHE A 103 19.80 6.43 22.87
CA PHE A 103 19.43 5.12 23.36
C PHE A 103 17.94 5.04 23.71
N ARG A 104 17.27 4.02 23.19
CA ARG A 104 15.86 3.77 23.44
C ARG A 104 14.90 4.88 23.06
N GLN A 105 15.34 5.73 22.13
CA GLN A 105 14.51 6.82 21.63
C GLN A 105 13.99 6.50 20.22
N TRP A 106 12.81 7.03 19.89
CA TRP A 106 12.20 6.81 18.58
C TRP A 106 13.12 6.87 17.36
N GLY A 107 13.15 5.76 16.63
CA GLY A 107 13.94 5.62 15.41
C GLY A 107 15.45 5.60 15.48
N SER A 108 16.05 5.34 16.64
CA SER A 108 17.50 5.35 16.73
C SER A 108 18.14 4.01 16.35
N ARG A 109 19.44 4.05 16.15
CA ARG A 109 20.24 2.89 15.81
C ARG A 109 20.61 2.12 17.09
N THR A 110 20.08 2.56 18.23
CA THR A 110 20.37 1.96 19.52
C THR A 110 19.08 1.67 20.29
N PRO A 111 18.28 0.73 19.78
CA PRO A 111 17.01 0.35 20.44
C PRO A 111 17.25 -0.41 21.76
N GLY A 112 16.19 -0.56 22.56
CA GLY A 112 16.27 -1.22 23.85
C GLY A 112 16.85 -2.62 23.87
N HIS A 113 16.73 -3.31 22.73
CA HIS A 113 17.28 -4.64 22.58
C HIS A 113 18.01 -4.68 21.23
N PRO A 114 19.13 -5.43 21.16
CA PRO A 114 19.86 -5.47 19.89
C PRO A 114 19.06 -6.02 18.72
N GLU A 115 19.03 -5.25 17.63
CA GLU A 115 18.28 -5.60 16.42
C GLU A 115 19.20 -5.47 15.21
N ASN A 116 19.41 -6.59 14.52
CA ASN A 116 20.31 -6.61 13.37
C ASN A 116 19.83 -5.71 12.24
N PHE A 117 18.52 -5.57 12.09
CA PHE A 117 17.98 -4.76 11.04
C PHE A 117 18.05 -3.26 11.29
N GLU A 118 18.45 -2.85 12.49
CA GLU A 118 18.57 -1.42 12.80
C GLU A 118 20.04 -1.02 12.90
N THR A 119 20.86 -1.96 13.30
CA THR A 119 22.25 -1.64 13.59
C THR A 119 23.33 -2.54 12.97
N PRO A 120 23.96 -2.11 11.87
CA PRO A 120 25.01 -2.90 11.23
C PRO A 120 26.07 -3.16 12.30
N GLY A 121 26.49 -4.42 12.46
CA GLY A 121 27.45 -4.75 13.49
C GLY A 121 26.76 -5.70 14.47
N VAL A 122 25.44 -5.64 14.53
CA VAL A 122 24.67 -6.55 15.40
C VAL A 122 24.24 -7.68 14.47
N GLU A 123 24.64 -8.91 14.76
CA GLU A 123 24.36 -10.03 13.87
C GLU A 123 22.94 -10.60 13.83
N VAL A 124 22.27 -10.63 14.98
CA VAL A 124 20.93 -11.19 15.06
C VAL A 124 20.13 -10.35 16.02
N THR A 125 18.83 -10.62 16.09
CA THR A 125 17.96 -9.89 17.02
C THR A 125 17.74 -10.71 18.29
N THR A 126 18.11 -10.16 19.46
CA THR A 126 17.87 -10.87 20.70
C THR A 126 17.00 -10.02 21.61
N GLY A 127 16.71 -10.51 22.82
CA GLY A 127 15.82 -9.83 23.74
C GLY A 127 14.99 -10.96 24.32
N PRO A 128 14.34 -11.79 23.48
CA PRO A 128 13.56 -12.91 24.04
C PRO A 128 14.69 -13.85 24.48
N LEU A 129 14.79 -14.12 25.78
CA LEU A 129 15.88 -14.96 26.30
C LEU A 129 16.00 -16.37 25.71
N GLY A 130 17.25 -16.81 25.50
CA GLY A 130 17.48 -18.12 24.94
C GLY A 130 17.67 -18.16 23.43
N GLN A 131 17.11 -17.20 22.69
CA GLN A 131 17.24 -17.17 21.23
C GLN A 131 18.70 -17.02 20.82
N GLY A 132 19.37 -16.04 21.39
CA GLY A 132 20.78 -15.80 21.08
C GLY A 132 21.71 -16.98 21.04
N ILE A 133 21.78 -17.74 22.14
CA ILE A 133 22.64 -18.90 22.23
C ILE A 133 22.27 -19.94 21.15
N ALA A 134 20.97 -20.07 20.85
CA ALA A 134 20.51 -21.00 19.82
C ALA A 134 20.95 -20.51 18.44
N ASN A 135 20.88 -19.19 18.21
CA ASN A 135 21.31 -18.57 16.96
C ASN A 135 22.83 -18.85 16.77
N ALA A 136 23.61 -18.70 17.84
CA ALA A 136 25.06 -18.92 17.78
C ALA A 136 25.34 -20.34 17.33
N VAL A 137 24.53 -21.28 17.79
CA VAL A 137 24.71 -22.65 17.37
C VAL A 137 24.50 -22.74 15.84
N GLY A 138 23.54 -21.97 15.31
CA GLY A 138 23.30 -21.97 13.88
C GLY A 138 24.45 -21.31 13.12
N LEU A 139 25.00 -20.23 13.69
CA LEU A 139 26.11 -19.52 13.08
C LEU A 139 27.33 -20.44 13.01
N ALA A 140 27.62 -21.15 14.11
CA ALA A 140 28.75 -22.07 14.18
C ALA A 140 28.53 -23.27 13.24
N LEU A 141 27.27 -23.69 13.08
CA LEU A 141 26.97 -24.79 12.17
C LEU A 141 27.30 -24.34 10.75
N ALA A 142 26.86 -23.12 10.41
CA ALA A 142 27.13 -22.57 9.08
C ALA A 142 28.63 -22.56 8.76
N GLU A 143 29.43 -22.03 9.68
CA GLU A 143 30.89 -21.97 9.50
C GLU A 143 31.50 -23.36 9.32
N LYS A 144 31.12 -24.29 10.18
CA LYS A 144 31.66 -25.66 10.10
C LYS A 144 31.26 -26.31 8.77
N HIS A 145 30.01 -26.10 8.36
CA HIS A 145 29.51 -26.64 7.10
C HIS A 145 30.34 -26.08 5.95
N LEU A 146 30.42 -24.76 5.89
CA LEU A 146 31.16 -24.07 4.84
C LEU A 146 32.64 -24.50 4.83
N ALA A 147 33.28 -24.54 5.99
CA ALA A 147 34.69 -24.96 6.05
C ALA A 147 34.87 -26.38 5.52
N ALA A 148 34.01 -27.30 5.98
CA ALA A 148 34.09 -28.69 5.54
C ALA A 148 33.81 -28.83 4.04
N ARG A 149 32.93 -27.99 3.52
CA ARG A 149 32.53 -28.06 2.12
C ARG A 149 33.48 -27.37 1.13
N PHE A 150 34.10 -26.27 1.54
CA PHE A 150 34.96 -25.53 0.63
C PHE A 150 36.46 -25.48 0.94
N ASN A 151 36.85 -25.74 2.19
CA ASN A 151 38.26 -25.70 2.50
C ASN A 151 39.01 -26.81 1.81
N LYS A 152 40.22 -26.50 1.40
CA LYS A 152 41.09 -27.43 0.70
C LYS A 152 42.34 -27.63 1.56
N PRO A 153 43.13 -28.67 1.26
CA PRO A 153 44.36 -28.93 2.03
C PRO A 153 45.32 -27.73 2.03
N ASP A 154 45.45 -27.06 0.89
CA ASP A 154 46.33 -25.92 0.74
C ASP A 154 45.62 -24.56 0.83
N SER A 155 44.33 -24.57 1.15
CA SER A 155 43.58 -23.32 1.24
C SER A 155 42.40 -23.36 2.23
N GLU A 156 42.65 -22.84 3.41
CA GLU A 156 41.64 -22.78 4.44
C GLU A 156 40.96 -21.41 4.36
N ILE A 157 40.04 -21.20 3.40
CA ILE A 157 39.38 -19.91 3.27
C ILE A 157 38.31 -19.56 4.28
N VAL A 158 37.57 -20.54 4.80
CA VAL A 158 36.58 -20.20 5.82
C VAL A 158 37.10 -20.67 7.16
N ASP A 159 37.22 -19.72 8.09
CA ASP A 159 37.73 -20.00 9.41
C ASP A 159 37.41 -18.88 10.40
N HIS A 160 36.29 -18.99 11.11
CA HIS A 160 35.95 -17.98 12.11
C HIS A 160 35.27 -18.61 13.32
N TYR A 161 35.34 -17.91 14.44
CA TYR A 161 34.75 -18.38 15.69
C TYR A 161 33.42 -17.68 15.97
N THR A 162 32.61 -18.31 16.80
CA THR A 162 31.33 -17.74 17.18
C THR A 162 31.36 -17.55 18.68
N TYR A 163 31.30 -16.30 19.13
CA TYR A 163 31.33 -15.98 20.54
C TYR A 163 29.94 -15.55 21.00
N VAL A 164 29.52 -16.00 22.17
CA VAL A 164 28.23 -15.63 22.69
C VAL A 164 28.22 -15.45 24.19
N ILE A 165 27.59 -14.37 24.64
CA ILE A 165 27.46 -14.07 26.06
C ILE A 165 26.00 -14.32 26.45
N LEU A 166 25.80 -15.14 27.49
CA LEU A 166 24.46 -15.46 27.99
C LEU A 166 24.43 -15.40 29.51
N GLY A 167 23.23 -15.15 30.06
CA GLY A 167 23.06 -15.05 31.50
C GLY A 167 22.23 -16.16 32.10
N ASP A 168 21.74 -15.97 33.31
CA ASP A 168 20.96 -17.02 33.97
C ASP A 168 19.62 -17.26 33.28
N GLY A 169 19.01 -16.19 32.77
CA GLY A 169 17.74 -16.32 32.08
C GLY A 169 17.80 -17.27 30.89
N CYS A 170 18.84 -17.14 30.08
CA CYS A 170 19.01 -18.00 28.91
C CYS A 170 19.26 -19.44 29.35
N GLN A 171 20.00 -19.61 30.43
CA GLN A 171 20.30 -20.94 30.92
C GLN A 171 19.05 -21.66 31.41
N MET A 172 18.04 -20.93 31.85
CA MET A 172 16.85 -21.59 32.33
C MET A 172 15.88 -21.98 31.20
N GLU A 173 15.95 -21.28 30.06
CA GLU A 173 15.07 -21.56 28.93
C GLU A 173 15.33 -22.86 28.21
N GLY A 174 14.28 -23.64 28.04
CA GLY A 174 14.44 -24.91 27.33
C GLY A 174 15.06 -24.79 25.96
N ILE A 175 14.77 -23.71 25.23
CA ILE A 175 15.33 -23.58 23.89
C ILE A 175 16.85 -23.64 23.96
N ALA A 176 17.42 -23.10 25.03
CA ALA A 176 18.87 -23.11 25.19
C ALA A 176 19.40 -24.53 25.38
N ASN A 177 18.69 -25.34 26.15
CA ASN A 177 19.17 -26.70 26.36
C ASN A 177 19.01 -27.50 25.07
N GLU A 178 17.95 -27.23 24.29
CA GLU A 178 17.76 -27.94 23.02
C GLU A 178 18.96 -27.61 22.09
N ALA A 179 19.26 -26.33 21.92
CA ALA A 179 20.35 -25.93 21.05
C ALA A 179 21.71 -26.41 21.53
N CYS A 180 21.97 -26.32 22.83
CA CYS A 180 23.25 -26.76 23.36
C CYS A 180 23.46 -28.27 23.28
N SER A 181 22.36 -29.01 23.29
CA SER A 181 22.44 -30.46 23.18
C SER A 181 22.89 -30.77 21.74
N LEU A 182 22.33 -30.06 20.77
CA LEU A 182 22.68 -30.27 19.37
C LEU A 182 24.16 -29.84 19.12
N ALA A 183 24.57 -28.74 19.74
CA ALA A 183 25.93 -28.22 19.59
C ALA A 183 26.97 -29.22 20.09
N GLY A 184 26.68 -29.87 21.22
CA GLY A 184 27.57 -30.86 21.77
C GLY A 184 27.56 -32.07 20.86
N HIS A 185 26.39 -32.46 20.41
CA HIS A 185 26.29 -33.61 19.49
C HIS A 185 27.03 -33.38 18.18
N TRP A 186 27.06 -32.13 17.69
CA TRP A 186 27.72 -31.82 16.43
C TRP A 186 29.21 -31.44 16.52
N GLY A 187 29.75 -31.41 17.74
CA GLY A 187 31.16 -31.07 17.87
C GLY A 187 31.54 -29.70 17.34
N LEU A 188 30.76 -28.67 17.68
CA LEU A 188 31.02 -27.31 17.23
C LEU A 188 32.13 -26.67 18.08
N GLY A 189 33.35 -27.03 17.73
CA GLY A 189 34.53 -26.56 18.45
C GLY A 189 34.76 -25.07 18.45
N LYS A 190 34.30 -24.40 17.41
CA LYS A 190 34.52 -22.97 17.34
C LYS A 190 33.41 -22.16 18.00
N LEU A 191 32.46 -22.83 18.66
CA LEU A 191 31.41 -22.10 19.37
C LEU A 191 31.95 -21.92 20.80
N ILE A 192 32.09 -20.67 21.24
CA ILE A 192 32.59 -20.42 22.57
C ILE A 192 31.64 -19.50 23.30
N ALA A 193 31.00 -20.05 24.32
CA ALA A 193 30.01 -19.32 25.10
C ALA A 193 30.50 -18.86 26.46
N PHE A 194 30.16 -17.62 26.79
CA PHE A 194 30.54 -17.04 28.06
C PHE A 194 29.27 -16.95 28.89
N TYR A 195 29.26 -17.61 30.03
CA TYR A 195 28.08 -17.58 30.89
C TYR A 195 28.31 -16.62 32.06
N ASP A 196 27.56 -15.52 32.06
CA ASP A 196 27.69 -14.51 33.10
C ASP A 196 27.03 -14.99 34.37
N ASP A 197 27.82 -15.67 35.18
CA ASP A 197 27.39 -16.25 36.44
C ASP A 197 27.36 -15.21 37.57
N ASN A 198 26.28 -14.46 37.66
CA ASN A 198 26.20 -13.42 38.70
C ASN A 198 25.17 -13.66 39.80
N HIS A 199 24.51 -14.83 39.78
CA HIS A 199 23.55 -15.21 40.83
C HIS A 199 22.34 -14.28 41.04
N ILE A 200 22.03 -13.52 40.02
CA ILE A 200 20.91 -12.60 40.08
C ILE A 200 20.04 -12.71 38.84
N SER A 201 18.73 -12.66 39.02
CA SER A 201 17.82 -12.64 37.88
C SER A 201 16.83 -11.58 38.36
N ILE A 202 15.72 -11.38 37.66
CA ILE A 202 14.79 -10.34 38.10
C ILE A 202 14.11 -10.57 39.45
N ASP A 203 13.75 -11.81 39.75
CA ASP A 203 13.11 -12.09 41.04
C ASP A 203 14.11 -11.99 42.20
N GLY A 204 15.38 -11.76 41.87
CA GLY A 204 16.40 -11.65 42.90
C GLY A 204 17.46 -12.75 42.81
N ASP A 205 17.95 -13.19 43.96
CA ASP A 205 18.95 -14.24 44.02
C ASP A 205 18.43 -15.48 43.30
N THR A 206 19.30 -16.14 42.54
CA THR A 206 18.89 -17.32 41.78
C THR A 206 18.56 -18.55 42.64
N GLU A 207 18.99 -18.56 43.90
CA GLU A 207 18.73 -19.70 44.78
C GLU A 207 17.24 -19.89 44.94
N ILE A 208 16.47 -18.90 44.57
CA ILE A 208 15.01 -18.93 44.69
C ILE A 208 14.35 -19.91 43.69
N ALA A 209 14.97 -20.15 42.53
CA ALA A 209 14.36 -21.04 41.55
C ALA A 209 15.35 -21.74 40.60
N PHE A 210 16.63 -21.58 40.85
CA PHE A 210 17.64 -22.11 39.95
C PHE A 210 18.84 -22.59 40.74
N THR A 211 18.87 -23.87 41.08
CA THR A 211 19.99 -24.40 41.86
C THR A 211 20.70 -25.57 41.18
N GLU A 212 20.38 -25.82 39.92
CA GLU A 212 21.01 -26.91 39.19
C GLU A 212 22.51 -26.66 38.95
N ASP A 213 23.23 -27.72 38.66
CA ASP A 213 24.65 -27.62 38.38
C ASP A 213 24.79 -27.41 36.87
N VAL A 214 24.79 -26.15 36.46
CA VAL A 214 24.89 -25.83 35.04
C VAL A 214 26.10 -26.50 34.38
N SER A 215 27.29 -26.29 34.94
CA SER A 215 28.49 -26.89 34.37
C SER A 215 28.40 -28.37 34.14
N THR A 216 27.88 -29.12 35.11
CA THR A 216 27.76 -30.56 34.92
C THR A 216 26.74 -30.89 33.80
N ARG A 217 25.67 -30.10 33.70
CA ARG A 217 24.67 -30.34 32.63
C ARG A 217 25.34 -30.17 31.26
N PHE A 218 26.15 -29.13 31.12
CA PHE A 218 26.81 -28.90 29.86
C PHE A 218 27.78 -30.03 29.49
N GLU A 219 28.44 -30.58 30.50
CA GLU A 219 29.36 -31.68 30.24
C GLU A 219 28.57 -32.86 29.70
N ALA A 220 27.38 -33.07 30.27
CA ALA A 220 26.51 -34.17 29.86
C ALA A 220 26.09 -33.95 28.40
N LEU A 221 25.97 -32.68 28.01
CA LEU A 221 25.59 -32.33 26.64
C LEU A 221 26.78 -32.41 25.67
N GLY A 222 27.97 -32.74 26.18
CA GLY A 222 29.12 -32.86 25.31
C GLY A 222 30.01 -31.63 25.21
N TRP A 223 29.78 -30.64 26.08
CA TRP A 223 30.56 -29.42 26.07
C TRP A 223 31.83 -29.49 26.92
N HIS A 224 32.82 -28.70 26.52
CA HIS A 224 34.08 -28.57 27.25
C HIS A 224 33.71 -27.43 28.21
N THR A 225 34.13 -27.54 29.46
CA THR A 225 33.77 -26.54 30.46
C THR A 225 34.96 -25.92 31.18
N ILE A 226 34.86 -24.62 31.49
CA ILE A 226 35.91 -23.87 32.19
C ILE A 226 35.26 -22.89 33.12
N TRP A 227 35.86 -22.67 34.28
CA TRP A 227 35.31 -21.74 35.24
C TRP A 227 36.32 -20.66 35.67
N VAL A 228 35.99 -19.39 35.40
CA VAL A 228 36.81 -18.25 35.77
C VAL A 228 36.14 -17.68 37.00
N LYS A 229 36.74 -17.89 38.16
CA LYS A 229 36.12 -17.44 39.40
C LYS A 229 36.11 -15.94 39.65
N ASN A 230 37.10 -15.22 39.13
CA ASN A 230 37.13 -13.78 39.33
C ASN A 230 36.86 -13.02 38.04
N GLY A 231 35.59 -12.93 37.68
CA GLY A 231 35.21 -12.25 36.46
C GLY A 231 35.31 -10.73 36.52
N ASN A 232 35.36 -10.14 37.71
CA ASN A 232 35.45 -8.69 37.80
C ASN A 232 36.84 -8.11 37.53
N THR A 233 37.90 -8.77 38.01
CA THR A 233 39.24 -8.23 37.80
C THR A 233 40.24 -9.28 37.34
N GLY A 234 39.79 -10.50 37.08
CA GLY A 234 40.71 -11.54 36.63
C GLY A 234 40.92 -11.52 35.12
N TYR A 235 41.42 -10.40 34.60
CA TYR A 235 41.64 -10.26 33.16
C TYR A 235 42.49 -11.39 32.57
N ASP A 236 43.60 -11.74 33.20
CA ASP A 236 44.42 -12.81 32.67
C ASP A 236 43.73 -14.17 32.73
N ASP A 237 42.87 -14.36 33.74
CA ASP A 237 42.15 -15.63 33.85
C ASP A 237 41.22 -15.76 32.63
N ILE A 238 40.58 -14.66 32.25
CA ILE A 238 39.68 -14.60 31.10
C ILE A 238 40.46 -14.89 29.80
N ARG A 239 41.62 -14.24 29.64
CA ARG A 239 42.45 -14.46 28.47
C ARG A 239 42.86 -15.92 28.37
N ALA A 240 43.33 -16.48 29.48
CA ALA A 240 43.76 -17.86 29.54
C ALA A 240 42.61 -18.82 29.19
N ALA A 241 41.42 -18.52 29.71
CA ALA A 241 40.26 -19.37 29.46
C ALA A 241 39.95 -19.41 27.96
N ILE A 242 40.00 -18.25 27.32
CA ILE A 242 39.71 -18.19 25.88
C ILE A 242 40.77 -18.97 25.11
N LYS A 243 42.01 -18.84 25.53
CA LYS A 243 43.10 -19.55 24.88
C LYS A 243 42.86 -21.05 24.98
N GLU A 244 42.56 -21.56 26.18
CA GLU A 244 42.34 -22.99 26.34
C GLU A 244 41.11 -23.42 25.53
N ALA A 245 40.11 -22.55 25.47
CA ALA A 245 38.89 -22.85 24.71
C ALA A 245 39.17 -23.08 23.23
N LYS A 246 40.02 -22.25 22.62
CA LYS A 246 40.31 -22.45 21.20
C LYS A 246 41.19 -23.64 20.96
N ALA A 247 41.85 -24.12 22.01
CA ALA A 247 42.71 -25.30 21.93
C ALA A 247 41.86 -26.58 21.77
N VAL A 248 40.73 -26.63 22.46
CA VAL A 248 39.80 -27.76 22.40
C VAL A 248 39.00 -27.59 21.09
N THR A 249 39.38 -28.34 20.05
CA THR A 249 38.74 -28.20 18.76
C THR A 249 37.54 -29.08 18.45
N ASP A 250 37.31 -30.11 19.26
CA ASP A 250 36.21 -31.02 18.97
C ASP A 250 34.93 -30.83 19.81
N LYS A 251 34.93 -29.86 20.72
CA LYS A 251 33.74 -29.64 21.54
C LYS A 251 33.50 -28.17 21.78
N PRO A 252 32.22 -27.76 21.83
CA PRO A 252 31.93 -26.35 22.09
C PRO A 252 32.37 -26.12 23.52
N THR A 253 32.77 -24.90 23.85
CA THR A 253 33.22 -24.58 25.19
C THR A 253 32.33 -23.59 25.95
N LEU A 254 32.01 -23.94 27.19
CA LEU A 254 31.22 -23.06 28.05
C LEU A 254 32.19 -22.45 29.07
N ILE A 255 32.35 -21.13 29.05
CA ILE A 255 33.22 -20.50 30.04
C ILE A 255 32.33 -19.78 31.03
N LYS A 256 32.26 -20.32 32.24
CA LYS A 256 31.44 -19.74 33.31
C LYS A 256 32.28 -18.62 33.92
N VAL A 257 31.80 -17.40 33.82
CA VAL A 257 32.53 -16.28 34.37
C VAL A 257 31.72 -15.67 35.51
N THR A 258 32.21 -15.83 36.74
CA THR A 258 31.52 -15.32 37.91
C THR A 258 31.81 -13.83 38.04
N THR A 259 30.77 -13.02 38.00
CA THR A 259 30.92 -11.57 38.11
C THR A 259 29.88 -11.04 39.07
N THR A 260 29.96 -9.76 39.41
CA THR A 260 28.93 -9.22 40.27
C THR A 260 28.23 -8.16 39.44
N ILE A 261 26.91 -8.30 39.34
CA ILE A 261 26.09 -7.40 38.56
C ILE A 261 26.17 -5.99 39.17
N GLY A 262 26.23 -4.97 38.30
CA GLY A 262 26.35 -3.62 38.79
C GLY A 262 27.70 -3.32 39.45
N PHE A 263 28.72 -4.11 39.13
CA PHE A 263 30.07 -3.91 39.70
C PHE A 263 30.54 -2.45 39.61
N GLY A 264 30.95 -1.90 40.76
CA GLY A 264 31.39 -0.52 40.79
C GLY A 264 30.40 0.41 41.49
N SER A 265 29.14 -0.01 41.54
CA SER A 265 28.11 0.77 42.20
C SER A 265 28.19 0.43 43.68
N PRO A 266 28.63 1.39 44.50
CA PRO A 266 28.73 1.13 45.95
C PRO A 266 27.46 0.63 46.65
N ASN A 267 26.30 1.13 46.24
CA ASN A 267 25.08 0.71 46.89
C ASN A 267 24.10 -0.17 46.14
N LYS A 268 24.34 -0.44 44.85
CA LYS A 268 23.41 -1.25 44.11
C LYS A 268 24.00 -2.51 43.50
N ALA A 269 25.31 -2.66 43.62
CA ALA A 269 25.96 -3.84 43.08
C ALA A 269 25.34 -5.05 43.75
N ASN A 270 25.42 -6.19 43.07
CA ASN A 270 24.91 -7.44 43.60
C ASN A 270 23.46 -7.43 44.06
N SER A 271 22.63 -6.58 43.50
CA SER A 271 21.22 -6.56 43.89
C SER A 271 20.35 -6.49 42.64
N TYR A 272 19.10 -6.93 42.75
CA TYR A 272 18.19 -6.95 41.60
C TYR A 272 17.80 -5.54 41.16
N SER A 273 18.05 -4.57 42.03
CA SER A 273 17.72 -3.18 41.74
C SER A 273 18.55 -2.64 40.57
N VAL A 274 19.74 -3.18 40.34
CA VAL A 274 20.59 -2.68 39.27
C VAL A 274 20.42 -3.43 37.94
N HIS A 275 19.60 -4.47 37.94
CA HIS A 275 19.37 -5.23 36.73
C HIS A 275 18.75 -4.40 35.60
N GLY A 276 17.65 -3.72 35.88
CA GLY A 276 16.99 -2.98 34.82
C GLY A 276 16.34 -1.64 35.06
N SER A 277 17.08 -0.69 35.64
CA SER A 277 16.56 0.65 35.83
C SER A 277 17.76 1.52 36.03
N ALA A 278 17.61 2.80 35.71
CA ALA A 278 18.71 3.76 35.87
C ALA A 278 19.18 3.80 37.33
N LEU A 279 20.50 3.96 37.51
CA LEU A 279 21.07 4.04 38.86
C LEU A 279 20.48 5.22 39.62
N GLY A 280 20.32 6.35 38.94
CA GLY A 280 19.81 7.56 39.58
C GLY A 280 20.96 8.55 39.77
N ALA A 281 20.66 9.85 39.80
CA ALA A 281 21.68 10.89 39.95
C ALA A 281 22.64 10.66 41.12
N LYS A 282 22.10 10.44 42.31
CA LYS A 282 22.91 10.23 43.50
C LYS A 282 23.87 9.03 43.40
N GLU A 283 23.36 7.89 42.95
CA GLU A 283 24.18 6.67 42.83
C GLU A 283 25.19 6.76 41.67
N VAL A 284 24.87 7.56 40.65
CA VAL A 284 25.78 7.73 39.53
C VAL A 284 27.00 8.49 40.02
N GLU A 285 26.76 9.51 40.85
CA GLU A 285 27.83 10.33 41.43
C GLU A 285 28.66 9.42 42.36
N ALA A 286 27.97 8.62 43.18
CA ALA A 286 28.64 7.71 44.10
C ALA A 286 29.46 6.65 43.36
N THR A 287 28.96 6.22 42.20
CA THR A 287 29.68 5.22 41.41
C THR A 287 30.91 5.83 40.74
N ARG A 288 30.79 7.09 40.32
CA ARG A 288 31.92 7.78 39.70
C ARG A 288 33.04 8.00 40.72
N GLN A 289 32.69 8.30 41.96
CA GLN A 289 33.71 8.49 42.98
C GLN A 289 34.35 7.15 43.30
N ASN A 290 33.53 6.10 43.41
CA ASN A 290 34.03 4.77 43.74
C ASN A 290 35.02 4.20 42.72
N LEU A 291 34.74 4.41 41.44
CA LEU A 291 35.65 3.93 40.39
C LEU A 291 36.71 4.95 40.05
N GLY A 292 36.59 6.14 40.60
CA GLY A 292 37.56 7.18 40.32
C GLY A 292 37.40 7.66 38.90
N TRP A 293 36.16 7.96 38.53
CA TRP A 293 35.86 8.43 37.19
C TRP A 293 35.51 9.91 37.23
N PRO A 294 36.52 10.76 37.13
CA PRO A 294 36.29 12.21 37.18
C PRO A 294 35.53 12.66 35.92
N TYR A 295 35.92 12.09 34.80
CA TYR A 295 35.33 12.41 33.51
C TYR A 295 33.82 12.58 33.60
N ASP A 296 33.26 13.35 32.68
CA ASP A 296 31.82 13.58 32.69
C ASP A 296 31.08 12.82 31.60
N THR A 297 29.78 13.07 31.56
CA THR A 297 28.83 12.44 30.66
C THR A 297 29.24 12.07 29.23
N PHE A 298 29.19 10.77 28.94
CA PHE A 298 29.53 10.19 27.62
C PHE A 298 30.93 10.54 27.18
N PHE A 299 31.88 10.47 28.10
CA PHE A 299 33.24 10.82 27.76
C PHE A 299 34.16 9.62 27.52
N VAL A 300 34.96 9.72 26.46
CA VAL A 300 35.90 8.66 26.18
C VAL A 300 37.29 9.30 26.30
N PRO A 301 38.08 8.90 27.31
CA PRO A 301 39.42 9.45 27.50
C PRO A 301 40.23 9.34 26.20
N GLU A 302 41.02 10.36 25.90
CA GLU A 302 41.81 10.36 24.69
C GLU A 302 42.74 9.17 24.56
N ASP A 303 43.38 8.74 25.65
CA ASP A 303 44.28 7.60 25.54
C ASP A 303 43.56 6.29 25.22
N VAL A 304 42.33 6.18 25.71
CA VAL A 304 41.50 4.98 25.48
C VAL A 304 41.04 5.00 24.04
N LYS A 305 40.68 6.18 23.57
CA LYS A 305 40.20 6.35 22.21
C LYS A 305 41.33 6.04 21.24
N SER A 306 42.53 6.50 21.61
CA SER A 306 43.72 6.29 20.79
C SER A 306 44.04 4.80 20.71
N HIS A 307 44.00 4.11 21.85
CA HIS A 307 44.27 2.68 21.90
C HIS A 307 43.31 1.91 20.98
N TRP A 308 42.02 2.18 21.09
CA TRP A 308 41.02 1.50 20.28
C TRP A 308 41.06 1.82 18.78
N SER A 309 41.59 3.00 18.42
CA SER A 309 41.61 3.38 17.01
C SER A 309 42.43 2.48 16.11
N ARG A 310 43.30 1.65 16.69
CA ARG A 310 44.12 0.79 15.85
C ARG A 310 43.26 -0.27 15.13
N HIS A 311 42.06 -0.52 15.65
CA HIS A 311 41.22 -1.55 15.05
C HIS A 311 40.80 -1.26 13.62
N THR A 312 40.82 0.02 13.24
CA THR A 312 40.47 0.40 11.89
C THR A 312 41.56 -0.07 10.91
N PRO A 313 42.83 0.34 11.11
CA PRO A 313 43.84 -0.15 10.16
C PRO A 313 44.09 -1.65 10.28
N GLU A 314 44.08 -2.19 11.50
CA GLU A 314 44.30 -3.62 11.67
C GLU A 314 43.14 -4.42 11.09
N GLY A 315 41.94 -3.86 11.19
CA GLY A 315 40.78 -4.53 10.65
C GLY A 315 40.88 -4.57 9.14
N ALA A 316 41.31 -3.46 8.55
CA ALA A 316 41.44 -3.38 7.09
C ALA A 316 42.49 -4.38 6.63
N ALA A 317 43.55 -4.55 7.39
CA ALA A 317 44.59 -5.50 7.02
C ALA A 317 44.14 -6.97 7.15
N LEU A 318 43.31 -7.28 8.14
CA LEU A 318 42.85 -8.66 8.32
C LEU A 318 42.01 -9.03 7.10
N GLU A 319 41.15 -8.11 6.68
CA GLU A 319 40.32 -8.38 5.53
C GLU A 319 41.15 -8.44 4.24
N ALA A 320 42.17 -7.59 4.11
CA ALA A 320 43.01 -7.60 2.89
C ALA A 320 43.70 -8.95 2.77
N ASP A 321 44.18 -9.45 3.90
CA ASP A 321 44.83 -10.74 4.01
C ASP A 321 43.88 -11.86 3.55
N TRP A 322 42.64 -11.79 4.03
CA TRP A 322 41.67 -12.79 3.65
C TRP A 322 41.33 -12.68 2.16
N ASN A 323 41.21 -11.46 1.66
CA ASN A 323 40.90 -11.24 0.25
C ASN A 323 41.99 -11.86 -0.64
N ALA A 324 43.24 -11.66 -0.25
CA ALA A 324 44.34 -12.20 -1.03
C ALA A 324 44.17 -13.72 -1.11
N LYS A 325 43.90 -14.30 0.04
CA LYS A 325 43.69 -15.73 0.17
C LYS A 325 42.56 -16.26 -0.69
N PHE A 326 41.46 -15.50 -0.77
CA PHE A 326 40.31 -15.90 -1.57
C PHE A 326 40.65 -15.80 -3.06
N ALA A 327 41.40 -14.78 -3.45
CA ALA A 327 41.77 -14.58 -4.86
C ALA A 327 42.58 -15.79 -5.33
N GLU A 328 43.48 -16.25 -4.48
CA GLU A 328 44.30 -17.39 -4.83
C GLU A 328 43.46 -18.67 -4.85
N TYR A 329 42.43 -18.70 -4.03
CA TYR A 329 41.53 -19.83 -3.97
C TYR A 329 40.70 -19.85 -5.25
N GLU A 330 40.21 -18.68 -5.66
CA GLU A 330 39.40 -18.55 -6.86
C GLU A 330 40.12 -19.03 -8.13
N LYS A 331 41.44 -18.82 -8.22
CA LYS A 331 42.15 -19.24 -9.43
C LYS A 331 42.51 -20.72 -9.46
N LYS A 332 42.61 -21.35 -8.29
CA LYS A 332 42.90 -22.78 -8.28
C LYS A 332 41.61 -23.60 -8.37
N TYR A 333 40.61 -23.23 -7.56
CA TYR A 333 39.35 -23.95 -7.52
C TYR A 333 38.20 -23.09 -8.00
N ALA A 334 38.25 -22.69 -9.26
CA ALA A 334 37.25 -21.84 -9.85
C ALA A 334 35.80 -22.23 -9.58
N ASP A 335 35.47 -23.52 -9.71
CA ASP A 335 34.09 -23.95 -9.54
C ASP A 335 33.63 -23.82 -8.11
N ASP A 336 34.44 -24.30 -7.18
CA ASP A 336 34.08 -24.20 -5.78
C ASP A 336 33.94 -22.73 -5.38
N ALA A 337 34.83 -21.90 -5.91
CA ALA A 337 34.83 -20.48 -5.62
C ALA A 337 33.54 -19.83 -6.12
N ALA A 338 33.11 -20.23 -7.31
CA ALA A 338 31.88 -19.67 -7.89
C ALA A 338 30.68 -20.01 -7.02
N THR A 339 30.66 -21.22 -6.49
CA THR A 339 29.57 -21.67 -5.65
C THR A 339 29.58 -20.95 -4.31
N LEU A 340 30.77 -20.83 -3.73
CA LEU A 340 30.92 -20.15 -2.43
C LEU A 340 30.53 -18.67 -2.55
N LYS A 341 30.85 -18.06 -3.69
CA LYS A 341 30.51 -16.66 -3.92
C LYS A 341 29.00 -16.45 -3.87
N SER A 342 28.24 -17.44 -4.31
CA SER A 342 26.78 -17.35 -4.32
C SER A 342 26.25 -17.24 -2.89
N ILE A 343 26.87 -17.99 -1.99
CA ILE A 343 26.46 -18.01 -0.59
C ILE A 343 26.90 -16.72 0.08
N ILE A 344 28.04 -16.20 -0.35
CA ILE A 344 28.57 -14.97 0.22
C ILE A 344 27.87 -13.70 -0.24
N THR A 345 27.48 -13.62 -1.51
CA THR A 345 26.83 -12.42 -2.04
C THR A 345 25.32 -12.42 -1.99
N GLY A 346 24.72 -13.60 -1.99
CA GLY A 346 23.28 -13.69 -1.97
C GLY A 346 22.70 -13.75 -3.36
N GLU A 347 23.56 -13.67 -4.36
CA GLU A 347 23.10 -13.73 -5.75
C GLU A 347 22.82 -15.19 -6.13
N LEU A 348 21.54 -15.48 -6.38
CA LEU A 348 21.16 -16.83 -6.77
C LEU A 348 21.47 -17.08 -8.24
N PRO A 349 21.92 -18.31 -8.57
CA PRO A 349 22.27 -18.74 -9.94
C PRO A 349 21.20 -18.44 -10.97
N THR A 350 21.61 -18.05 -12.17
CA THR A 350 20.68 -17.73 -13.22
C THR A 350 19.86 -18.93 -13.66
N GLY A 351 18.55 -18.75 -13.76
CA GLY A 351 17.70 -19.85 -14.18
C GLY A 351 17.33 -20.88 -13.11
N TRP A 352 17.46 -20.53 -11.84
CA TRP A 352 17.10 -21.50 -10.81
C TRP A 352 15.60 -21.77 -10.88
N VAL A 353 14.83 -20.75 -11.24
CA VAL A 353 13.38 -20.90 -11.33
C VAL A 353 12.96 -21.98 -12.32
N ASP A 354 13.78 -22.20 -13.35
CA ASP A 354 13.44 -23.20 -14.35
C ASP A 354 13.53 -24.62 -13.83
N ALA A 355 14.15 -24.80 -12.67
CA ALA A 355 14.28 -26.14 -12.12
C ALA A 355 13.02 -26.61 -11.42
N LEU A 356 12.10 -25.69 -11.18
CA LEU A 356 10.86 -26.07 -10.51
C LEU A 356 9.93 -26.89 -11.38
N PRO A 357 9.33 -27.96 -10.81
CA PRO A 357 8.40 -28.87 -11.49
C PRO A 357 7.16 -28.12 -11.98
N LYS A 358 6.50 -28.66 -13.00
CA LYS A 358 5.29 -28.06 -13.53
C LYS A 358 4.33 -29.23 -13.65
N TYR A 359 3.03 -28.97 -13.47
CA TYR A 359 2.06 -30.04 -13.55
C TYR A 359 0.82 -29.67 -14.37
N THR A 360 0.04 -30.69 -14.71
CA THR A 360 -1.20 -30.49 -15.47
C THR A 360 -2.23 -31.35 -14.79
N PRO A 361 -3.52 -31.04 -14.97
CA PRO A 361 -4.54 -31.87 -14.31
C PRO A 361 -4.50 -33.36 -14.66
N GLU A 362 -3.62 -33.73 -15.59
CA GLU A 362 -3.49 -35.14 -15.99
C GLU A 362 -2.41 -35.84 -15.18
N SER A 363 -1.60 -35.07 -14.46
CA SER A 363 -0.56 -35.64 -13.62
C SER A 363 -1.27 -36.34 -12.47
N PRO A 364 -0.72 -37.45 -12.00
CA PRO A 364 -1.37 -38.16 -10.89
C PRO A 364 -1.44 -37.27 -9.65
N GLY A 365 -2.52 -37.40 -8.89
CA GLY A 365 -2.66 -36.61 -7.68
C GLY A 365 -1.63 -37.00 -6.63
N ASP A 366 -1.35 -36.09 -5.72
CA ASP A 366 -0.38 -36.36 -4.67
C ASP A 366 -0.56 -35.38 -3.53
N ALA A 367 -0.06 -35.73 -2.34
CA ALA A 367 -0.18 -34.82 -1.18
C ALA A 367 0.80 -33.68 -1.44
N THR A 368 0.45 -32.46 -1.04
CA THR A 368 1.35 -31.34 -1.25
C THR A 368 2.65 -31.55 -0.48
N ARG A 369 2.63 -32.38 0.55
CA ARG A 369 3.87 -32.64 1.26
C ARG A 369 4.86 -33.39 0.36
N ASN A 370 4.36 -34.29 -0.49
CA ASN A 370 5.22 -35.04 -1.41
C ASN A 370 5.67 -34.13 -2.56
N LEU A 371 4.78 -33.29 -3.05
CA LEU A 371 5.14 -32.35 -4.11
C LEU A 371 6.21 -31.38 -3.58
N SER A 372 6.13 -31.07 -2.28
CA SER A 372 7.10 -30.19 -1.65
C SER A 372 8.47 -30.82 -1.73
N GLN A 373 8.53 -32.13 -1.49
CA GLN A 373 9.80 -32.82 -1.54
C GLN A 373 10.39 -32.76 -2.95
N GLN A 374 9.54 -32.83 -3.97
CA GLN A 374 10.04 -32.77 -5.34
C GLN A 374 10.68 -31.40 -5.58
N CYS A 375 10.00 -30.35 -5.13
CA CYS A 375 10.51 -29.00 -5.28
C CYS A 375 11.84 -28.83 -4.49
N LEU A 376 11.90 -29.38 -3.28
CA LEU A 376 13.12 -29.26 -2.48
C LEU A 376 14.31 -29.93 -3.17
N ASN A 377 14.08 -31.12 -3.72
CA ASN A 377 15.17 -31.81 -4.40
C ASN A 377 15.51 -31.13 -5.73
N ALA A 378 14.53 -30.50 -6.37
CA ALA A 378 14.84 -29.81 -7.61
C ALA A 378 15.72 -28.62 -7.27
N LEU A 379 15.30 -27.82 -6.31
CA LEU A 379 16.07 -26.65 -5.90
C LEU A 379 17.48 -26.93 -5.39
N ALA A 380 17.67 -28.05 -4.70
CA ALA A 380 18.98 -28.38 -4.12
C ALA A 380 20.09 -28.40 -5.15
N ASN A 381 19.74 -28.63 -6.40
CA ASN A 381 20.73 -28.66 -7.47
C ASN A 381 21.16 -27.26 -7.92
N VAL A 382 20.22 -26.33 -7.96
CA VAL A 382 20.50 -24.95 -8.41
C VAL A 382 20.78 -23.89 -7.35
N VAL A 383 20.41 -24.14 -6.10
CA VAL A 383 20.65 -23.16 -5.06
C VAL A 383 21.60 -23.78 -4.06
N PRO A 384 22.89 -23.40 -4.14
CA PRO A 384 23.94 -23.92 -3.26
C PRO A 384 23.77 -23.72 -1.77
N GLY A 385 22.99 -22.70 -1.39
CA GLY A 385 22.76 -22.44 0.03
C GLY A 385 21.55 -23.12 0.66
N LEU A 386 20.85 -23.96 -0.09
CA LEU A 386 19.70 -24.64 0.47
C LEU A 386 20.22 -25.66 1.46
N ILE A 387 19.74 -25.59 2.69
CA ILE A 387 20.18 -26.51 3.72
C ILE A 387 19.10 -26.55 4.80
N GLY A 388 18.87 -27.72 5.38
CA GLY A 388 17.86 -27.82 6.41
C GLY A 388 17.36 -29.21 6.71
N GLY A 389 16.28 -29.28 7.45
CA GLY A 389 15.74 -30.59 7.78
C GLY A 389 14.53 -30.55 8.69
N SER A 390 14.17 -31.73 9.18
CA SER A 390 13.01 -31.90 10.02
C SER A 390 13.37 -32.24 11.47
N ALA A 391 12.47 -31.93 12.38
CA ALA A 391 12.66 -32.24 13.79
C ALA A 391 12.10 -33.67 14.04
N ASP A 392 12.90 -34.68 13.67
CA ASP A 392 12.54 -36.10 13.83
C ASP A 392 11.32 -36.56 13.03
N LEU A 393 10.96 -35.85 11.97
CA LEU A 393 9.79 -36.22 11.17
C LEU A 393 10.09 -36.25 9.67
N ALA A 394 11.33 -36.58 9.31
CA ALA A 394 11.77 -36.61 7.91
C ALA A 394 10.94 -37.49 6.98
N SER A 395 10.40 -38.57 7.51
CA SER A 395 9.61 -39.51 6.73
C SER A 395 8.15 -39.12 6.61
N SER A 396 7.72 -38.12 7.37
CA SER A 396 6.36 -37.63 7.33
C SER A 396 6.33 -36.25 6.68
N ASN A 397 7.32 -35.43 7.01
CA ASN A 397 7.42 -34.10 6.45
C ASN A 397 7.88 -34.17 4.98
N MET A 398 8.65 -35.21 4.66
CA MET A 398 9.18 -35.43 3.31
C MET A 398 10.18 -34.33 3.00
N THR A 399 11.18 -34.20 3.85
CA THR A 399 12.16 -33.16 3.72
C THR A 399 13.58 -33.57 3.34
N LEU A 400 13.83 -34.86 3.10
CA LEU A 400 15.18 -35.26 2.76
C LEU A 400 15.62 -34.91 1.35
N LEU A 401 16.84 -34.39 1.24
CA LEU A 401 17.43 -34.08 -0.05
C LEU A 401 18.08 -35.42 -0.39
N LYS A 402 17.46 -36.15 -1.31
CA LYS A 402 17.94 -37.48 -1.70
C LYS A 402 19.40 -37.63 -2.11
N MET A 403 20.00 -36.59 -2.68
CA MET A 403 21.39 -36.67 -3.14
C MET A 403 22.47 -36.35 -2.11
N PHE A 404 22.08 -36.14 -0.86
CA PHE A 404 23.06 -35.84 0.19
C PHE A 404 22.87 -36.73 1.42
N GLY A 405 23.89 -36.75 2.28
CA GLY A 405 23.82 -37.51 3.51
C GLY A 405 23.44 -36.54 4.62
N ASP A 406 23.74 -36.92 5.86
CA ASP A 406 23.42 -36.10 7.03
C ASP A 406 24.55 -35.24 7.56
N PHE A 407 24.21 -34.04 8.01
CA PHE A 407 25.21 -33.18 8.61
C PHE A 407 25.50 -33.82 9.97
N GLN A 408 26.79 -34.03 10.26
CA GLN A 408 27.25 -34.61 11.53
C GLN A 408 28.66 -34.07 11.77
N LYS A 409 29.21 -34.30 12.96
CA LYS A 409 30.55 -33.77 13.21
C LYS A 409 31.62 -34.22 12.22
N ASP A 410 31.46 -35.40 11.65
CA ASP A 410 32.42 -35.96 10.69
C ASP A 410 32.03 -35.74 9.24
N THR A 411 30.80 -35.31 9.02
CA THR A 411 30.33 -35.09 7.67
C THR A 411 29.61 -33.74 7.59
N ALA A 412 30.26 -32.71 8.14
CA ALA A 412 29.69 -31.38 8.16
C ALA A 412 29.39 -30.80 6.80
N GLU A 413 29.90 -31.43 5.74
CA GLU A 413 29.66 -30.89 4.40
C GLU A 413 28.33 -31.32 3.84
N GLU A 414 27.67 -32.26 4.51
CA GLU A 414 26.36 -32.75 4.08
C GLU A 414 25.26 -31.71 4.30
N ARG A 415 24.16 -31.79 3.55
CA ARG A 415 23.10 -30.80 3.65
C ARG A 415 21.77 -31.16 4.28
N ASN A 416 21.63 -32.39 4.77
CA ASN A 416 20.40 -32.78 5.45
C ASN A 416 20.71 -32.62 6.94
N VAL A 417 19.96 -31.77 7.63
CA VAL A 417 20.18 -31.55 9.06
C VAL A 417 19.05 -32.19 9.87
N ARG A 418 19.44 -33.09 10.77
CA ARG A 418 18.49 -33.81 11.63
C ARG A 418 18.44 -33.13 12.99
N PHE A 419 17.34 -32.44 13.26
CA PHE A 419 17.23 -31.70 14.51
C PHE A 419 16.78 -32.43 15.74
N GLY A 420 16.19 -33.61 15.58
CA GLY A 420 15.68 -34.35 16.73
C GLY A 420 14.37 -33.69 17.10
N VAL A 421 13.82 -34.01 18.27
CA VAL A 421 12.55 -33.42 18.65
C VAL A 421 12.80 -32.13 19.44
N ARG A 422 13.28 -31.13 18.71
CA ARG A 422 13.61 -29.82 19.27
C ARG A 422 13.12 -28.72 18.34
N GLU A 423 11.81 -28.57 18.22
CA GLU A 423 11.29 -27.56 17.32
C GLU A 423 11.78 -26.13 17.56
N HIS A 424 11.65 -25.62 18.79
CA HIS A 424 12.06 -24.27 19.11
C HIS A 424 13.54 -24.05 18.81
N GLY A 425 14.40 -24.95 19.28
CA GLY A 425 15.82 -24.80 19.01
C GLY A 425 16.09 -24.83 17.51
N MET A 426 15.34 -25.67 16.82
CA MET A 426 15.48 -25.79 15.37
C MET A 426 15.24 -24.44 14.71
N GLY A 427 14.15 -23.78 15.09
CA GLY A 427 13.84 -22.49 14.50
C GLY A 427 14.93 -21.45 14.71
N ALA A 428 15.43 -21.33 15.95
CA ALA A 428 16.46 -20.34 16.22
C ALA A 428 17.78 -20.66 15.52
N ILE A 429 18.11 -21.94 15.39
CA ILE A 429 19.34 -22.33 14.71
C ILE A 429 19.22 -21.89 13.24
N CYS A 430 18.04 -22.08 12.63
CA CYS A 430 17.84 -21.66 11.25
C CYS A 430 17.93 -20.16 11.10
N ASN A 431 17.49 -19.43 12.11
CA ASN A 431 17.61 -17.98 12.03
C ASN A 431 19.11 -17.67 12.00
N GLY A 432 19.88 -18.44 12.75
CA GLY A 432 21.32 -18.22 12.77
C GLY A 432 21.94 -18.49 11.40
N ILE A 433 21.53 -19.57 10.76
CA ILE A 433 22.04 -19.91 9.44
C ILE A 433 21.66 -18.84 8.42
N ALA A 434 20.41 -18.41 8.45
CA ALA A 434 19.92 -17.39 7.53
C ALA A 434 20.68 -16.09 7.65
N LEU A 435 21.04 -15.72 8.89
CA LEU A 435 21.75 -14.45 9.10
C LEU A 435 23.26 -14.56 9.07
N HIS A 436 23.77 -15.75 8.74
CA HIS A 436 25.21 -15.90 8.65
C HIS A 436 25.73 -15.28 7.34
N SER A 437 25.05 -15.59 6.24
CA SER A 437 25.42 -15.10 4.91
C SER A 437 24.14 -15.02 4.10
N PRO A 438 23.97 -13.96 3.30
CA PRO A 438 22.76 -13.78 2.49
C PRO A 438 22.41 -14.88 1.50
N GLY A 439 23.37 -15.73 1.16
CA GLY A 439 23.11 -16.81 0.22
C GLY A 439 22.52 -18.09 0.80
N PHE A 440 22.44 -18.18 2.13
CA PHE A 440 21.86 -19.35 2.76
C PHE A 440 20.35 -19.29 2.63
N VAL A 441 19.74 -20.44 2.39
CA VAL A 441 18.30 -20.54 2.28
C VAL A 441 17.96 -21.73 3.16
N PRO A 442 17.83 -21.49 4.47
CA PRO A 442 17.51 -22.60 5.37
C PRO A 442 16.03 -22.93 5.44
N TYR A 443 15.72 -24.20 5.64
CA TYR A 443 14.36 -24.62 5.76
C TYR A 443 14.30 -25.66 6.88
N CYS A 444 13.21 -25.65 7.65
CA CYS A 444 13.06 -26.58 8.74
C CYS A 444 11.60 -27.03 8.76
N ALA A 445 11.35 -28.20 9.35
CA ALA A 445 10.01 -28.75 9.31
C ALA A 445 9.57 -29.56 10.51
N THR A 446 8.25 -29.60 10.65
CA THR A 446 7.58 -30.35 11.68
C THR A 446 6.09 -30.35 11.33
N PHE A 447 5.25 -30.90 12.19
CA PHE A 447 3.80 -30.87 11.92
C PHE A 447 3.36 -29.42 12.17
N PHE A 448 2.51 -28.90 11.29
CA PHE A 448 2.02 -27.52 11.40
C PHE A 448 1.56 -27.19 12.82
N VAL A 449 0.86 -28.13 13.45
CA VAL A 449 0.37 -27.85 14.80
C VAL A 449 1.49 -27.55 15.80
N PHE A 450 2.70 -28.03 15.55
CA PHE A 450 3.78 -27.79 16.49
C PHE A 450 4.59 -26.53 16.30
N THR A 451 4.08 -25.64 15.45
CA THR A 451 4.71 -24.36 15.30
C THR A 451 4.55 -23.68 16.66
N ASP A 452 3.54 -24.09 17.43
CA ASP A 452 3.29 -23.51 18.76
C ASP A 452 4.51 -23.65 19.64
N TYR A 453 5.20 -24.79 19.54
CA TYR A 453 6.40 -25.01 20.34
C TYR A 453 7.52 -24.06 19.96
N MET A 454 7.56 -23.66 18.69
CA MET A 454 8.65 -22.84 18.20
C MET A 454 8.24 -21.45 17.76
N ARG A 455 7.05 -21.02 18.16
CA ARG A 455 6.53 -19.73 17.75
C ARG A 455 7.42 -18.55 18.15
N GLY A 456 8.19 -18.70 19.23
CA GLY A 456 9.06 -17.62 19.66
C GLY A 456 10.13 -17.31 18.62
N ALA A 457 10.79 -18.35 18.11
CA ALA A 457 11.81 -18.19 17.09
C ALA A 457 11.19 -17.75 15.76
N MET A 458 9.98 -18.22 15.46
CA MET A 458 9.30 -17.83 14.22
C MET A 458 8.97 -16.34 14.19
N ARG A 459 8.46 -15.82 15.30
CA ARG A 459 8.17 -14.39 15.36
C ARG A 459 9.47 -13.60 15.15
N ILE A 460 10.59 -14.10 15.67
CA ILE A 460 11.87 -13.40 15.50
C ILE A 460 12.29 -13.42 14.03
N SER A 461 11.96 -14.50 13.32
CA SER A 461 12.29 -14.60 11.90
C SER A 461 11.67 -13.42 11.17
N ALA A 462 10.39 -13.19 11.47
CA ALA A 462 9.62 -12.13 10.85
C ALA A 462 10.16 -10.76 11.22
N LEU A 463 10.39 -10.54 12.51
CA LEU A 463 10.93 -9.27 12.95
C LEU A 463 12.38 -9.01 12.51
N SER A 464 13.24 -10.04 12.49
CA SER A 464 14.62 -9.81 12.09
C SER A 464 14.90 -9.92 10.57
N GLU A 465 13.84 -10.17 9.81
CA GLU A 465 13.91 -10.27 8.35
C GLU A 465 14.83 -11.41 7.91
N ALA A 466 14.62 -12.58 8.52
CA ALA A 466 15.38 -13.78 8.20
C ALA A 466 14.54 -14.65 7.26
N GLY A 467 15.03 -14.86 6.05
CA GLY A 467 14.29 -15.66 5.09
C GLY A 467 14.29 -17.15 5.29
N VAL A 468 13.80 -17.60 6.45
CA VAL A 468 13.74 -19.02 6.73
C VAL A 468 12.50 -19.58 6.04
N ILE A 469 12.58 -20.78 5.51
CA ILE A 469 11.40 -21.37 4.89
C ILE A 469 10.94 -22.47 5.83
N TYR A 470 9.74 -22.29 6.39
CA TYR A 470 9.12 -23.25 7.32
C TYR A 470 8.17 -24.19 6.57
N VAL A 471 8.56 -25.46 6.52
CA VAL A 471 7.80 -26.51 5.84
C VAL A 471 6.94 -27.25 6.86
N MET A 472 5.66 -26.90 6.89
CA MET A 472 4.73 -27.45 7.86
C MET A 472 3.65 -28.40 7.28
N THR A 473 3.78 -29.69 7.56
CA THR A 473 2.83 -30.65 7.01
C THR A 473 1.72 -31.08 7.94
N HIS A 474 0.75 -31.83 7.41
CA HIS A 474 -0.37 -32.31 8.21
C HIS A 474 -1.10 -31.10 8.74
N ASP A 475 -1.37 -30.18 7.83
CA ASP A 475 -2.01 -28.91 8.11
C ASP A 475 -3.46 -28.85 8.55
N SER A 476 -4.16 -29.97 8.67
CA SER A 476 -5.57 -29.87 9.08
C SER A 476 -6.14 -31.17 9.60
N ILE A 477 -7.47 -31.17 9.81
CA ILE A 477 -8.16 -32.36 10.28
C ILE A 477 -7.92 -33.51 9.29
N GLY A 478 -7.43 -33.16 8.10
CA GLY A 478 -7.15 -34.17 7.08
C GLY A 478 -6.13 -35.21 7.53
N LEU A 479 -5.38 -34.93 8.59
CA LEU A 479 -4.39 -35.90 9.07
C LEU A 479 -5.09 -37.07 9.73
N GLY A 480 -6.34 -36.88 10.10
CA GLY A 480 -7.10 -37.97 10.68
C GLY A 480 -6.95 -38.39 12.13
N GLU A 481 -6.81 -39.69 12.32
CA GLU A 481 -6.75 -40.36 13.62
C GLU A 481 -5.89 -39.86 14.78
N ASP A 482 -4.76 -39.23 14.50
CA ASP A 482 -3.95 -38.73 15.61
C ASP A 482 -4.79 -37.85 16.52
N GLY A 483 -5.86 -37.26 16.01
CA GLY A 483 -6.70 -36.46 16.87
C GLY A 483 -6.48 -34.97 17.08
N PRO A 484 -7.27 -34.36 17.98
CA PRO A 484 -7.19 -32.93 18.28
C PRO A 484 -5.84 -32.39 18.75
N THR A 485 -5.07 -33.18 19.50
CA THR A 485 -3.77 -32.68 19.93
C THR A 485 -2.86 -32.46 18.72
N HIS A 486 -3.19 -33.07 17.59
CA HIS A 486 -2.36 -32.91 16.37
C HIS A 486 -2.96 -32.09 15.22
N GLN A 487 -4.23 -31.74 15.34
CA GLN A 487 -4.89 -31.00 14.28
C GLN A 487 -4.96 -29.49 14.44
N PRO A 488 -4.31 -28.76 13.51
CA PRO A 488 -4.32 -27.30 13.55
C PRO A 488 -5.77 -26.82 13.37
N ILE A 489 -6.07 -25.64 13.89
CA ILE A 489 -7.37 -25.06 13.75
C ILE A 489 -7.17 -23.55 13.67
N GLU A 490 -6.56 -23.01 14.71
CA GLU A 490 -6.34 -21.57 14.80
C GLU A 490 -5.02 -21.13 14.18
N HIS A 491 -4.22 -22.11 13.74
CA HIS A 491 -2.91 -21.79 13.23
C HIS A 491 -2.77 -20.89 12.01
N LEU A 492 -3.60 -21.09 10.98
CA LEU A 492 -3.48 -20.24 9.80
C LEU A 492 -3.73 -18.79 10.17
N VAL A 493 -4.84 -18.48 10.84
CA VAL A 493 -5.06 -17.08 11.15
C VAL A 493 -4.05 -16.51 12.15
N SER A 494 -3.53 -17.36 13.04
CA SER A 494 -2.55 -16.89 14.02
C SER A 494 -1.31 -16.39 13.31
N PHE A 495 -1.07 -16.87 12.10
CA PHE A 495 0.08 -16.41 11.33
C PHE A 495 -0.27 -15.34 10.31
N ARG A 496 -1.53 -15.28 9.91
CA ARG A 496 -1.90 -14.24 8.97
C ARG A 496 -1.88 -12.93 9.75
N ALA A 497 -2.11 -13.01 11.05
CA ALA A 497 -2.09 -11.80 11.88
C ALA A 497 -0.68 -11.31 12.23
N MET A 498 0.32 -12.19 12.14
CA MET A 498 1.71 -11.81 12.47
C MET A 498 2.35 -11.00 11.36
N PRO A 499 2.96 -9.86 11.68
CA PRO A 499 3.56 -9.07 10.61
C PRO A 499 4.77 -9.73 9.94
N ASN A 500 4.99 -9.36 8.68
CA ASN A 500 6.12 -9.80 7.88
C ASN A 500 6.41 -11.27 7.85
N ILE A 501 5.41 -12.06 7.55
CA ILE A 501 5.61 -13.48 7.39
C ILE A 501 4.53 -13.96 6.42
N LEU A 502 4.90 -14.80 5.47
CA LEU A 502 3.93 -15.28 4.48
C LEU A 502 3.30 -16.56 4.93
N MET A 503 1.98 -16.65 4.80
CA MET A 503 1.28 -17.87 5.21
C MET A 503 0.71 -18.51 3.94
N LEU A 504 1.52 -19.32 3.29
CA LEU A 504 1.15 -19.98 2.07
C LEU A 504 0.50 -21.34 2.30
N ARG A 505 -0.62 -21.58 1.62
CA ARG A 505 -1.28 -22.87 1.74
C ARG A 505 -1.65 -23.36 0.32
N PRO A 506 -0.66 -23.91 -0.41
CA PRO A 506 -0.86 -24.41 -1.78
C PRO A 506 -1.88 -25.53 -1.91
N ALA A 507 -2.64 -25.48 -2.99
CA ALA A 507 -3.67 -26.47 -3.28
C ALA A 507 -3.13 -27.70 -4.01
N ASP A 508 -2.18 -27.49 -4.92
CA ASP A 508 -1.65 -28.61 -5.68
C ASP A 508 -0.21 -28.43 -6.10
N GLY A 509 0.23 -29.25 -7.03
CA GLY A 509 1.58 -29.20 -7.53
C GLY A 509 2.03 -27.85 -8.07
N ASN A 510 1.22 -27.21 -8.91
CA ASN A 510 1.63 -25.91 -9.44
C ASN A 510 1.69 -24.84 -8.35
N GLU A 511 0.74 -24.87 -7.42
CA GLU A 511 0.75 -23.86 -6.37
C GLU A 511 1.91 -24.11 -5.41
N THR A 512 2.26 -25.39 -5.22
CA THR A 512 3.36 -25.76 -4.34
C THR A 512 4.67 -25.23 -4.92
N ALA A 513 4.86 -25.40 -6.22
CA ALA A 513 6.07 -24.93 -6.88
C ALA A 513 6.04 -23.41 -6.82
N GLY A 514 4.85 -22.84 -6.94
CA GLY A 514 4.74 -21.39 -6.88
C GLY A 514 5.11 -20.88 -5.48
N ALA A 515 4.68 -21.60 -4.45
CA ALA A 515 4.96 -21.20 -3.08
C ALA A 515 6.46 -21.20 -2.87
N TYR A 516 7.14 -22.21 -3.41
CA TYR A 516 8.60 -22.27 -3.29
C TYR A 516 9.31 -21.16 -4.06
N LYS A 517 8.74 -20.75 -5.20
CA LYS A 517 9.36 -19.68 -5.96
C LYS A 517 9.33 -18.42 -5.11
N VAL A 518 8.17 -18.17 -4.52
CA VAL A 518 7.99 -17.00 -3.69
C VAL A 518 8.90 -17.07 -2.46
N ALA A 519 8.95 -18.23 -1.82
CA ALA A 519 9.76 -18.43 -0.63
C ALA A 519 11.24 -18.18 -0.88
N VAL A 520 11.76 -18.68 -1.98
CA VAL A 520 13.16 -18.45 -2.27
C VAL A 520 13.41 -16.98 -2.62
N LEU A 521 12.49 -16.37 -3.34
CA LEU A 521 12.65 -14.97 -3.72
C LEU A 521 12.60 -14.00 -2.54
N ASN A 522 11.92 -14.39 -1.46
CA ASN A 522 11.82 -13.51 -0.30
C ASN A 522 12.90 -13.81 0.72
N ARG A 523 14.09 -13.26 0.52
CA ARG A 523 15.19 -13.50 1.45
C ARG A 523 15.12 -12.60 2.70
N LYS A 524 14.18 -11.67 2.72
CA LYS A 524 14.03 -10.75 3.85
C LYS A 524 12.73 -10.97 4.60
N ARG A 525 12.02 -12.03 4.25
CA ARG A 525 10.74 -12.29 4.88
C ARG A 525 10.49 -13.80 4.92
N PRO A 526 10.37 -14.38 6.12
CA PRO A 526 10.13 -15.83 6.26
C PRO A 526 8.83 -16.28 5.60
N SER A 527 8.81 -17.56 5.21
CA SER A 527 7.64 -18.14 4.57
C SER A 527 7.24 -19.45 5.24
N ILE A 528 5.94 -19.62 5.47
CA ILE A 528 5.42 -20.83 6.07
C ILE A 528 4.58 -21.50 5.00
N LEU A 529 4.83 -22.78 4.76
CA LEU A 529 4.06 -23.56 3.80
C LEU A 529 3.24 -24.60 4.52
N ALA A 530 1.92 -24.49 4.45
CA ALA A 530 1.04 -25.45 5.10
C ALA A 530 0.75 -26.51 4.05
N LEU A 531 1.29 -27.70 4.29
CA LEU A 531 1.16 -28.81 3.36
C LEU A 531 0.31 -29.95 3.91
N SER A 532 -0.38 -30.63 3.01
CA SER A 532 -1.28 -31.71 3.40
C SER A 532 -0.64 -33.08 3.57
N ARG A 533 -1.30 -33.91 4.35
CA ARG A 533 -0.83 -35.26 4.55
C ARG A 533 -1.52 -36.11 3.48
N GLN A 534 -2.79 -35.79 3.19
CA GLN A 534 -3.59 -36.54 2.21
C GLN A 534 -3.39 -36.11 0.74
N LYS A 535 -3.64 -37.04 -0.19
CA LYS A 535 -3.51 -36.76 -1.62
C LYS A 535 -4.56 -35.80 -2.14
N LEU A 536 -4.12 -34.89 -3.00
CA LEU A 536 -5.00 -33.88 -3.60
C LEU A 536 -4.87 -33.93 -5.13
N PRO A 537 -5.93 -33.54 -5.86
CA PRO A 537 -5.82 -33.58 -7.33
C PRO A 537 -5.18 -32.33 -7.88
N HIS A 538 -4.57 -32.46 -9.06
CA HIS A 538 -4.00 -31.28 -9.67
C HIS A 538 -5.20 -30.58 -10.29
N LEU A 539 -5.36 -29.30 -10.00
CA LEU A 539 -6.50 -28.57 -10.53
C LEU A 539 -6.21 -27.75 -11.76
N PRO A 540 -7.20 -27.62 -12.64
CA PRO A 540 -6.96 -26.80 -13.83
C PRO A 540 -7.08 -25.36 -13.37
N GLY A 541 -6.25 -24.47 -13.90
CA GLY A 541 -6.33 -23.08 -13.49
C GLY A 541 -5.25 -22.60 -12.51
N THR A 542 -4.59 -23.53 -11.85
CA THR A 542 -3.53 -23.16 -10.91
C THR A 542 -2.24 -22.89 -11.66
N SER A 543 -1.43 -21.96 -11.16
CA SER A 543 -0.17 -21.67 -11.81
C SER A 543 0.86 -21.01 -10.89
N ILE A 544 2.13 -21.14 -11.25
CA ILE A 544 3.19 -20.52 -10.48
C ILE A 544 2.92 -19.02 -10.37
N GLU A 545 2.56 -18.39 -11.48
CA GLU A 545 2.28 -16.95 -11.54
C GLU A 545 1.13 -16.50 -10.66
N GLY A 546 0.11 -17.33 -10.56
CA GLY A 546 -1.03 -16.95 -9.74
C GLY A 546 -0.60 -16.79 -8.29
N VAL A 547 0.19 -17.74 -7.80
CA VAL A 547 0.65 -17.71 -6.42
C VAL A 547 1.29 -16.38 -6.05
N GLU A 548 2.14 -15.85 -6.93
CA GLU A 548 2.80 -14.59 -6.65
C GLU A 548 1.76 -13.49 -6.41
N LYS A 549 0.53 -13.74 -6.79
CA LYS A 549 -0.54 -12.76 -6.64
C LYS A 549 -1.31 -12.92 -5.32
N GLY A 550 -1.10 -14.04 -4.63
CA GLY A 550 -1.78 -14.24 -3.37
C GLY A 550 -3.17 -14.81 -3.50
N GLY A 551 -4.04 -14.05 -4.17
CA GLY A 551 -5.41 -14.48 -4.43
C GLY A 551 -5.60 -14.29 -5.93
N TYR A 552 -5.98 -15.36 -6.64
CA TYR A 552 -6.19 -15.27 -8.10
C TYR A 552 -7.28 -16.23 -8.54
N THR A 553 -7.84 -15.96 -9.71
CA THR A 553 -8.92 -16.78 -10.25
C THR A 553 -8.44 -18.04 -10.96
N ILE A 554 -9.04 -19.19 -10.63
CA ILE A 554 -8.63 -20.42 -11.29
C ILE A 554 -9.65 -20.84 -12.36
N SER A 555 -10.91 -20.45 -12.18
CA SER A 555 -11.96 -20.75 -13.17
C SER A 555 -13.05 -19.70 -13.04
N ASP A 556 -13.62 -19.30 -14.17
CA ASP A 556 -14.68 -18.29 -14.20
C ASP A 556 -15.54 -18.40 -15.45
N ASN A 557 -16.85 -18.44 -15.29
CA ASN A 557 -17.75 -18.54 -16.44
C ASN A 557 -18.64 -17.30 -16.49
N SER A 558 -18.22 -16.24 -15.81
CA SER A 558 -18.98 -14.99 -15.79
C SER A 558 -18.40 -13.98 -16.79
N THR A 559 -19.13 -12.89 -17.01
CA THR A 559 -18.68 -11.87 -17.94
C THR A 559 -18.84 -10.51 -17.26
N GLY A 560 -18.16 -9.51 -17.81
CA GLY A 560 -18.26 -8.17 -17.26
C GLY A 560 -17.83 -8.05 -15.81
N ASN A 561 -17.01 -8.98 -15.35
CA ASN A 561 -16.55 -8.98 -13.97
C ASN A 561 -17.71 -8.89 -12.99
N LYS A 562 -18.73 -9.71 -13.20
CA LYS A 562 -19.87 -9.71 -12.30
C LYS A 562 -20.52 -11.08 -12.18
N PRO A 563 -19.81 -12.04 -11.56
CA PRO A 563 -20.37 -13.39 -11.40
C PRO A 563 -21.50 -13.35 -10.38
N ASP A 564 -22.42 -14.32 -10.46
CA ASP A 564 -23.52 -14.37 -9.51
C ASP A 564 -22.94 -14.71 -8.15
N LEU A 565 -21.92 -15.55 -8.17
CA LEU A 565 -21.30 -16.06 -6.96
C LEU A 565 -19.77 -16.18 -7.04
N ILE A 566 -19.10 -15.83 -5.93
CA ILE A 566 -17.64 -15.96 -5.85
C ILE A 566 -17.35 -16.93 -4.71
N VAL A 567 -16.66 -18.02 -5.03
CA VAL A 567 -16.31 -19.03 -4.05
C VAL A 567 -14.78 -19.04 -3.90
N MET A 568 -14.29 -18.91 -2.67
CA MET A 568 -12.84 -18.93 -2.45
C MET A 568 -12.41 -20.01 -1.48
N GLY A 569 -11.22 -20.56 -1.72
CA GLY A 569 -10.69 -21.62 -0.87
C GLY A 569 -9.18 -21.66 -0.89
N THR A 570 -8.58 -22.54 -0.08
CA THR A 570 -7.14 -22.68 0.00
C THR A 570 -6.79 -24.14 0.22
N GLY A 571 -5.54 -24.49 -0.04
CA GLY A 571 -5.08 -25.85 0.15
C GLY A 571 -6.06 -26.93 -0.29
N SER A 572 -6.20 -27.94 0.56
CA SER A 572 -7.07 -29.09 0.31
C SER A 572 -8.55 -28.75 0.12
N GLU A 573 -8.98 -27.55 0.49
CA GLU A 573 -10.38 -27.20 0.32
C GLU A 573 -10.68 -26.52 -1.00
N LEU A 574 -9.64 -26.22 -1.78
CA LEU A 574 -9.86 -25.57 -3.06
C LEU A 574 -10.65 -26.55 -3.94
N GLU A 575 -10.23 -27.81 -3.91
CA GLU A 575 -10.86 -28.84 -4.70
C GLU A 575 -12.35 -28.87 -4.42
N ILE A 576 -12.74 -28.74 -3.15
CA ILE A 576 -14.15 -28.74 -2.79
C ILE A 576 -14.84 -27.53 -3.40
N ALA A 577 -14.20 -26.36 -3.33
CA ALA A 577 -14.79 -25.16 -3.91
C ALA A 577 -15.01 -25.35 -5.42
N ALA A 578 -14.04 -25.98 -6.09
CA ALA A 578 -14.11 -26.22 -7.52
C ALA A 578 -15.27 -27.16 -7.86
N LYS A 579 -15.39 -28.27 -7.15
CA LYS A 579 -16.46 -29.25 -7.37
C LYS A 579 -17.82 -28.57 -7.19
N ALA A 580 -17.97 -27.78 -6.13
CA ALA A 580 -19.23 -27.09 -5.88
C ALA A 580 -19.57 -26.10 -6.98
N ALA A 581 -18.55 -25.42 -7.51
CA ALA A 581 -18.75 -24.46 -8.57
C ALA A 581 -19.29 -25.13 -9.84
N ASP A 582 -18.75 -26.30 -10.20
CA ASP A 582 -19.20 -27.04 -11.38
C ASP A 582 -20.70 -27.33 -11.21
N GLU A 583 -21.03 -27.83 -10.03
CA GLU A 583 -22.39 -28.19 -9.68
C GLU A 583 -23.33 -26.99 -9.89
N LEU A 584 -22.93 -25.84 -9.37
CA LEU A 584 -23.75 -24.66 -9.48
C LEU A 584 -23.83 -24.08 -10.88
N ARG A 585 -22.82 -24.34 -11.69
CA ARG A 585 -22.87 -23.84 -13.04
C ARG A 585 -23.90 -24.61 -13.86
N LYS A 586 -24.08 -25.90 -13.54
CA LYS A 586 -25.06 -26.72 -14.24
C LYS A 586 -26.42 -26.03 -14.10
N GLU A 587 -26.72 -25.54 -12.91
CA GLU A 587 -27.99 -24.87 -12.66
C GLU A 587 -28.06 -23.50 -13.33
N GLY A 588 -27.08 -23.20 -14.16
CA GLY A 588 -27.09 -21.93 -14.87
C GLY A 588 -26.54 -20.67 -14.21
N LYS A 589 -25.87 -20.81 -13.07
CA LYS A 589 -25.30 -19.65 -12.37
C LYS A 589 -23.89 -19.37 -12.89
N THR A 590 -23.42 -18.14 -12.83
CA THR A 590 -22.05 -17.88 -13.22
C THR A 590 -21.24 -17.81 -11.92
N VAL A 591 -20.18 -18.61 -11.86
CA VAL A 591 -19.37 -18.70 -10.66
C VAL A 591 -17.88 -18.48 -10.88
N ARG A 592 -17.27 -17.72 -9.98
CA ARG A 592 -15.83 -17.48 -10.03
C ARG A 592 -15.17 -18.22 -8.86
N VAL A 593 -14.16 -19.05 -9.15
CA VAL A 593 -13.45 -19.80 -8.12
C VAL A 593 -12.10 -19.09 -7.89
N VAL A 594 -11.89 -18.60 -6.66
CA VAL A 594 -10.67 -17.89 -6.29
C VAL A 594 -9.82 -18.69 -5.33
N SER A 595 -8.52 -18.77 -5.64
CA SER A 595 -7.55 -19.46 -4.79
C SER A 595 -6.85 -18.42 -3.96
N PHE A 596 -6.83 -18.61 -2.65
CA PHE A 596 -6.18 -17.64 -1.77
C PHE A 596 -4.93 -18.22 -1.12
N VAL A 597 -4.02 -18.75 -1.94
CA VAL A 597 -2.76 -19.33 -1.43
C VAL A 597 -2.16 -18.45 -0.35
N SER A 598 -2.26 -17.13 -0.51
CA SER A 598 -1.73 -16.22 0.48
C SER A 598 -2.43 -14.87 0.58
N TRP A 599 -2.97 -14.61 1.76
CA TRP A 599 -3.62 -13.35 2.02
C TRP A 599 -2.62 -12.22 1.87
N GLU A 600 -1.42 -12.43 2.43
CA GLU A 600 -0.36 -11.43 2.40
C GLU A 600 -0.05 -10.89 1.02
N LEU A 601 0.18 -11.78 0.07
CA LEU A 601 0.49 -11.36 -1.29
C LEU A 601 -0.73 -10.66 -1.91
N PHE A 602 -1.93 -11.12 -1.62
CA PHE A 602 -3.10 -10.47 -2.19
C PHE A 602 -3.20 -9.03 -1.72
N ASP A 603 -3.10 -8.81 -0.41
CA ASP A 603 -3.18 -7.46 0.14
C ASP A 603 -2.13 -6.53 -0.44
N GLU A 604 -1.02 -7.08 -0.94
CA GLU A 604 0.03 -6.25 -1.53
C GLU A 604 -0.23 -5.84 -2.97
N GLN A 605 -1.24 -6.43 -3.61
CA GLN A 605 -1.55 -6.09 -5.00
C GLN A 605 -2.26 -4.74 -5.10
N SER A 606 -2.30 -4.20 -6.31
CA SER A 606 -2.95 -2.90 -6.55
C SER A 606 -4.45 -3.01 -6.37
N ASP A 607 -5.10 -1.86 -6.20
CA ASP A 607 -6.55 -1.81 -6.04
C ASP A 607 -7.25 -2.31 -7.31
N GLU A 608 -6.62 -2.09 -8.46
CA GLU A 608 -7.18 -2.54 -9.74
C GLU A 608 -7.21 -4.05 -9.73
N TYR A 609 -6.09 -4.66 -9.37
CA TYR A 609 -6.00 -6.12 -9.34
C TYR A 609 -7.05 -6.72 -8.39
N LYS A 610 -7.13 -6.18 -7.18
CA LYS A 610 -8.07 -6.71 -6.22
C LYS A 610 -9.51 -6.63 -6.73
N GLU A 611 -9.86 -5.48 -7.30
CA GLU A 611 -11.20 -5.26 -7.84
C GLU A 611 -11.48 -6.29 -8.93
N SER A 612 -10.45 -6.64 -9.70
CA SER A 612 -10.59 -7.60 -10.79
C SER A 612 -10.82 -9.02 -10.30
N VAL A 613 -10.47 -9.29 -9.04
CA VAL A 613 -10.65 -10.64 -8.47
C VAL A 613 -11.89 -10.65 -7.59
N LEU A 614 -12.02 -9.65 -6.72
CA LEU A 614 -13.18 -9.56 -5.84
C LEU A 614 -13.91 -8.26 -6.14
N PRO A 615 -14.71 -8.22 -7.23
CA PRO A 615 -15.44 -7.00 -7.56
C PRO A 615 -16.32 -6.54 -6.41
N ALA A 616 -16.18 -5.28 -6.04
CA ALA A 616 -16.96 -4.70 -4.96
C ALA A 616 -18.48 -4.85 -5.14
N ALA A 617 -18.93 -4.97 -6.38
CA ALA A 617 -20.36 -5.10 -6.66
C ALA A 617 -20.90 -6.48 -6.29
N VAL A 618 -20.08 -7.53 -6.43
CA VAL A 618 -20.55 -8.86 -6.10
C VAL A 618 -20.56 -9.08 -4.59
N THR A 619 -21.76 -9.28 -4.05
CA THR A 619 -21.93 -9.47 -2.62
C THR A 619 -22.03 -10.93 -2.17
N ALA A 620 -22.44 -11.82 -3.08
CA ALA A 620 -22.58 -13.23 -2.77
C ALA A 620 -21.21 -13.90 -2.80
N ARG A 621 -20.61 -14.04 -1.62
CA ARG A 621 -19.28 -14.65 -1.50
C ARG A 621 -19.24 -15.76 -0.44
N ILE A 622 -18.54 -16.83 -0.76
CA ILE A 622 -18.39 -17.97 0.14
C ILE A 622 -16.92 -18.38 0.24
N SER A 623 -16.47 -18.68 1.46
CA SER A 623 -15.10 -19.14 1.62
C SER A 623 -15.14 -20.48 2.31
N ILE A 624 -14.17 -21.34 2.00
CA ILE A 624 -14.11 -22.63 2.65
C ILE A 624 -12.64 -22.97 2.93
N GLU A 625 -12.37 -23.36 4.17
CA GLU A 625 -11.01 -23.70 4.64
C GLU A 625 -11.11 -24.48 5.95
N ALA A 626 -10.42 -25.61 6.06
CA ALA A 626 -10.44 -26.43 7.27
C ALA A 626 -9.65 -25.74 8.41
N GLY A 627 -10.24 -24.69 8.98
CA GLY A 627 -9.59 -23.97 10.05
C GLY A 627 -10.52 -22.90 10.55
N SER A 628 -10.07 -22.07 11.48
CA SER A 628 -10.88 -21.01 12.06
C SER A 628 -11.46 -20.08 10.98
N THR A 629 -12.69 -19.60 11.20
CA THR A 629 -13.34 -18.69 10.23
C THR A 629 -12.97 -17.24 10.52
N LEU A 630 -12.35 -17.00 11.68
CA LEU A 630 -11.98 -15.65 12.07
C LEU A 630 -11.09 -14.95 11.06
N GLY A 631 -11.49 -13.74 10.69
CA GLY A 631 -10.74 -12.95 9.74
C GLY A 631 -11.17 -13.04 8.29
N TRP A 632 -11.86 -14.13 7.92
CA TRP A 632 -12.31 -14.28 6.54
C TRP A 632 -13.33 -13.20 6.13
N GLN A 633 -13.91 -12.52 7.12
CA GLN A 633 -14.89 -11.48 6.84
C GLN A 633 -14.31 -10.38 5.96
N LYS A 634 -13.00 -10.17 6.03
CA LYS A 634 -12.41 -9.13 5.22
C LYS A 634 -12.44 -9.45 3.74
N TYR A 635 -12.80 -10.67 3.38
CA TYR A 635 -12.89 -11.06 1.97
C TYR A 635 -14.30 -11.51 1.57
N VAL A 636 -15.02 -12.16 2.48
CA VAL A 636 -16.36 -12.62 2.14
C VAL A 636 -17.39 -11.53 2.40
N GLY A 637 -16.96 -10.45 3.03
CA GLY A 637 -17.88 -9.35 3.31
C GLY A 637 -18.87 -9.61 4.43
N ALA A 638 -19.80 -8.66 4.60
CA ALA A 638 -20.84 -8.75 5.64
C ALA A 638 -21.98 -9.69 5.28
N GLN A 639 -22.35 -9.73 3.99
CA GLN A 639 -23.41 -10.63 3.55
C GLN A 639 -22.82 -11.98 3.12
N GLY A 640 -21.49 -12.12 3.19
CA GLY A 640 -20.84 -13.35 2.77
C GLY A 640 -20.88 -14.46 3.79
N LYS A 641 -20.52 -15.67 3.38
CA LYS A 641 -20.53 -16.78 4.30
C LYS A 641 -19.18 -17.52 4.35
N ALA A 642 -18.67 -17.74 5.56
CA ALA A 642 -17.41 -18.43 5.75
C ALA A 642 -17.62 -19.81 6.34
N ILE A 643 -17.18 -20.83 5.64
CA ILE A 643 -17.33 -22.19 6.12
C ILE A 643 -15.98 -22.67 6.66
N GLY A 644 -15.98 -23.03 7.93
CA GLY A 644 -14.75 -23.48 8.55
C GLY A 644 -14.98 -24.28 9.81
N ILE A 645 -13.95 -24.31 10.66
CA ILE A 645 -13.98 -25.05 11.90
C ILE A 645 -13.57 -24.14 13.05
N ASP A 646 -14.48 -23.85 13.96
CA ASP A 646 -14.14 -23.01 15.08
C ASP A 646 -14.26 -23.78 16.41
N LYS A 647 -13.81 -25.03 16.39
CA LYS A 647 -13.79 -25.85 17.59
C LYS A 647 -12.62 -26.81 17.39
N PHE A 648 -12.28 -27.57 18.42
CA PHE A 648 -11.18 -28.51 18.32
C PHE A 648 -11.58 -29.70 17.46
N GLY A 649 -10.58 -30.44 16.98
CA GLY A 649 -10.83 -31.59 16.15
C GLY A 649 -11.29 -32.84 16.86
N ALA A 650 -11.04 -33.99 16.23
CA ALA A 650 -11.43 -35.29 16.77
C ALA A 650 -10.55 -36.44 16.26
N SER A 651 -10.51 -37.54 17.03
CA SER A 651 -9.73 -38.71 16.64
C SER A 651 -10.62 -39.63 15.80
N ALA A 652 -10.39 -39.63 14.49
CA ALA A 652 -11.18 -40.44 13.57
C ALA A 652 -10.58 -40.30 12.18
N PRO A 653 -11.04 -41.14 11.24
CA PRO A 653 -10.58 -41.12 9.84
C PRO A 653 -10.94 -39.75 9.28
N ALA A 654 -10.03 -39.16 8.51
CA ALA A 654 -10.23 -37.83 7.92
C ALA A 654 -11.59 -37.65 7.26
N GLY A 655 -11.97 -38.60 6.41
CA GLY A 655 -13.25 -38.53 5.70
C GLY A 655 -14.42 -38.26 6.61
N THR A 656 -14.47 -38.99 7.73
CA THR A 656 -15.54 -38.85 8.69
C THR A 656 -15.56 -37.47 9.34
N ILE A 657 -14.38 -36.92 9.65
CA ILE A 657 -14.34 -35.61 10.27
C ILE A 657 -14.84 -34.54 9.30
N TYR A 658 -14.42 -34.61 8.04
CA TYR A 658 -14.86 -33.61 7.07
C TYR A 658 -16.38 -33.59 6.97
N LYS A 659 -16.98 -34.78 6.92
CA LYS A 659 -18.43 -34.88 6.84
C LYS A 659 -19.09 -34.34 8.11
N GLU A 660 -18.62 -34.80 9.27
CA GLU A 660 -19.20 -34.35 10.51
C GLU A 660 -19.07 -32.86 10.78
N TYR A 661 -18.01 -32.25 10.26
CA TYR A 661 -17.79 -30.83 10.48
C TYR A 661 -18.34 -29.97 9.36
N GLY A 662 -18.93 -30.60 8.35
CA GLY A 662 -19.54 -29.84 7.27
C GLY A 662 -18.60 -29.19 6.29
N ILE A 663 -17.39 -29.71 6.15
CA ILE A 663 -16.43 -29.17 5.19
C ILE A 663 -16.70 -29.96 3.91
N THR A 664 -17.87 -29.70 3.32
CA THR A 664 -18.30 -30.43 2.14
C THR A 664 -18.85 -29.54 1.02
N VAL A 665 -18.96 -30.14 -0.17
CA VAL A 665 -19.49 -29.45 -1.33
C VAL A 665 -20.97 -29.08 -1.05
N GLU A 666 -21.68 -29.93 -0.29
CA GLU A 666 -23.09 -29.64 0.02
C GLU A 666 -23.26 -28.40 0.88
N SER A 667 -22.29 -28.11 1.74
CA SER A 667 -22.38 -26.92 2.59
C SER A 667 -22.21 -25.68 1.76
N ILE A 668 -21.41 -25.77 0.71
CA ILE A 668 -21.19 -24.62 -0.17
C ILE A 668 -22.46 -24.38 -0.96
N ILE A 669 -23.06 -25.46 -1.44
CA ILE A 669 -24.30 -25.37 -2.19
C ILE A 669 -25.43 -24.88 -1.31
N ALA A 670 -25.55 -25.43 -0.12
CA ALA A 670 -26.60 -24.98 0.79
C ALA A 670 -26.45 -23.49 1.06
N ALA A 671 -25.21 -23.05 1.26
CA ALA A 671 -24.93 -21.64 1.52
C ALA A 671 -25.20 -20.77 0.28
N ALA A 672 -24.93 -21.30 -0.91
CA ALA A 672 -25.16 -20.55 -2.15
C ALA A 672 -26.64 -20.19 -2.33
N LYS A 673 -27.51 -21.14 -2.04
CA LYS A 673 -28.95 -20.93 -2.18
C LYS A 673 -29.56 -20.09 -1.08
N SER A 674 -28.73 -19.36 -0.36
CA SER A 674 -29.18 -18.48 0.72
C SER A 674 -29.10 -17.06 0.23
N PHE A 675 -28.53 -16.89 -0.96
CA PHE A 675 -28.40 -15.58 -1.58
C PHE A 675 -29.54 -15.33 -2.57
N ALA B 10 1.34 -61.07 43.83
CA ALA B 10 2.15 -60.69 42.63
C ALA B 10 2.28 -61.87 41.68
N ALA B 11 2.01 -61.65 40.40
CA ALA B 11 2.10 -62.73 39.42
C ALA B 11 3.53 -63.20 39.29
N THR B 12 3.69 -64.44 38.86
CA THR B 12 5.01 -65.03 38.68
C THR B 12 4.99 -66.12 37.63
N GLY B 13 6.16 -66.52 37.17
CA GLY B 13 6.24 -67.59 36.19
C GLY B 13 5.44 -67.37 34.92
N GLU B 14 4.75 -68.42 34.47
CA GLU B 14 3.97 -68.34 33.25
C GLU B 14 2.81 -67.34 33.35
N LEU B 15 2.25 -67.15 34.54
CA LEU B 15 1.15 -66.20 34.69
C LEU B 15 1.65 -64.78 34.41
N LEU B 16 2.85 -64.46 34.88
CA LEU B 16 3.43 -63.15 34.67
C LEU B 16 3.72 -62.95 33.18
N GLU B 17 4.25 -63.98 32.52
CA GLU B 17 4.54 -63.91 31.09
C GLU B 17 3.27 -63.71 30.28
N LYS B 18 2.20 -64.40 30.68
CA LYS B 18 0.94 -64.28 29.97
C LYS B 18 0.33 -62.91 30.19
N SER B 19 0.45 -62.39 31.40
CA SER B 19 -0.11 -61.09 31.67
C SER B 19 0.59 -60.04 30.83
N VAL B 20 1.92 -60.06 30.84
CA VAL B 20 2.72 -59.12 30.07
C VAL B 20 2.40 -59.24 28.58
N ASN B 21 2.25 -60.47 28.09
CA ASN B 21 1.93 -60.61 26.67
C ASN B 21 0.50 -60.21 26.31
N THR B 22 -0.42 -60.30 27.27
CA THR B 22 -1.80 -59.92 27.02
C THR B 22 -1.78 -58.43 26.66
N ILE B 23 -0.96 -57.67 27.40
CA ILE B 23 -0.83 -56.24 27.16
C ILE B 23 -0.28 -55.98 25.76
N ARG B 24 0.76 -56.70 25.39
CA ARG B 24 1.36 -56.54 24.08
C ARG B 24 0.36 -56.79 22.98
N PHE B 25 -0.37 -57.90 23.10
CA PHE B 25 -1.35 -58.24 22.07
C PHE B 25 -2.62 -57.39 22.01
N LEU B 26 -3.07 -56.87 23.14
CA LEU B 26 -4.24 -56.00 23.09
C LEU B 26 -3.81 -54.80 22.23
N ALA B 27 -2.61 -54.31 22.50
CA ALA B 27 -2.06 -53.18 21.76
C ALA B 27 -1.93 -53.47 20.26
N ILE B 28 -1.34 -54.63 19.94
CA ILE B 28 -1.15 -55.07 18.57
C ILE B 28 -2.47 -55.21 17.83
N ASP B 29 -3.43 -55.91 18.44
CA ASP B 29 -4.72 -56.14 17.80
C ASP B 29 -5.49 -54.84 17.61
N ALA B 30 -5.47 -53.97 18.62
CA ALA B 30 -6.17 -52.69 18.52
C ALA B 30 -5.62 -51.87 17.36
N VAL B 31 -4.30 -51.82 17.23
CA VAL B 31 -3.66 -51.07 16.17
C VAL B 31 -3.95 -51.69 14.80
N GLU B 32 -3.94 -53.02 14.75
CA GLU B 32 -4.19 -53.71 13.49
C GLU B 32 -5.63 -53.46 13.02
N LYS B 33 -6.60 -53.53 13.94
CA LYS B 33 -7.98 -53.30 13.56
C LYS B 33 -8.22 -51.87 13.05
N ALA B 34 -7.62 -50.87 13.71
CA ALA B 34 -7.80 -49.49 13.27
C ALA B 34 -6.91 -49.19 12.06
N ASN B 35 -5.88 -50.03 11.89
CA ASN B 35 -4.89 -49.84 10.84
C ASN B 35 -4.32 -48.44 11.01
N SER B 36 -4.10 -48.09 12.27
CA SER B 36 -3.56 -46.78 12.67
C SER B 36 -3.17 -46.90 14.12
N GLY B 37 -2.05 -46.27 14.48
CA GLY B 37 -1.61 -46.34 15.86
C GLY B 37 -0.16 -46.68 16.05
N HIS B 38 0.24 -46.82 17.31
CA HIS B 38 1.62 -47.09 17.67
C HIS B 38 1.78 -48.34 18.49
N PRO B 39 2.26 -49.43 17.87
CA PRO B 39 2.45 -50.69 18.59
C PRO B 39 3.81 -50.85 19.28
N GLY B 40 4.81 -50.12 18.82
CA GLY B 40 6.14 -50.25 19.39
C GLY B 40 6.35 -50.01 20.87
N LEU B 41 5.94 -48.84 21.35
CA LEU B 41 6.11 -48.49 22.76
C LEU B 41 5.38 -49.47 23.69
N PRO B 42 4.10 -49.82 23.37
CA PRO B 42 3.35 -50.75 24.20
C PRO B 42 4.06 -52.10 24.28
N MET B 43 4.59 -52.57 23.15
CA MET B 43 5.28 -53.85 23.13
C MET B 43 6.53 -53.82 24.01
N GLY B 44 7.30 -52.73 23.93
CA GLY B 44 8.52 -52.65 24.71
C GLY B 44 8.31 -52.31 26.18
N CYS B 45 7.26 -51.54 26.47
CA CYS B 45 6.97 -51.14 27.83
C CYS B 45 5.98 -52.00 28.60
N ALA B 46 5.44 -53.05 27.98
CA ALA B 46 4.47 -53.88 28.68
C ALA B 46 4.94 -54.35 30.05
N PRO B 47 6.22 -54.78 30.17
CA PRO B 47 6.70 -55.23 31.48
C PRO B 47 6.56 -54.18 32.57
N MET B 48 7.06 -52.97 32.33
CA MET B 48 6.96 -51.98 33.39
C MET B 48 5.52 -51.48 33.62
N GLY B 49 4.68 -51.53 32.59
CA GLY B 49 3.31 -51.13 32.76
C GLY B 49 2.64 -52.14 33.70
N HIS B 50 2.87 -53.43 33.45
CA HIS B 50 2.31 -54.49 34.28
C HIS B 50 2.73 -54.31 35.73
N VAL B 51 4.04 -54.18 35.98
CA VAL B 51 4.50 -54.03 37.36
C VAL B 51 3.89 -52.81 38.03
N LEU B 52 3.79 -51.73 37.27
CA LEU B 52 3.24 -50.47 37.79
C LEU B 52 1.76 -50.59 38.16
N TYR B 53 0.91 -50.95 37.22
CA TYR B 53 -0.52 -51.09 37.51
C TYR B 53 -0.93 -52.30 38.35
N ASP B 54 -0.23 -53.43 38.20
CA ASP B 54 -0.64 -54.61 38.98
C ASP B 54 -0.02 -54.72 40.37
N GLU B 55 1.20 -54.22 40.53
CA GLU B 55 1.89 -54.32 41.81
C GLU B 55 2.19 -53.07 42.61
N VAL B 56 2.41 -51.94 41.93
CA VAL B 56 2.82 -50.73 42.64
C VAL B 56 1.81 -49.66 42.96
N MET B 57 1.07 -49.22 41.96
CA MET B 57 0.10 -48.16 42.19
C MET B 57 -1.05 -48.51 43.11
N ARG B 58 -1.57 -47.49 43.80
CA ARG B 58 -2.71 -47.61 44.69
C ARG B 58 -3.86 -46.87 44.00
N TYR B 59 -4.96 -47.55 43.72
CA TYR B 59 -6.08 -46.91 43.05
C TYR B 59 -7.31 -47.79 43.16
N ASN B 60 -8.46 -47.19 42.87
CA ASN B 60 -9.72 -47.93 42.90
C ASN B 60 -10.23 -47.84 41.47
N PRO B 61 -10.16 -48.95 40.73
CA PRO B 61 -10.64 -48.92 39.34
C PRO B 61 -12.09 -48.52 39.19
N LYS B 62 -12.90 -48.69 40.23
CA LYS B 62 -14.30 -48.32 40.15
C LYS B 62 -14.54 -46.87 40.56
N ASN B 63 -13.48 -46.18 40.98
CA ASN B 63 -13.58 -44.77 41.32
C ASN B 63 -12.32 -44.02 40.89
N PRO B 64 -12.26 -43.66 39.60
CA PRO B 64 -11.11 -42.94 39.05
C PRO B 64 -10.88 -41.55 39.65
N TYR B 65 -11.82 -41.11 40.49
CA TYR B 65 -11.72 -39.81 41.14
C TYR B 65 -11.26 -39.83 42.59
N TRP B 66 -10.97 -41.00 43.15
CA TRP B 66 -10.53 -41.05 44.54
C TRP B 66 -9.37 -40.06 44.75
N PHE B 67 -9.55 -39.09 45.64
CA PHE B 67 -8.54 -38.07 45.89
C PHE B 67 -7.11 -38.53 46.16
N ASN B 68 -6.94 -39.51 47.03
CA ASN B 68 -5.60 -39.95 47.38
C ASN B 68 -5.00 -41.04 46.51
N ARG B 69 -5.53 -41.21 45.32
CA ARG B 69 -5.00 -42.23 44.43
C ARG B 69 -3.60 -41.84 43.92
N ASP B 70 -2.78 -42.82 43.58
CA ASP B 70 -1.48 -42.50 42.99
C ASP B 70 -1.85 -42.08 41.56
N ARG B 71 -1.07 -41.18 40.99
CA ARG B 71 -1.29 -40.71 39.63
C ARG B 71 -0.27 -41.23 38.63
N PHE B 72 -0.76 -41.70 37.47
CA PHE B 72 0.10 -42.19 36.41
C PHE B 72 -0.09 -41.28 35.21
N VAL B 73 0.98 -41.02 34.47
CA VAL B 73 0.92 -40.16 33.30
C VAL B 73 1.76 -40.76 32.19
N LEU B 74 1.18 -40.88 31.01
CA LEU B 74 1.92 -41.39 29.86
C LEU B 74 2.28 -40.16 29.04
N SER B 75 3.52 -39.72 29.20
CA SER B 75 4.05 -38.55 28.54
C SER B 75 4.29 -38.84 27.05
N ALA B 76 4.68 -40.06 26.74
CA ALA B 76 4.89 -40.50 25.36
C ALA B 76 3.50 -40.95 24.92
N GLY B 77 2.60 -39.97 24.80
CA GLY B 77 1.21 -40.21 24.45
C GLY B 77 0.88 -41.14 23.30
N HIS B 78 1.72 -41.15 22.26
CA HIS B 78 1.45 -42.03 21.12
C HIS B 78 1.27 -43.50 21.56
N GLY B 79 1.89 -43.87 22.66
CA GLY B 79 1.78 -45.24 23.12
C GLY B 79 0.56 -45.50 23.99
N CYS B 80 -0.50 -44.71 23.79
CA CYS B 80 -1.71 -44.84 24.60
C CYS B 80 -2.29 -46.27 24.73
N MET B 81 -2.16 -47.11 23.71
CA MET B 81 -2.67 -48.47 23.86
C MET B 81 -2.11 -49.14 25.12
N LEU B 82 -0.88 -48.80 25.51
CA LEU B 82 -0.32 -49.34 26.75
C LEU B 82 -1.27 -49.05 27.91
N GLN B 83 -1.65 -47.78 28.06
CA GLN B 83 -2.55 -47.38 29.15
C GLN B 83 -3.99 -47.93 28.98
N TYR B 84 -4.50 -47.95 27.75
CA TYR B 84 -5.85 -48.47 27.55
C TYR B 84 -5.88 -49.94 27.94
N ALA B 85 -4.85 -50.68 27.55
CA ALA B 85 -4.77 -52.10 27.88
C ALA B 85 -4.75 -52.29 29.40
N LEU B 86 -4.00 -51.43 30.09
CA LEU B 86 -3.93 -51.53 31.56
C LEU B 86 -5.22 -51.12 32.22
N LEU B 87 -5.84 -50.04 31.75
CA LEU B 87 -7.11 -49.59 32.35
C LEU B 87 -8.15 -50.67 32.15
N HIS B 88 -8.11 -51.31 30.98
CA HIS B 88 -9.04 -52.39 30.71
C HIS B 88 -8.86 -53.57 31.68
N LEU B 89 -7.64 -54.06 31.76
CA LEU B 89 -7.31 -55.18 32.64
C LEU B 89 -7.61 -54.84 34.11
N ALA B 90 -7.32 -53.62 34.53
CA ALA B 90 -7.53 -53.21 35.93
C ALA B 90 -8.98 -53.12 36.33
N GLY B 91 -9.88 -53.07 35.35
CA GLY B 91 -11.29 -52.99 35.67
C GLY B 91 -11.97 -51.62 35.56
N TYR B 92 -11.36 -50.66 34.89
CA TYR B 92 -12.00 -49.34 34.74
C TYR B 92 -13.22 -49.43 33.81
N ASP B 93 -14.33 -48.83 34.22
CA ASP B 93 -15.54 -48.86 33.40
C ASP B 93 -15.42 -48.10 32.08
N SER B 94 -14.40 -47.24 31.97
CA SER B 94 -14.24 -46.42 30.77
C SER B 94 -13.60 -47.13 29.60
N VAL B 95 -13.07 -48.33 29.83
CA VAL B 95 -12.44 -49.06 28.75
C VAL B 95 -12.87 -50.52 28.73
N LYS B 96 -13.98 -50.78 28.06
CA LYS B 96 -14.48 -52.14 27.93
C LYS B 96 -13.85 -52.74 26.68
N GLU B 97 -14.07 -54.04 26.50
CA GLU B 97 -13.54 -54.74 25.33
C GLU B 97 -13.91 -54.05 24.02
N GLU B 98 -15.15 -53.56 23.95
CA GLU B 98 -15.65 -52.90 22.75
C GLU B 98 -14.96 -51.55 22.51
N ASP B 99 -14.55 -50.88 23.58
CA ASP B 99 -13.85 -49.59 23.44
C ASP B 99 -12.48 -49.86 22.80
N LEU B 100 -11.86 -50.99 23.16
CA LEU B 100 -10.57 -51.34 22.57
C LEU B 100 -10.78 -51.55 21.07
N LYS B 101 -11.94 -52.08 20.70
CA LYS B 101 -12.20 -52.31 19.29
C LYS B 101 -12.63 -51.03 18.54
N GLN B 102 -12.77 -49.93 19.27
CA GLN B 102 -13.16 -48.67 18.65
C GLN B 102 -12.01 -47.68 18.73
N PHE B 103 -10.80 -48.22 18.93
CA PHE B 103 -9.59 -47.41 19.01
C PHE B 103 -9.49 -46.50 17.78
N ARG B 104 -9.25 -45.22 18.01
CA ARG B 104 -9.11 -44.22 16.96
C ARG B 104 -10.29 -44.01 16.03
N GLN B 105 -11.49 -44.42 16.46
CA GLN B 105 -12.70 -44.27 15.64
C GLN B 105 -13.59 -43.14 16.16
N TRP B 106 -14.39 -42.56 15.26
CA TRP B 106 -15.27 -41.45 15.62
C TRP B 106 -16.04 -41.65 16.93
N GLY B 107 -15.85 -40.71 17.85
CA GLY B 107 -16.56 -40.72 19.13
C GLY B 107 -16.23 -41.77 20.18
N SER B 108 -15.12 -42.47 20.07
CA SER B 108 -14.76 -43.50 21.03
C SER B 108 -14.05 -42.99 22.29
N ARG B 109 -14.08 -43.81 23.33
CA ARG B 109 -13.44 -43.47 24.59
C ARG B 109 -11.94 -43.81 24.49
N THR B 110 -11.53 -44.25 23.30
CA THR B 110 -10.15 -44.63 23.04
C THR B 110 -9.55 -43.86 21.85
N PRO B 111 -9.34 -42.54 22.03
CA PRO B 111 -8.76 -41.72 20.95
C PRO B 111 -7.26 -42.01 20.76
N GLY B 112 -6.73 -41.57 19.62
CA GLY B 112 -5.34 -41.83 19.26
C GLY B 112 -4.28 -41.38 20.22
N HIS B 113 -4.62 -40.45 21.11
CA HIS B 113 -3.72 -39.93 22.13
C HIS B 113 -4.60 -39.79 23.39
N PRO B 114 -4.03 -40.06 24.57
CA PRO B 114 -4.83 -39.97 25.80
C PRO B 114 -5.39 -38.59 26.11
N GLU B 115 -6.70 -38.54 26.31
CA GLU B 115 -7.44 -37.31 26.60
C GLU B 115 -8.22 -37.54 27.89
N ASN B 116 -7.92 -36.72 28.90
CA ASN B 116 -8.59 -36.86 30.19
C ASN B 116 -10.08 -36.58 30.10
N PHE B 117 -10.47 -35.68 29.20
CA PHE B 117 -11.87 -35.30 29.04
C PHE B 117 -12.72 -36.37 28.35
N GLU B 118 -12.06 -37.35 27.77
CA GLU B 118 -12.75 -38.42 27.04
C GLU B 118 -12.74 -39.76 27.79
N THR B 119 -11.77 -39.94 28.68
CA THR B 119 -11.59 -41.23 29.35
C THR B 119 -11.25 -41.19 30.85
N PRO B 120 -12.26 -41.43 31.72
CA PRO B 120 -12.02 -41.43 33.17
C PRO B 120 -10.91 -42.44 33.47
N GLY B 121 -9.86 -42.02 34.14
CA GLY B 121 -8.76 -42.91 34.41
C GLY B 121 -7.50 -42.34 33.75
N VAL B 122 -7.67 -41.47 32.76
CA VAL B 122 -6.56 -40.81 32.09
C VAL B 122 -6.53 -39.48 32.82
N GLU B 123 -5.40 -39.12 33.43
CA GLU B 123 -5.31 -37.88 34.24
C GLU B 123 -5.15 -36.54 33.51
N VAL B 124 -4.41 -36.55 32.42
CA VAL B 124 -4.14 -35.34 31.65
C VAL B 124 -4.14 -35.70 30.18
N THR B 125 -4.07 -34.70 29.31
CA THR B 125 -4.04 -34.94 27.88
C THR B 125 -2.61 -34.85 27.38
N THR B 126 -2.12 -35.91 26.73
CA THR B 126 -0.76 -35.88 26.19
C THR B 126 -0.81 -36.15 24.68
N GLY B 127 0.37 -36.21 24.05
CA GLY B 127 0.44 -36.38 22.60
C GLY B 127 1.53 -35.40 22.16
N PRO B 128 1.43 -34.11 22.54
CA PRO B 128 2.47 -33.16 22.16
C PRO B 128 3.59 -33.55 23.14
N LEU B 129 4.75 -33.95 22.64
CA LEU B 129 5.82 -34.42 23.50
C LEU B 129 6.34 -33.45 24.56
N GLY B 130 6.68 -33.99 25.72
CA GLY B 130 7.20 -33.18 26.81
C GLY B 130 6.15 -32.63 27.77
N GLN B 131 4.90 -32.46 27.33
CA GLN B 131 3.87 -31.94 28.22
C GLN B 131 3.61 -32.82 29.43
N GLY B 132 3.56 -34.13 29.19
CA GLY B 132 3.30 -35.07 30.27
C GLY B 132 4.23 -35.06 31.47
N ILE B 133 5.54 -35.06 31.25
CA ILE B 133 6.51 -35.06 32.33
C ILE B 133 6.39 -33.74 33.10
N ALA B 134 6.07 -32.66 32.40
CA ALA B 134 5.92 -31.36 33.05
C ALA B 134 4.62 -31.36 33.86
N ASN B 135 3.58 -32.03 33.36
CA ASN B 135 2.30 -32.12 34.07
C ASN B 135 2.55 -32.93 35.35
N ALA B 136 3.35 -34.00 35.24
CA ALA B 136 3.63 -34.84 36.40
C ALA B 136 4.32 -34.02 37.49
N VAL B 137 5.15 -33.07 37.08
CA VAL B 137 5.82 -32.21 38.04
C VAL B 137 4.77 -31.38 38.78
N GLY B 138 3.72 -30.97 38.07
CA GLY B 138 2.65 -30.19 38.68
C GLY B 138 1.79 -31.04 39.63
N LEU B 139 1.54 -32.27 39.22
CA LEU B 139 0.78 -33.19 40.03
C LEU B 139 1.56 -33.47 41.35
N ALA B 140 2.87 -33.70 41.24
CA ALA B 140 3.70 -33.96 42.41
C ALA B 140 3.78 -32.72 43.29
N LEU B 141 3.90 -31.55 42.67
CA LEU B 141 3.94 -30.32 43.45
C LEU B 141 2.66 -30.22 44.26
N ALA B 142 1.53 -30.54 43.62
CA ALA B 142 0.22 -30.46 44.26
C ALA B 142 0.11 -31.35 45.50
N GLU B 143 0.55 -32.60 45.36
CA GLU B 143 0.55 -33.55 46.49
C GLU B 143 1.48 -33.03 47.60
N LYS B 144 2.69 -32.60 47.25
CA LYS B 144 3.63 -32.08 48.26
C LYS B 144 3.04 -30.89 49.01
N HIS B 145 2.47 -29.95 48.26
CA HIS B 145 1.84 -28.77 48.84
C HIS B 145 0.70 -29.16 49.79
N LEU B 146 -0.17 -30.05 49.32
CA LEU B 146 -1.30 -30.49 50.11
C LEU B 146 -0.88 -31.26 51.38
N ALA B 147 0.14 -32.10 51.28
CA ALA B 147 0.59 -32.84 52.45
C ALA B 147 1.13 -31.86 53.48
N ALA B 148 2.03 -31.00 53.06
CA ALA B 148 2.63 -30.04 53.96
C ALA B 148 1.58 -29.14 54.61
N ARG B 149 0.56 -28.80 53.85
CA ARG B 149 -0.46 -27.89 54.36
C ARG B 149 -1.51 -28.52 55.26
N PHE B 150 -1.90 -29.76 54.99
CA PHE B 150 -2.94 -30.40 55.79
C PHE B 150 -2.61 -31.59 56.68
N ASN B 151 -1.50 -32.26 56.42
CA ASN B 151 -1.14 -33.40 57.23
C ASN B 151 -0.87 -32.99 58.67
N LYS B 152 -1.21 -33.88 59.59
CA LYS B 152 -1.03 -33.65 61.01
C LYS B 152 -0.11 -34.74 61.54
N PRO B 153 0.56 -34.49 62.68
CA PRO B 153 1.47 -35.52 63.19
C PRO B 153 0.78 -36.87 63.43
N ASP B 154 -0.51 -36.83 63.75
CA ASP B 154 -1.28 -38.04 63.99
C ASP B 154 -2.24 -38.35 62.86
N SER B 155 -2.09 -37.65 61.73
CA SER B 155 -2.98 -37.88 60.64
C SER B 155 -2.39 -37.52 59.28
N GLU B 156 -1.92 -38.53 58.56
CA GLU B 156 -1.33 -38.31 57.25
C GLU B 156 -2.41 -38.62 56.19
N ILE B 157 -3.31 -37.67 55.96
CA ILE B 157 -4.38 -37.88 54.98
C ILE B 157 -3.99 -37.76 53.52
N VAL B 158 -3.01 -36.92 53.18
CA VAL B 158 -2.63 -36.90 51.78
C VAL B 158 -1.26 -37.56 51.63
N ASP B 159 -1.22 -38.57 50.78
CA ASP B 159 -0.01 -39.32 50.55
C ASP B 159 -0.13 -40.17 49.29
N HIS B 160 0.34 -39.66 48.16
CA HIS B 160 0.34 -40.43 46.92
C HIS B 160 1.55 -40.11 46.04
N TYR B 161 1.92 -41.06 45.21
CA TYR B 161 3.05 -40.92 44.31
C TYR B 161 2.59 -40.55 42.91
N THR B 162 3.49 -39.95 42.13
CA THR B 162 3.19 -39.57 40.76
C THR B 162 4.16 -40.36 39.90
N TYR B 163 3.62 -41.22 39.03
CA TYR B 163 4.44 -42.03 38.14
C TYR B 163 4.30 -41.53 36.70
N VAL B 164 5.40 -41.50 35.97
CA VAL B 164 5.32 -41.04 34.60
C VAL B 164 6.27 -41.81 33.71
N ILE B 165 5.81 -42.12 32.50
CA ILE B 165 6.63 -42.83 31.53
C ILE B 165 6.91 -41.89 30.36
N LEU B 166 8.19 -41.69 30.06
CA LEU B 166 8.57 -40.82 28.93
C LEU B 166 9.57 -41.50 28.01
N GLY B 167 9.64 -41.01 26.78
CA GLY B 167 10.55 -41.57 25.80
C GLY B 167 11.60 -40.57 25.39
N ASP B 168 12.38 -40.92 24.38
CA ASP B 168 13.45 -40.06 23.89
C ASP B 168 12.90 -38.74 23.40
N GLY B 169 11.74 -38.78 22.74
CA GLY B 169 11.14 -37.54 22.25
C GLY B 169 10.93 -36.52 23.37
N CYS B 170 10.37 -36.96 24.49
CA CYS B 170 10.16 -36.07 25.63
C CYS B 170 11.49 -35.57 26.19
N GLN B 171 12.51 -36.43 26.20
CA GLN B 171 13.82 -36.07 26.72
C GLN B 171 14.54 -35.02 25.91
N MET B 172 14.19 -34.90 24.64
CA MET B 172 14.81 -33.89 23.78
C MET B 172 14.15 -32.51 23.88
N GLU B 173 12.85 -32.50 24.21
CA GLU B 173 12.08 -31.27 24.32
C GLU B 173 12.53 -30.35 25.47
N GLY B 174 12.74 -29.08 25.13
CA GLY B 174 13.20 -28.15 26.14
C GLY B 174 12.29 -28.04 27.34
N ILE B 175 10.99 -28.23 27.10
CA ILE B 175 10.01 -28.11 28.17
C ILE B 175 10.26 -29.15 29.26
N ALA B 176 10.75 -30.33 28.88
CA ALA B 176 11.03 -31.36 29.87
C ALA B 176 12.19 -30.92 30.76
N ASN B 177 13.23 -30.35 30.16
CA ASN B 177 14.37 -29.91 30.95
C ASN B 177 13.96 -28.80 31.93
N GLU B 178 13.09 -27.89 31.49
CA GLU B 178 12.63 -26.82 32.36
C GLU B 178 11.92 -27.38 33.61
N ALA B 179 10.95 -28.28 33.39
CA ALA B 179 10.19 -28.84 34.49
C ALA B 179 11.02 -29.74 35.41
N CYS B 180 11.93 -30.51 34.84
CA CYS B 180 12.75 -31.40 35.64
C CYS B 180 13.79 -30.59 36.41
N SER B 181 14.15 -29.42 35.89
CA SER B 181 15.10 -28.55 36.60
C SER B 181 14.36 -28.08 37.86
N LEU B 182 13.10 -27.75 37.71
CA LEU B 182 12.26 -27.28 38.80
C LEU B 182 11.97 -28.39 39.83
N ALA B 183 11.70 -29.59 39.33
CA ALA B 183 11.38 -30.73 40.17
C ALA B 183 12.57 -31.10 41.07
N GLY B 184 13.78 -30.96 40.55
CA GLY B 184 14.96 -31.27 41.35
C GLY B 184 15.13 -30.19 42.41
N HIS B 185 14.95 -28.95 41.99
CA HIS B 185 15.06 -27.82 42.88
C HIS B 185 14.04 -27.91 44.01
N TRP B 186 12.87 -28.46 43.72
CA TRP B 186 11.82 -28.56 44.71
C TRP B 186 11.83 -29.82 45.56
N GLY B 187 12.75 -30.73 45.26
CA GLY B 187 12.84 -31.97 46.03
C GLY B 187 11.55 -32.75 46.01
N LEU B 188 11.04 -33.03 44.81
CA LEU B 188 9.80 -33.79 44.69
C LEU B 188 10.13 -35.26 44.76
N GLY B 189 10.33 -35.75 45.98
CA GLY B 189 10.69 -37.15 46.20
C GLY B 189 9.70 -38.21 45.78
N LYS B 190 8.43 -37.84 45.65
CA LYS B 190 7.42 -38.81 45.25
C LYS B 190 7.15 -38.84 43.75
N LEU B 191 7.95 -38.11 42.98
CA LEU B 191 7.80 -38.12 41.52
C LEU B 191 8.79 -39.18 41.06
N ILE B 192 8.28 -40.19 40.38
CA ILE B 192 9.10 -41.29 39.88
C ILE B 192 8.87 -41.45 38.38
N ALA B 193 9.89 -41.11 37.60
CA ALA B 193 9.80 -41.16 36.16
C ALA B 193 10.48 -42.36 35.54
N PHE B 194 9.81 -42.98 34.58
CA PHE B 194 10.38 -44.12 33.87
C PHE B 194 10.73 -43.63 32.46
N TYR B 195 12.01 -43.70 32.12
CA TYR B 195 12.48 -43.26 30.81
C TYR B 195 12.65 -44.50 29.93
N ASP B 196 11.80 -44.62 28.93
CA ASP B 196 11.89 -45.77 28.02
C ASP B 196 13.07 -45.55 27.09
N ASP B 197 14.22 -46.06 27.51
CA ASP B 197 15.45 -45.93 26.77
C ASP B 197 15.57 -47.00 25.67
N ASN B 198 14.96 -46.76 24.52
CA ASN B 198 15.02 -47.75 23.46
C ASN B 198 15.87 -47.41 22.22
N HIS B 199 16.59 -46.29 22.27
CA HIS B 199 17.46 -45.88 21.17
C HIS B 199 16.81 -45.70 19.81
N ILE B 200 15.49 -45.49 19.81
CA ILE B 200 14.76 -45.29 18.56
C ILE B 200 13.81 -44.09 18.62
N SER B 201 13.74 -43.33 17.53
CA SER B 201 12.80 -42.22 17.48
C SER B 201 12.24 -42.35 16.07
N ILE B 202 11.47 -41.39 15.59
CA ILE B 202 10.90 -41.53 14.25
C ILE B 202 11.93 -41.51 13.11
N ASP B 203 12.99 -40.72 13.25
CA ASP B 203 14.01 -40.66 12.23
C ASP B 203 14.92 -41.89 12.28
N GLY B 204 14.65 -42.80 13.22
CA GLY B 204 15.48 -43.99 13.31
C GLY B 204 16.32 -44.01 14.57
N ASP B 205 17.55 -44.53 14.46
CA ASP B 205 18.43 -44.62 15.63
C ASP B 205 18.70 -43.23 16.22
N THR B 206 18.68 -43.14 17.55
CA THR B 206 18.90 -41.87 18.23
C THR B 206 20.31 -41.30 18.08
N GLU B 207 21.26 -42.13 17.67
CA GLU B 207 22.63 -41.67 17.48
C GLU B 207 22.67 -40.61 16.38
N ILE B 208 21.59 -40.53 15.61
CA ILE B 208 21.56 -39.55 14.53
C ILE B 208 21.41 -38.10 15.04
N ALA B 209 20.86 -37.92 16.23
CA ALA B 209 20.67 -36.55 16.73
C ALA B 209 20.59 -36.41 18.24
N PHE B 210 20.81 -37.51 18.95
CA PHE B 210 20.67 -37.48 20.40
C PHE B 210 21.72 -38.37 21.08
N THR B 211 22.85 -37.78 21.45
CA THR B 211 23.91 -38.56 22.08
C THR B 211 24.32 -38.03 23.45
N GLU B 212 23.53 -37.14 24.02
CA GLU B 212 23.88 -36.61 25.32
C GLU B 212 23.76 -37.70 26.40
N ASP B 213 24.40 -37.47 27.53
CA ASP B 213 24.34 -38.41 28.64
C ASP B 213 23.16 -37.94 29.49
N VAL B 214 21.99 -38.49 29.20
CA VAL B 214 20.77 -38.12 29.91
C VAL B 214 20.85 -38.28 31.44
N SER B 215 21.35 -39.43 31.90
CA SER B 215 21.43 -39.67 33.33
C SER B 215 22.25 -38.61 34.06
N THR B 216 23.40 -38.23 33.49
CA THR B 216 24.23 -37.21 34.13
C THR B 216 23.52 -35.85 34.10
N ARG B 217 22.82 -35.53 33.01
CA ARG B 217 22.11 -34.26 32.98
C ARG B 217 21.13 -34.26 34.16
N PHE B 218 20.38 -35.35 34.33
CA PHE B 218 19.43 -35.42 35.44
C PHE B 218 20.06 -35.29 36.82
N GLU B 219 21.23 -35.88 37.02
CA GLU B 219 21.91 -35.74 38.30
C GLU B 219 22.22 -34.27 38.49
N ALA B 220 22.65 -33.59 37.41
CA ALA B 220 22.97 -32.16 37.49
C ALA B 220 21.75 -31.33 37.90
N LEU B 221 20.56 -31.83 37.54
CA LEU B 221 19.30 -31.16 37.85
C LEU B 221 18.81 -31.46 39.27
N GLY B 222 19.49 -32.37 39.95
CA GLY B 222 19.12 -32.70 41.32
C GLY B 222 18.26 -33.95 41.48
N TRP B 223 18.30 -34.82 40.47
CA TRP B 223 17.54 -36.05 40.48
C TRP B 223 18.39 -37.23 40.94
N HIS B 224 17.70 -38.24 41.50
CA HIS B 224 18.31 -39.49 41.94
C HIS B 224 18.14 -40.31 40.66
N THR B 225 19.19 -41.03 40.27
CA THR B 225 19.17 -41.81 39.03
C THR B 225 19.40 -43.31 39.18
N ILE B 226 18.68 -44.10 38.38
CA ILE B 226 18.82 -45.56 38.41
C ILE B 226 18.77 -46.09 37.00
N TRP B 227 19.54 -47.13 36.73
CA TRP B 227 19.52 -47.71 35.41
C TRP B 227 19.23 -49.20 35.43
N VAL B 228 18.12 -49.57 34.80
CA VAL B 228 17.71 -50.96 34.67
C VAL B 228 18.12 -51.32 33.23
N LYS B 229 19.12 -52.17 33.10
CA LYS B 229 19.63 -52.56 31.78
C LYS B 229 18.76 -53.54 31.00
N ASN B 230 18.00 -54.36 31.69
CA ASN B 230 17.14 -55.30 30.98
C ASN B 230 15.67 -55.04 31.23
N GLY B 231 15.12 -54.13 30.45
CA GLY B 231 13.73 -53.77 30.61
C GLY B 231 12.77 -54.71 29.91
N ASN B 232 13.30 -55.63 29.10
CA ASN B 232 12.41 -56.58 28.42
C ASN B 232 11.98 -57.74 29.30
N THR B 233 12.90 -58.26 30.11
CA THR B 233 12.58 -59.39 30.99
C THR B 233 13.09 -59.26 32.43
N GLY B 234 13.72 -58.15 32.76
CA GLY B 234 14.21 -57.99 34.12
C GLY B 234 13.16 -57.50 35.08
N TYR B 235 12.08 -58.26 35.22
CA TYR B 235 10.99 -57.89 36.12
C TYR B 235 11.47 -57.56 37.54
N ASP B 236 12.38 -58.36 38.08
CA ASP B 236 12.88 -58.10 39.42
C ASP B 236 13.79 -56.87 39.52
N ASP B 237 14.43 -56.52 38.40
CA ASP B 237 15.29 -55.34 38.39
C ASP B 237 14.40 -54.09 38.43
N ILE B 238 13.26 -54.16 37.74
CA ILE B 238 12.28 -53.07 37.73
C ILE B 238 11.71 -52.88 39.15
N ARG B 239 11.24 -53.97 39.75
CA ARG B 239 10.69 -53.95 41.11
C ARG B 239 11.69 -53.37 42.11
N ALA B 240 12.94 -53.83 42.02
CA ALA B 240 13.99 -53.36 42.92
C ALA B 240 14.23 -51.86 42.75
N ALA B 241 14.24 -51.42 41.50
CA ALA B 241 14.47 -50.00 41.20
C ALA B 241 13.40 -49.13 41.84
N ILE B 242 12.15 -49.58 41.74
CA ILE B 242 11.04 -48.81 42.31
C ILE B 242 11.19 -48.75 43.84
N LYS B 243 11.58 -49.87 44.43
CA LYS B 243 11.78 -49.95 45.86
C LYS B 243 12.83 -48.90 46.29
N GLU B 244 13.96 -48.84 45.57
CA GLU B 244 14.99 -47.87 45.92
C GLU B 244 14.50 -46.45 45.68
N ALA B 245 13.70 -46.26 44.64
CA ALA B 245 13.16 -44.93 44.33
C ALA B 245 12.28 -44.43 45.47
N LYS B 246 11.47 -45.30 46.06
CA LYS B 246 10.61 -44.86 47.13
C LYS B 246 11.41 -44.60 48.39
N ALA B 247 12.59 -45.21 48.46
CA ALA B 247 13.46 -45.02 49.62
C ALA B 247 14.13 -43.63 49.61
N VAL B 248 14.44 -43.11 48.43
CA VAL B 248 15.06 -41.77 48.34
C VAL B 248 13.91 -40.76 48.38
N THR B 249 13.71 -40.15 49.53
CA THR B 249 12.60 -39.23 49.75
C THR B 249 12.80 -37.75 49.48
N ASP B 250 14.03 -37.33 49.24
CA ASP B 250 14.26 -35.91 49.04
C ASP B 250 14.56 -35.49 47.58
N LYS B 251 14.54 -36.45 46.67
CA LYS B 251 14.82 -36.14 45.27
C LYS B 251 13.97 -36.94 44.30
N PRO B 252 13.50 -36.29 43.23
CA PRO B 252 12.69 -37.05 42.28
C PRO B 252 13.61 -38.12 41.69
N THR B 253 13.06 -39.24 41.27
CA THR B 253 13.88 -40.30 40.71
C THR B 253 13.62 -40.55 39.23
N LEU B 254 14.70 -40.70 38.47
CA LEU B 254 14.60 -41.03 37.06
C LEU B 254 15.08 -42.47 36.93
N ILE B 255 14.23 -43.34 36.43
CA ILE B 255 14.62 -44.72 36.24
C ILE B 255 14.71 -44.94 34.75
N LYS B 256 15.93 -45.08 34.25
CA LYS B 256 16.17 -45.33 32.83
C LYS B 256 15.95 -46.82 32.62
N VAL B 257 14.96 -47.18 31.82
CA VAL B 257 14.69 -48.59 31.56
C VAL B 257 14.96 -48.87 30.09
N THR B 258 16.05 -49.59 29.82
CA THR B 258 16.44 -49.92 28.46
C THR B 258 15.56 -51.03 27.92
N THR B 259 14.85 -50.76 26.83
CA THR B 259 13.99 -51.78 26.25
C THR B 259 14.18 -51.83 24.76
N THR B 260 13.55 -52.79 24.10
CA THR B 260 13.64 -52.79 22.65
C THR B 260 12.22 -52.52 22.16
N ILE B 261 12.09 -51.49 21.33
CA ILE B 261 10.80 -51.13 20.79
C ILE B 261 10.31 -52.29 19.91
N GLY B 262 9.00 -52.56 19.96
CA GLY B 262 8.45 -53.64 19.17
C GLY B 262 8.91 -55.01 19.64
N PHE B 263 9.35 -55.12 20.90
CA PHE B 263 9.81 -56.39 21.46
C PHE B 263 8.81 -57.52 21.17
N GLY B 264 9.30 -58.63 20.64
CA GLY B 264 8.42 -59.75 20.33
C GLY B 264 8.21 -59.95 18.84
N SER B 265 8.18 -58.84 18.10
CA SER B 265 8.04 -58.89 16.64
C SER B 265 9.36 -59.40 16.05
N PRO B 266 9.32 -60.58 15.40
CA PRO B 266 10.54 -61.14 14.83
C PRO B 266 11.19 -60.30 13.73
N ASN B 267 10.41 -59.56 12.95
CA ASN B 267 11.02 -58.78 11.89
C ASN B 267 10.96 -57.28 12.01
N LYS B 268 10.24 -56.76 13.00
CA LYS B 268 10.13 -55.30 13.12
C LYS B 268 10.62 -54.72 14.42
N ALA B 269 11.08 -55.56 15.32
CA ALA B 269 11.61 -55.10 16.59
C ALA B 269 12.89 -54.30 16.36
N ASN B 270 13.13 -53.32 17.23
CA ASN B 270 14.33 -52.52 17.17
C ASN B 270 14.49 -51.70 15.89
N SER B 271 13.38 -51.37 15.23
CA SER B 271 13.44 -50.57 14.02
C SER B 271 12.37 -49.48 14.09
N TYR B 272 12.52 -48.43 13.29
CA TYR B 272 11.57 -47.34 13.29
C TYR B 272 10.23 -47.75 12.68
N SER B 273 10.26 -48.83 11.90
CA SER B 273 9.05 -49.33 11.24
C SER B 273 7.94 -49.70 12.22
N VAL B 274 8.31 -50.11 13.43
CA VAL B 274 7.34 -50.53 14.42
C VAL B 274 6.88 -49.41 15.37
N HIS B 275 7.45 -48.22 15.19
CA HIS B 275 7.08 -47.10 16.03
C HIS B 275 5.62 -46.67 15.87
N GLY B 276 5.24 -46.36 14.63
CA GLY B 276 3.91 -45.86 14.42
C GLY B 276 3.03 -46.35 13.27
N SER B 277 3.01 -47.64 13.04
CA SER B 277 2.13 -48.17 12.01
C SER B 277 1.81 -49.60 12.38
N ALA B 278 0.69 -50.09 11.87
CA ALA B 278 0.24 -51.44 12.16
C ALA B 278 1.28 -52.46 11.68
N LEU B 279 1.47 -53.51 12.46
CA LEU B 279 2.43 -54.54 12.09
C LEU B 279 2.10 -55.17 10.73
N GLY B 280 0.82 -55.42 10.49
CA GLY B 280 0.42 -56.03 9.24
C GLY B 280 0.09 -57.49 9.50
N ALA B 281 -0.87 -58.02 8.76
CA ALA B 281 -1.32 -59.40 8.93
C ALA B 281 -0.20 -60.45 9.10
N LYS B 282 0.72 -60.48 8.14
CA LYS B 282 1.82 -61.44 8.15
C LYS B 282 2.72 -61.30 9.38
N GLU B 283 3.10 -60.07 9.72
CA GLU B 283 3.95 -59.87 10.88
C GLU B 283 3.19 -60.13 12.20
N VAL B 284 1.87 -59.94 12.20
CA VAL B 284 1.09 -60.21 13.41
C VAL B 284 1.11 -61.72 13.68
N GLU B 285 0.94 -62.51 12.62
CA GLU B 285 0.95 -63.98 12.71
C GLU B 285 2.34 -64.42 13.19
N ALA B 286 3.38 -63.89 12.57
CA ALA B 286 4.74 -64.22 12.94
C ALA B 286 5.03 -63.84 14.39
N THR B 287 4.45 -62.72 14.84
CA THR B 287 4.67 -62.28 16.21
C THR B 287 3.92 -63.18 17.20
N ARG B 288 2.73 -63.62 16.81
CA ARG B 288 1.96 -64.52 17.66
C ARG B 288 2.72 -65.82 17.81
N GLN B 289 3.29 -66.31 16.71
CA GLN B 289 4.05 -67.55 16.77
C GLN B 289 5.31 -67.36 17.65
N ASN B 290 6.05 -66.30 17.40
CA ASN B 290 7.27 -66.02 18.16
C ASN B 290 7.09 -65.95 19.69
N LEU B 291 6.01 -65.32 20.15
CA LEU B 291 5.73 -65.22 21.58
C LEU B 291 4.94 -66.43 22.08
N GLY B 292 4.40 -67.22 21.17
CA GLY B 292 3.62 -68.38 21.58
C GLY B 292 2.24 -67.94 22.05
N TRP B 293 1.60 -67.10 21.26
CA TRP B 293 0.29 -66.58 21.60
C TRP B 293 -0.74 -67.21 20.69
N PRO B 294 -1.33 -68.33 21.12
CA PRO B 294 -2.34 -69.01 20.30
C PRO B 294 -3.60 -68.18 20.21
N TYR B 295 -4.02 -67.69 21.38
CA TYR B 295 -5.23 -66.89 21.50
C TYR B 295 -5.47 -65.97 20.32
N ASP B 296 -6.74 -65.71 20.03
CA ASP B 296 -7.03 -64.84 18.92
C ASP B 296 -7.34 -63.41 19.34
N THR B 297 -7.66 -62.61 18.34
CA THR B 297 -7.98 -61.20 18.45
C THR B 297 -8.66 -60.68 19.72
N PHE B 298 -7.99 -59.75 20.41
CA PHE B 298 -8.48 -59.10 21.63
C PHE B 298 -8.85 -60.08 22.71
N PHE B 299 -8.06 -61.14 22.87
CA PHE B 299 -8.38 -62.14 23.87
C PHE B 299 -7.63 -62.01 25.19
N VAL B 300 -8.35 -62.10 26.30
CA VAL B 300 -7.74 -62.02 27.62
C VAL B 300 -7.89 -63.41 28.26
N PRO B 301 -6.78 -64.15 28.38
CA PRO B 301 -6.87 -65.49 28.99
C PRO B 301 -7.60 -65.40 30.33
N GLU B 302 -8.41 -66.41 30.62
CA GLU B 302 -9.16 -66.46 31.87
C GLU B 302 -8.31 -66.38 33.15
N ASP B 303 -7.13 -66.99 33.14
CA ASP B 303 -6.31 -66.94 34.34
C ASP B 303 -5.72 -65.57 34.58
N VAL B 304 -5.50 -64.82 33.49
CA VAL B 304 -4.98 -63.47 33.59
C VAL B 304 -6.11 -62.58 34.09
N LYS B 305 -7.29 -62.76 33.49
CA LYS B 305 -8.47 -62.00 33.85
C LYS B 305 -8.75 -62.18 35.34
N SER B 306 -8.69 -63.43 35.78
CA SER B 306 -8.91 -63.75 37.17
C SER B 306 -7.90 -63.06 38.10
N HIS B 307 -6.63 -63.09 37.73
CA HIS B 307 -5.58 -62.46 38.52
C HIS B 307 -5.79 -60.96 38.68
N TRP B 308 -6.20 -60.31 37.59
CA TRP B 308 -6.41 -58.87 37.59
C TRP B 308 -7.67 -58.44 38.29
N SER B 309 -8.65 -59.32 38.36
CA SER B 309 -9.92 -58.97 39.00
C SER B 309 -9.84 -58.60 40.48
N ARG B 310 -8.76 -59.00 41.16
CA ARG B 310 -8.64 -58.69 42.59
C ARG B 310 -8.56 -57.18 42.86
N HIS B 311 -8.18 -56.41 41.84
CA HIS B 311 -8.05 -54.97 42.01
C HIS B 311 -9.36 -54.26 42.33
N THR B 312 -10.48 -54.87 41.96
CA THR B 312 -11.77 -54.27 42.25
C THR B 312 -12.05 -54.34 43.78
N PRO B 313 -11.99 -55.55 44.38
CA PRO B 313 -12.26 -55.53 45.83
C PRO B 313 -11.10 -54.90 46.63
N GLU B 314 -9.88 -55.09 46.17
CA GLU B 314 -8.76 -54.48 46.88
C GLU B 314 -8.86 -52.95 46.77
N GLY B 315 -9.19 -52.48 45.56
CA GLY B 315 -9.34 -51.05 45.34
C GLY B 315 -10.43 -50.50 46.24
N ALA B 316 -11.57 -51.19 46.26
CA ALA B 316 -12.66 -50.73 47.12
C ALA B 316 -12.20 -50.64 48.57
N ALA B 317 -11.41 -51.61 49.01
CA ALA B 317 -10.93 -51.63 50.39
C ALA B 317 -9.91 -50.53 50.67
N LEU B 318 -9.04 -50.22 49.71
CA LEU B 318 -8.03 -49.16 49.87
C LEU B 318 -8.73 -47.82 50.09
N GLU B 319 -9.73 -47.55 49.27
CA GLU B 319 -10.45 -46.31 49.38
C GLU B 319 -11.27 -46.22 50.67
N ALA B 320 -11.82 -47.35 51.08
CA ALA B 320 -12.62 -47.40 52.30
C ALA B 320 -11.74 -47.03 53.48
N ASP B 321 -10.50 -47.51 53.44
CA ASP B 321 -9.50 -47.25 54.47
C ASP B 321 -9.26 -45.74 54.56
N TRP B 322 -8.96 -45.13 53.42
CA TRP B 322 -8.69 -43.71 53.36
C TRP B 322 -9.91 -42.90 53.83
N ASN B 323 -11.11 -43.36 53.48
CA ASN B 323 -12.33 -42.66 53.88
C ASN B 323 -12.49 -42.64 55.39
N ALA B 324 -12.20 -43.77 56.03
CA ALA B 324 -12.27 -43.83 57.49
C ALA B 324 -11.29 -42.79 58.03
N LYS B 325 -10.05 -42.86 57.53
CA LYS B 325 -8.97 -41.96 57.93
C LYS B 325 -9.36 -40.49 57.78
N PHE B 326 -10.05 -40.16 56.69
CA PHE B 326 -10.49 -38.79 56.45
C PHE B 326 -11.63 -38.42 57.40
N ALA B 327 -12.47 -39.40 57.73
CA ALA B 327 -13.56 -39.15 58.64
C ALA B 327 -13.00 -38.78 60.03
N GLU B 328 -11.99 -39.52 60.50
CA GLU B 328 -11.37 -39.23 61.80
C GLU B 328 -10.65 -37.88 61.74
N TYR B 329 -10.14 -37.51 60.56
CA TYR B 329 -9.44 -36.23 60.38
C TYR B 329 -10.44 -35.08 60.44
N GLU B 330 -11.60 -35.28 59.85
CA GLU B 330 -12.61 -34.24 59.85
C GLU B 330 -13.20 -33.96 61.25
N LYS B 331 -13.07 -34.94 62.14
CA LYS B 331 -13.58 -34.88 63.50
C LYS B 331 -12.64 -34.07 64.42
N LYS B 332 -11.34 -34.30 64.29
CA LYS B 332 -10.34 -33.59 65.09
C LYS B 332 -10.07 -32.19 64.53
N TYR B 333 -9.76 -32.11 63.24
CA TYR B 333 -9.41 -30.86 62.60
C TYR B 333 -10.47 -30.36 61.63
N ALA B 334 -11.63 -30.03 62.17
CA ALA B 334 -12.76 -29.59 61.37
C ALA B 334 -12.48 -28.44 60.42
N ASP B 335 -11.73 -27.45 60.87
CA ASP B 335 -11.43 -26.30 60.04
C ASP B 335 -10.56 -26.67 58.83
N ASP B 336 -9.44 -27.30 59.10
CA ASP B 336 -8.54 -27.72 58.04
C ASP B 336 -9.29 -28.64 57.06
N ALA B 337 -10.11 -29.52 57.62
CA ALA B 337 -10.89 -30.46 56.81
C ALA B 337 -11.84 -29.74 55.86
N ALA B 338 -12.52 -28.72 56.36
CA ALA B 338 -13.43 -27.95 55.53
C ALA B 338 -12.70 -27.29 54.36
N THR B 339 -11.52 -26.75 54.65
CA THR B 339 -10.72 -26.08 53.63
C THR B 339 -10.22 -27.07 52.60
N LEU B 340 -9.76 -28.24 53.06
CA LEU B 340 -9.27 -29.27 52.18
C LEU B 340 -10.39 -29.76 51.27
N LYS B 341 -11.60 -29.93 51.83
CA LYS B 341 -12.74 -30.41 51.04
C LYS B 341 -13.04 -29.50 49.85
N SER B 342 -12.84 -28.20 50.02
CA SER B 342 -13.08 -27.25 48.93
C SER B 342 -12.16 -27.55 47.74
N ILE B 343 -10.91 -27.89 48.04
CA ILE B 343 -9.94 -28.19 47.00
C ILE B 343 -10.29 -29.55 46.38
N ILE B 344 -10.73 -30.47 47.22
CA ILE B 344 -11.11 -31.80 46.75
C ILE B 344 -12.37 -31.86 45.90
N THR B 345 -13.42 -31.19 46.36
CA THR B 345 -14.68 -31.24 45.64
C THR B 345 -14.86 -30.18 44.57
N GLY B 346 -14.08 -29.11 44.66
CA GLY B 346 -14.20 -28.04 43.69
C GLY B 346 -15.30 -27.07 44.07
N GLU B 347 -15.91 -27.26 45.23
CA GLU B 347 -16.97 -26.38 45.68
C GLU B 347 -16.32 -25.20 46.40
N LEU B 348 -16.45 -24.02 45.80
CA LEU B 348 -15.90 -22.79 46.35
C LEU B 348 -16.76 -22.22 47.47
N PRO B 349 -16.11 -21.67 48.50
CA PRO B 349 -16.76 -21.06 49.67
C PRO B 349 -17.82 -20.03 49.28
N THR B 350 -18.95 -20.07 49.98
CA THR B 350 -20.03 -19.12 49.73
C THR B 350 -19.53 -17.69 49.95
N GLY B 351 -19.94 -16.78 49.06
CA GLY B 351 -19.56 -15.39 49.18
C GLY B 351 -18.15 -15.00 48.77
N TRP B 352 -17.41 -15.87 48.10
CA TRP B 352 -16.06 -15.51 47.71
C TRP B 352 -16.11 -14.30 46.79
N VAL B 353 -17.18 -14.19 46.01
CA VAL B 353 -17.35 -13.08 45.08
C VAL B 353 -17.36 -11.72 45.78
N ASP B 354 -17.87 -11.66 47.00
CA ASP B 354 -17.92 -10.39 47.72
C ASP B 354 -16.54 -9.86 48.11
N ALA B 355 -15.53 -10.72 48.03
CA ALA B 355 -14.18 -10.33 48.40
C ALA B 355 -13.50 -9.47 47.32
N LEU B 356 -14.04 -9.47 46.11
CA LEU B 356 -13.44 -8.70 45.03
C LEU B 356 -13.62 -7.19 45.23
N PRO B 357 -12.58 -6.41 44.91
CA PRO B 357 -12.55 -4.95 45.03
C PRO B 357 -13.57 -4.26 44.14
N LYS B 358 -14.07 -3.11 44.57
CA LYS B 358 -15.02 -2.34 43.77
C LYS B 358 -14.39 -0.93 43.65
N TYR B 359 -14.62 -0.24 42.53
CA TYR B 359 -14.04 1.09 42.32
C TYR B 359 -15.02 2.05 41.70
N THR B 360 -14.67 3.34 41.69
CA THR B 360 -15.52 4.34 41.08
C THR B 360 -14.60 5.27 40.30
N PRO B 361 -15.17 6.10 39.42
CA PRO B 361 -14.28 7.00 38.67
C PRO B 361 -13.51 8.00 39.54
N GLU B 362 -13.80 8.03 40.85
CA GLU B 362 -13.11 8.92 41.77
C GLU B 362 -11.89 8.23 42.35
N SER B 363 -11.81 6.91 42.18
CA SER B 363 -10.68 6.13 42.68
C SER B 363 -9.44 6.55 41.89
N PRO B 364 -8.28 6.52 42.53
CA PRO B 364 -7.10 6.92 41.76
C PRO B 364 -6.78 5.95 40.62
N GLY B 365 -6.31 6.49 39.50
CA GLY B 365 -5.96 5.67 38.37
C GLY B 365 -4.80 4.74 38.69
N ASP B 366 -4.78 3.58 38.05
CA ASP B 366 -3.72 2.61 38.28
C ASP B 366 -3.62 1.65 37.09
N ALA B 367 -2.47 1.00 36.93
CA ALA B 367 -2.30 0.04 35.84
C ALA B 367 -3.09 -1.21 36.20
N THR B 368 -3.71 -1.84 35.20
CA THR B 368 -4.50 -3.03 35.48
C THR B 368 -3.64 -4.16 36.02
N ARG B 369 -2.31 -4.08 35.84
CA ARG B 369 -1.48 -5.13 36.42
C ARG B 369 -1.47 -4.99 37.96
N ASN B 370 -1.54 -3.75 38.46
CA ASN B 370 -1.56 -3.54 39.91
C ASN B 370 -2.94 -3.89 40.43
N LEU B 371 -3.97 -3.54 39.68
CA LEU B 371 -5.32 -3.85 40.11
C LEU B 371 -5.46 -5.37 40.14
N SER B 372 -4.75 -6.05 39.25
CA SER B 372 -4.78 -7.50 39.22
C SER B 372 -4.26 -8.05 40.54
N GLN B 373 -3.18 -7.48 41.04
CA GLN B 373 -2.59 -7.93 42.30
C GLN B 373 -3.56 -7.82 43.46
N GLN B 374 -4.29 -6.71 43.50
CA GLN B 374 -5.26 -6.50 44.56
C GLN B 374 -6.31 -7.62 44.52
N CYS B 375 -6.77 -7.96 43.33
CA CYS B 375 -7.76 -9.01 43.17
C CYS B 375 -7.21 -10.35 43.61
N LEU B 376 -5.98 -10.64 43.20
CA LEU B 376 -5.35 -11.90 43.58
C LEU B 376 -5.22 -12.02 45.10
N ASN B 377 -4.85 -10.92 45.76
CA ASN B 377 -4.69 -10.96 47.21
C ASN B 377 -6.03 -11.05 47.91
N ALA B 378 -7.04 -10.39 47.38
CA ALA B 378 -8.37 -10.47 47.97
C ALA B 378 -8.88 -11.90 47.83
N LEU B 379 -8.60 -12.52 46.70
CA LEU B 379 -9.05 -13.89 46.44
C LEU B 379 -8.34 -14.96 47.26
N ALA B 380 -7.06 -14.75 47.55
CA ALA B 380 -6.29 -15.73 48.31
C ALA B 380 -6.96 -16.08 49.61
N ASN B 381 -7.62 -15.09 50.21
CA ASN B 381 -8.31 -15.30 51.46
C ASN B 381 -9.55 -16.19 51.38
N VAL B 382 -10.31 -16.10 50.31
CA VAL B 382 -11.52 -16.89 50.19
C VAL B 382 -11.49 -18.12 49.28
N VAL B 383 -10.43 -18.30 48.50
CA VAL B 383 -10.36 -19.46 47.62
C VAL B 383 -9.11 -20.25 48.01
N PRO B 384 -9.28 -21.30 48.84
CA PRO B 384 -8.15 -22.12 49.30
C PRO B 384 -7.23 -22.70 48.23
N GLY B 385 -7.80 -23.03 47.08
CA GLY B 385 -7.01 -23.61 46.01
C GLY B 385 -6.25 -22.66 45.09
N LEU B 386 -6.30 -21.35 45.35
CA LEU B 386 -5.57 -20.38 44.54
C LEU B 386 -4.07 -20.52 44.84
N ILE B 387 -3.29 -20.78 43.81
CA ILE B 387 -1.85 -20.93 43.98
C ILE B 387 -1.20 -20.62 42.65
N GLY B 388 0.00 -20.06 42.69
CA GLY B 388 0.66 -19.74 41.43
C GLY B 388 1.78 -18.73 41.55
N GLY B 389 2.17 -18.16 40.43
CA GLY B 389 3.25 -17.20 40.46
C GLY B 389 3.72 -16.79 39.08
N SER B 390 4.86 -16.12 39.06
CA SER B 390 5.42 -15.61 37.82
C SER B 390 6.74 -16.26 37.44
N ALA B 391 7.06 -16.18 36.14
CA ALA B 391 8.30 -16.72 35.62
C ALA B 391 9.36 -15.64 35.71
N ASP B 392 9.90 -15.45 36.92
CA ASP B 392 10.95 -14.48 37.19
C ASP B 392 10.55 -13.05 36.93
N LEU B 393 9.25 -12.75 37.00
CA LEU B 393 8.79 -11.39 36.73
C LEU B 393 7.77 -10.94 37.78
N ALA B 394 7.89 -11.47 39.00
CA ALA B 394 6.96 -11.15 40.07
C ALA B 394 6.81 -9.66 40.36
N SER B 395 7.92 -8.93 40.25
CA SER B 395 7.95 -7.49 40.50
C SER B 395 7.38 -6.65 39.39
N SER B 396 7.17 -7.26 38.23
CA SER B 396 6.60 -6.57 37.06
C SER B 396 5.18 -7.06 36.77
N ASN B 397 4.95 -8.36 36.93
CA ASN B 397 3.63 -8.93 36.71
C ASN B 397 2.70 -8.61 37.90
N MET B 398 3.29 -8.36 39.06
CA MET B 398 2.56 -8.03 40.30
C MET B 398 1.71 -9.22 40.71
N THR B 399 2.37 -10.35 40.93
CA THR B 399 1.69 -11.59 41.26
C THR B 399 1.86 -12.13 42.68
N LEU B 400 2.65 -11.48 43.52
CA LEU B 400 2.87 -12.02 44.84
C LEU B 400 1.65 -11.90 45.76
N LEU B 401 1.38 -12.99 46.46
CA LEU B 401 0.30 -13.04 47.43
C LEU B 401 1.06 -12.61 48.68
N LYS B 402 0.85 -11.37 49.08
CA LYS B 402 1.55 -10.77 50.21
C LYS B 402 1.56 -11.50 51.55
N MET B 403 0.49 -12.22 51.85
CA MET B 403 0.37 -12.92 53.11
C MET B 403 1.04 -14.29 53.15
N PHE B 404 1.77 -14.65 52.11
CA PHE B 404 2.42 -15.95 52.10
C PHE B 404 3.86 -15.87 51.66
N GLY B 405 4.59 -16.96 51.90
CA GLY B 405 5.98 -17.03 51.49
C GLY B 405 6.03 -17.77 50.16
N ASP B 406 7.20 -18.32 49.87
CA ASP B 406 7.43 -19.06 48.65
C ASP B 406 7.43 -20.57 48.83
N PHE B 407 6.89 -21.26 47.85
CA PHE B 407 6.88 -22.70 47.84
C PHE B 407 8.32 -23.15 47.57
N GLN B 408 8.87 -24.02 48.41
CA GLN B 408 10.24 -24.55 48.26
C GLN B 408 10.23 -25.92 48.93
N LYS B 409 11.27 -26.74 48.73
CA LYS B 409 11.26 -28.06 49.34
C LYS B 409 11.01 -28.10 50.84
N ASP B 410 11.43 -27.06 51.56
CA ASP B 410 11.25 -26.97 53.01
C ASP B 410 9.99 -26.23 53.45
N THR B 411 9.37 -25.51 52.52
CA THR B 411 8.16 -24.75 52.82
C THR B 411 7.07 -25.01 51.77
N ALA B 412 6.81 -26.28 51.49
CA ALA B 412 5.83 -26.66 50.50
C ALA B 412 4.41 -26.20 50.80
N GLU B 413 4.15 -25.70 52.00
CA GLU B 413 2.79 -25.24 52.30
C GLU B 413 2.52 -23.83 51.83
N GLU B 414 3.57 -23.16 51.37
CA GLU B 414 3.44 -21.78 50.91
C GLU B 414 2.75 -21.71 49.55
N ARG B 415 2.13 -20.57 49.25
CA ARG B 415 1.37 -20.47 48.01
C ARG B 415 1.90 -19.66 46.84
N ASN B 416 3.07 -19.03 46.99
CA ASN B 416 3.66 -18.28 45.90
C ASN B 416 4.64 -19.25 45.24
N VAL B 417 4.52 -19.48 43.94
CA VAL B 417 5.42 -20.38 43.23
C VAL B 417 6.33 -19.56 42.32
N ARG B 418 7.65 -19.75 42.44
CA ARG B 418 8.61 -19.00 41.63
C ARG B 418 9.12 -19.96 40.57
N PHE B 419 8.72 -19.72 39.32
CA PHE B 419 9.08 -20.63 38.25
C PHE B 419 10.40 -20.40 37.58
N GLY B 420 11.01 -19.25 37.81
CA GLY B 420 12.25 -18.94 37.12
C GLY B 420 11.88 -18.55 35.70
N VAL B 421 12.86 -18.51 34.80
CA VAL B 421 12.59 -18.14 33.41
C VAL B 421 12.30 -19.39 32.58
N ARG B 422 11.14 -19.99 32.84
CA ARG B 422 10.70 -21.21 32.15
C ARG B 422 9.19 -21.12 31.88
N GLU B 423 8.78 -20.32 30.90
CA GLU B 423 7.37 -20.14 30.59
C GLU B 423 6.64 -21.41 30.19
N HIS B 424 7.24 -22.18 29.27
CA HIS B 424 6.59 -23.39 28.80
C HIS B 424 6.43 -24.42 29.92
N GLY B 425 7.50 -24.68 30.65
CA GLY B 425 7.37 -25.61 31.74
C GLY B 425 6.33 -25.12 32.73
N MET B 426 6.31 -23.81 32.97
CA MET B 426 5.37 -23.22 33.91
C MET B 426 3.90 -23.53 33.50
N GLY B 427 3.59 -23.33 32.24
CA GLY B 427 2.24 -23.62 31.76
C GLY B 427 1.84 -25.08 31.96
N ALA B 428 2.72 -26.00 31.59
CA ALA B 428 2.42 -27.42 31.73
C ALA B 428 2.27 -27.83 33.19
N ILE B 429 3.07 -27.21 34.04
CA ILE B 429 3.02 -27.52 35.47
C ILE B 429 1.67 -27.06 36.03
N CYS B 430 1.18 -25.91 35.57
CA CYS B 430 -0.10 -25.44 36.04
C CYS B 430 -1.23 -26.35 35.55
N ASN B 431 -1.10 -26.91 34.35
CA ASN B 431 -2.13 -27.84 33.87
C ASN B 431 -2.16 -29.03 34.82
N GLY B 432 -0.98 -29.45 35.27
CA GLY B 432 -0.92 -30.58 36.20
C GLY B 432 -1.64 -30.27 37.51
N ILE B 433 -1.40 -29.07 38.05
CA ILE B 433 -2.04 -28.65 39.29
C ILE B 433 -3.55 -28.53 39.06
N ALA B 434 -3.95 -27.85 37.99
CA ALA B 434 -5.36 -27.71 37.69
C ALA B 434 -6.04 -29.07 37.62
N LEU B 435 -5.39 -30.05 37.01
CA LEU B 435 -5.99 -31.37 36.88
C LEU B 435 -5.73 -32.34 38.05
N HIS B 436 -5.11 -31.87 39.12
CA HIS B 436 -4.89 -32.77 40.26
C HIS B 436 -6.23 -32.94 40.99
N SER B 437 -6.87 -31.81 41.27
CA SER B 437 -8.16 -31.74 41.96
C SER B 437 -8.94 -30.55 41.41
N PRO B 438 -10.27 -30.67 41.31
CA PRO B 438 -11.13 -29.60 40.79
C PRO B 438 -11.17 -28.29 41.57
N GLY B 439 -10.75 -28.31 42.84
CA GLY B 439 -10.76 -27.10 43.62
C GLY B 439 -9.52 -26.22 43.46
N PHE B 440 -8.50 -26.73 42.79
CA PHE B 440 -7.30 -25.93 42.57
C PHE B 440 -7.61 -24.84 41.53
N VAL B 441 -7.09 -23.65 41.76
CA VAL B 441 -7.26 -22.55 40.83
C VAL B 441 -5.84 -22.01 40.62
N PRO B 442 -5.06 -22.63 39.73
CA PRO B 442 -3.68 -22.14 39.51
C PRO B 442 -3.60 -21.00 38.53
N TYR B 443 -2.67 -20.08 38.80
CA TYR B 443 -2.44 -18.95 37.93
C TYR B 443 -0.94 -18.83 37.75
N CYS B 444 -0.52 -18.40 36.56
CA CYS B 444 0.88 -18.23 36.25
C CYS B 444 1.02 -16.95 35.42
N ALA B 445 2.23 -16.42 35.32
CA ALA B 445 2.39 -15.15 34.66
C ALA B 445 3.72 -14.88 34.00
N THR B 446 3.68 -13.98 33.04
CA THR B 446 4.83 -13.50 32.31
C THR B 446 4.36 -12.32 31.45
N PHE B 447 5.24 -11.74 30.65
CA PHE B 447 4.81 -10.65 29.78
C PHE B 447 3.96 -11.32 28.69
N PHE B 448 2.88 -10.66 28.29
CA PHE B 448 1.98 -11.18 27.29
C PHE B 448 2.73 -11.69 26.05
N VAL B 449 3.73 -10.96 25.60
CA VAL B 449 4.45 -11.37 24.40
C VAL B 449 5.08 -12.77 24.49
N PHE B 450 5.43 -13.20 25.70
CA PHE B 450 6.07 -14.50 25.81
C PHE B 450 5.16 -15.70 25.92
N THR B 451 3.87 -15.47 25.66
CA THR B 451 2.93 -16.56 25.63
C THR B 451 3.42 -17.42 24.48
N ASP B 452 4.10 -16.82 23.50
CA ASP B 452 4.63 -17.57 22.36
C ASP B 452 5.52 -18.76 22.83
N TYR B 453 6.30 -18.54 23.90
CA TYR B 453 7.18 -19.57 24.45
C TYR B 453 6.45 -20.74 25.03
N MET B 454 5.29 -20.46 25.61
CA MET B 454 4.49 -21.48 26.28
C MET B 454 3.17 -21.79 25.58
N ARG B 455 3.02 -21.36 24.33
CA ARG B 455 1.76 -21.61 23.61
C ARG B 455 1.35 -23.08 23.55
N GLY B 456 2.32 -23.97 23.45
CA GLY B 456 2.01 -25.40 23.41
C GLY B 456 1.20 -25.84 24.62
N ALA B 457 1.58 -25.39 25.82
CA ALA B 457 0.86 -25.78 27.02
C ALA B 457 -0.48 -25.07 27.12
N MET B 458 -0.52 -23.81 26.70
CA MET B 458 -1.79 -23.06 26.76
C MET B 458 -2.88 -23.72 25.88
N ARG B 459 -2.48 -24.17 24.69
CA ARG B 459 -3.43 -24.81 23.81
C ARG B 459 -3.96 -26.05 24.55
N ILE B 460 -3.09 -26.81 25.19
CA ILE B 460 -3.53 -27.99 25.91
C ILE B 460 -4.49 -27.62 27.03
N SER B 461 -4.30 -26.46 27.68
CA SER B 461 -5.22 -26.04 28.74
C SER B 461 -6.62 -25.97 28.16
N ALA B 462 -6.74 -25.31 27.01
CA ALA B 462 -8.00 -25.14 26.31
C ALA B 462 -8.60 -26.48 25.90
N LEU B 463 -7.77 -27.37 25.34
CA LEU B 463 -8.29 -28.64 24.89
C LEU B 463 -8.66 -29.59 26.03
N SER B 464 -7.83 -29.63 27.07
CA SER B 464 -8.09 -30.52 28.20
C SER B 464 -9.02 -29.96 29.28
N GLU B 465 -9.58 -28.78 29.02
CA GLU B 465 -10.50 -28.11 29.93
C GLU B 465 -9.93 -27.84 31.33
N ALA B 466 -8.68 -27.39 31.37
CA ALA B 466 -7.98 -27.06 32.60
C ALA B 466 -8.19 -25.57 32.87
N GLY B 467 -8.84 -25.28 33.99
CA GLY B 467 -9.12 -23.90 34.32
C GLY B 467 -7.94 -23.11 34.84
N VAL B 468 -6.88 -23.00 34.03
CA VAL B 468 -5.69 -22.24 34.44
C VAL B 468 -5.90 -20.73 34.17
N ILE B 469 -5.46 -19.88 35.09
CA ILE B 469 -5.62 -18.45 34.84
C ILE B 469 -4.27 -17.90 34.46
N TYR B 470 -4.18 -17.39 33.23
CA TYR B 470 -2.95 -16.81 32.71
C TYR B 470 -2.94 -15.29 32.89
N VAL B 471 -2.08 -14.81 33.79
CA VAL B 471 -1.94 -13.39 34.09
C VAL B 471 -0.81 -12.84 33.20
N MET B 472 -1.21 -12.13 32.15
CA MET B 472 -0.25 -11.61 31.18
C MET B 472 -0.19 -10.09 31.13
N THR B 473 0.91 -9.53 31.64
CA THR B 473 1.04 -8.08 31.69
C THR B 473 1.87 -7.48 30.56
N HIS B 474 1.90 -6.15 30.48
CA HIS B 474 2.66 -5.45 29.45
C HIS B 474 2.12 -5.87 28.10
N ASP B 475 0.80 -5.78 28.00
CA ASP B 475 0.04 -6.20 26.83
C ASP B 475 0.13 -5.46 25.52
N SER B 476 0.87 -4.35 25.44
CA SER B 476 0.95 -3.63 24.17
C SER B 476 2.16 -2.72 24.02
N ILE B 477 2.12 -1.88 22.98
CA ILE B 477 3.18 -0.91 22.73
C ILE B 477 3.26 0.02 23.92
N GLY B 478 2.24 -0.03 24.77
CA GLY B 478 2.23 0.82 25.94
C GLY B 478 3.36 0.51 26.92
N LEU B 479 4.07 -0.60 26.72
CA LEU B 479 5.17 -0.92 27.64
C LEU B 479 6.34 -0.01 27.32
N GLY B 480 6.34 0.54 26.11
CA GLY B 480 7.39 1.47 25.77
C GLY B 480 8.72 1.02 25.23
N GLU B 481 9.78 1.60 25.77
CA GLU B 481 11.18 1.38 25.37
C GLU B 481 11.76 -0.02 25.15
N ASP B 482 11.26 -1.06 25.80
CA ASP B 482 11.85 -2.38 25.57
C ASP B 482 11.80 -2.73 24.08
N GLY B 483 10.85 -2.14 23.36
CA GLY B 483 10.79 -2.37 21.92
C GLY B 483 9.97 -3.50 21.34
N PRO B 484 10.01 -3.63 20.01
CA PRO B 484 9.28 -4.66 19.26
C PRO B 484 9.46 -6.11 19.71
N THR B 485 10.64 -6.48 20.19
CA THR B 485 10.80 -7.87 20.63
C THR B 485 9.90 -8.17 21.82
N HIS B 486 9.50 -7.12 22.54
CA HIS B 486 8.67 -7.30 23.71
C HIS B 486 7.21 -6.89 23.51
N GLN B 487 6.90 -6.17 22.43
CA GLN B 487 5.53 -5.71 22.26
C GLN B 487 4.60 -6.63 21.49
N PRO B 488 3.49 -7.02 22.13
CA PRO B 488 2.53 -7.90 21.44
C PRO B 488 1.85 -7.07 20.33
N ILE B 489 1.33 -7.77 19.34
CA ILE B 489 0.65 -7.16 18.21
C ILE B 489 -0.44 -8.16 17.78
N GLU B 490 0.00 -9.34 17.37
CA GLU B 490 -0.88 -10.39 16.88
C GLU B 490 -1.42 -11.30 17.96
N HIS B 491 -0.95 -11.14 19.18
CA HIS B 491 -1.34 -12.04 20.25
C HIS B 491 -2.80 -12.10 20.65
N LEU B 492 -3.46 -10.95 20.79
CA LEU B 492 -4.87 -10.98 21.15
C LEU B 492 -5.68 -11.80 20.12
N VAL B 493 -5.54 -11.52 18.83
CA VAL B 493 -6.34 -12.28 17.88
C VAL B 493 -5.86 -13.71 17.78
N SER B 494 -4.60 -13.96 18.09
CA SER B 494 -4.10 -15.33 18.01
C SER B 494 -4.79 -16.22 19.05
N PHE B 495 -5.33 -15.59 20.09
CA PHE B 495 -6.02 -16.36 21.10
C PHE B 495 -7.54 -16.28 20.93
N ARG B 496 -8.04 -15.21 20.30
CA ARG B 496 -9.48 -15.12 20.12
C ARG B 496 -9.86 -16.21 19.12
N ALA B 497 -8.88 -16.63 18.31
CA ALA B 497 -9.12 -17.69 17.34
C ALA B 497 -9.00 -19.09 17.92
N MET B 498 -8.36 -19.24 19.07
CA MET B 498 -8.20 -20.55 19.69
C MET B 498 -9.47 -20.97 20.40
N PRO B 499 -9.95 -22.18 20.12
CA PRO B 499 -11.17 -22.66 20.76
C PRO B 499 -11.00 -22.81 22.27
N ASN B 500 -12.11 -22.62 22.99
CA ASN B 500 -12.18 -22.79 24.44
C ASN B 500 -11.17 -22.08 25.35
N ILE B 501 -10.97 -20.80 25.10
CA ILE B 501 -10.07 -20.02 25.93
C ILE B 501 -10.61 -18.60 25.92
N LEU B 502 -10.66 -17.97 27.08
CA LEU B 502 -11.16 -16.61 27.17
C LEU B 502 -10.02 -15.64 27.06
N MET B 503 -10.18 -14.62 26.22
CA MET B 503 -9.15 -13.62 26.01
C MET B 503 -9.68 -12.33 26.59
N LEU B 504 -9.43 -12.12 27.88
CA LEU B 504 -9.91 -10.93 28.59
C LEU B 504 -8.93 -9.76 28.60
N ARG B 505 -9.43 -8.57 28.30
CA ARG B 505 -8.58 -7.39 28.31
C ARG B 505 -9.30 -6.26 29.05
N PRO B 506 -9.32 -6.30 30.39
CA PRO B 506 -9.98 -5.28 31.19
C PRO B 506 -9.40 -3.88 31.02
N ALA B 507 -10.26 -2.88 31.13
CA ALA B 507 -9.85 -1.49 30.96
C ALA B 507 -9.47 -0.81 32.27
N ASP B 508 -10.15 -1.19 33.34
CA ASP B 508 -9.87 -0.57 34.63
C ASP B 508 -10.07 -1.55 35.77
N GLY B 509 -10.22 -0.99 36.96
CA GLY B 509 -10.40 -1.78 38.16
C GLY B 509 -11.67 -2.62 38.18
N ASN B 510 -12.82 -2.03 37.86
CA ASN B 510 -14.04 -2.80 37.88
C ASN B 510 -13.98 -3.93 36.87
N GLU B 511 -13.43 -3.65 35.68
CA GLU B 511 -13.33 -4.69 34.67
C GLU B 511 -12.33 -5.78 35.05
N THR B 512 -11.25 -5.41 35.74
CA THR B 512 -10.26 -6.39 36.15
C THR B 512 -10.91 -7.34 37.18
N ALA B 513 -11.62 -6.78 38.16
CA ALA B 513 -12.32 -7.59 39.16
C ALA B 513 -13.35 -8.48 38.44
N GLY B 514 -13.99 -7.94 37.41
CA GLY B 514 -14.96 -8.74 36.67
C GLY B 514 -14.25 -9.89 35.96
N ALA B 515 -13.10 -9.59 35.36
CA ALA B 515 -12.33 -10.61 34.66
C ALA B 515 -11.94 -11.74 35.63
N TYR B 516 -11.58 -11.40 36.86
CA TYR B 516 -11.24 -12.45 37.82
C TYR B 516 -12.47 -13.23 38.26
N LYS B 517 -13.64 -12.58 38.32
CA LYS B 517 -14.85 -13.30 38.71
C LYS B 517 -15.12 -14.35 37.64
N VAL B 518 -15.03 -13.94 36.38
CA VAL B 518 -15.24 -14.84 35.27
C VAL B 518 -14.21 -15.97 35.27
N ALA B 519 -12.94 -15.63 35.48
CA ALA B 519 -11.88 -16.63 35.47
C ALA B 519 -12.05 -17.70 36.54
N VAL B 520 -12.44 -17.27 37.74
CA VAL B 520 -12.63 -18.21 38.83
C VAL B 520 -13.85 -19.11 38.56
N LEU B 521 -14.93 -18.53 38.04
CA LEU B 521 -16.12 -19.29 37.74
C LEU B 521 -15.94 -20.32 36.62
N ASN B 522 -15.01 -20.07 35.69
CA ASN B 522 -14.78 -21.02 34.60
C ASN B 522 -13.70 -21.99 34.97
N ARG B 523 -14.06 -23.08 35.64
CA ARG B 523 -13.07 -24.07 36.04
C ARG B 523 -12.80 -25.08 34.91
N LYS B 524 -13.59 -24.99 33.85
CA LYS B 524 -13.46 -25.90 32.72
C LYS B 524 -12.98 -25.24 31.45
N ARG B 525 -12.53 -24.01 31.58
CA ARG B 525 -12.03 -23.27 30.44
C ARG B 525 -11.00 -22.27 30.93
N PRO B 526 -9.79 -22.30 30.35
CA PRO B 526 -8.75 -21.36 30.78
C PRO B 526 -9.09 -19.91 30.42
N SER B 527 -8.50 -18.98 31.16
CA SER B 527 -8.70 -17.56 30.95
C SER B 527 -7.35 -16.87 30.86
N ILE B 528 -7.23 -15.93 29.93
CA ILE B 528 -6.00 -15.15 29.78
C ILE B 528 -6.41 -13.72 30.10
N LEU B 529 -5.59 -13.03 30.90
CA LEU B 529 -5.86 -11.64 31.21
C LEU B 529 -4.73 -10.76 30.69
N ALA B 530 -5.07 -9.90 29.73
CA ALA B 530 -4.09 -8.98 29.17
C ALA B 530 -4.14 -7.73 30.04
N LEU B 531 -3.06 -7.50 30.78
CA LEU B 531 -2.96 -6.37 31.71
C LEU B 531 -1.93 -5.30 31.27
N SER B 532 -2.19 -4.06 31.62
CA SER B 532 -1.30 -2.97 31.22
C SER B 532 -0.14 -2.70 32.16
N ARG B 533 0.89 -2.07 31.59
CA ARG B 533 2.10 -1.68 32.29
C ARG B 533 1.78 -0.29 32.84
N GLN B 534 1.21 0.55 31.98
CA GLN B 534 0.88 1.93 32.28
C GLN B 534 -0.43 2.18 33.04
N LYS B 535 -0.46 3.29 33.76
CA LYS B 535 -1.64 3.64 34.54
C LYS B 535 -2.81 4.07 33.68
N LEU B 536 -4.00 3.61 34.05
CA LEU B 536 -5.24 3.88 33.34
C LEU B 536 -6.27 4.43 34.32
N PRO B 537 -7.13 5.33 33.86
CA PRO B 537 -8.14 5.88 34.79
C PRO B 537 -9.29 4.91 35.00
N HIS B 538 -10.07 5.11 36.07
CA HIS B 538 -11.23 4.27 36.30
C HIS B 538 -12.32 4.97 35.50
N LEU B 539 -13.04 4.22 34.69
CA LEU B 539 -14.06 4.82 33.86
C LEU B 539 -15.47 4.67 34.36
N PRO B 540 -16.31 5.66 34.05
CA PRO B 540 -17.70 5.58 34.48
C PRO B 540 -18.35 4.55 33.54
N GLY B 541 -19.25 3.73 34.06
CA GLY B 541 -19.91 2.76 33.20
C GLY B 541 -19.41 1.34 33.31
N THR B 542 -18.18 1.16 33.78
CA THR B 542 -17.62 -0.20 33.91
C THR B 542 -18.19 -0.88 35.16
N SER B 543 -18.34 -2.20 35.08
CA SER B 543 -18.88 -2.98 36.19
C SER B 543 -18.47 -4.44 36.08
N ILE B 544 -18.57 -5.16 37.19
CA ILE B 544 -18.26 -6.57 37.20
C ILE B 544 -19.24 -7.29 36.28
N GLU B 545 -20.53 -6.98 36.43
CA GLU B 545 -21.59 -7.61 35.63
C GLU B 545 -21.40 -7.45 34.14
N GLY B 546 -21.00 -6.25 33.73
CA GLY B 546 -20.80 -6.00 32.32
C GLY B 546 -19.79 -6.97 31.71
N VAL B 547 -18.74 -7.27 32.45
CA VAL B 547 -17.69 -8.18 31.98
C VAL B 547 -18.23 -9.56 31.66
N GLU B 548 -19.15 -10.06 32.48
CA GLU B 548 -19.75 -11.37 32.27
C GLU B 548 -20.45 -11.44 30.92
N LYS B 549 -20.81 -10.27 30.39
CA LYS B 549 -21.48 -10.18 29.11
C LYS B 549 -20.52 -10.13 27.91
N GLY B 550 -19.24 -9.86 28.18
CA GLY B 550 -18.24 -9.80 27.13
C GLY B 550 -18.19 -8.47 26.40
N GLY B 551 -19.34 -8.06 25.86
CA GLY B 551 -19.42 -6.79 25.16
C GLY B 551 -20.60 -6.06 25.75
N TYR B 552 -20.39 -4.89 26.33
CA TYR B 552 -21.48 -4.13 26.93
C TYR B 552 -21.25 -2.63 26.82
N THR B 553 -22.33 -1.86 26.92
CA THR B 553 -22.27 -0.41 26.82
C THR B 553 -21.89 0.27 28.11
N ILE B 554 -20.97 1.22 28.03
CA ILE B 554 -20.56 1.94 29.22
C ILE B 554 -21.08 3.38 29.27
N SER B 555 -21.47 3.92 28.12
CA SER B 555 -22.00 5.26 28.06
C SER B 555 -22.78 5.39 26.76
N ASP B 556 -23.98 5.98 26.85
CA ASP B 556 -24.84 6.15 25.68
C ASP B 556 -25.79 7.34 25.85
N ASN B 557 -25.84 8.22 24.84
CA ASN B 557 -26.71 9.40 24.88
C ASN B 557 -27.70 9.37 23.72
N SER B 558 -27.95 8.19 23.18
CA SER B 558 -28.85 8.03 22.05
C SER B 558 -30.22 7.54 22.56
N THR B 559 -31.21 7.50 21.67
CA THR B 559 -32.53 7.03 22.05
C THR B 559 -32.98 6.00 21.03
N GLY B 560 -33.92 5.15 21.44
CA GLY B 560 -34.46 4.13 20.55
C GLY B 560 -33.44 3.17 19.94
N ASN B 561 -32.37 2.91 20.68
CA ASN B 561 -31.32 2.00 20.25
C ASN B 561 -30.86 2.34 18.84
N LYS B 562 -30.63 3.62 18.59
CA LYS B 562 -30.16 4.06 17.28
C LYS B 562 -29.22 5.25 17.38
N PRO B 563 -27.99 5.02 17.86
CA PRO B 563 -27.03 6.12 17.97
C PRO B 563 -26.51 6.44 16.58
N ASP B 564 -25.91 7.61 16.41
CA ASP B 564 -25.38 7.97 15.10
C ASP B 564 -24.06 7.22 14.91
N LEU B 565 -23.37 6.99 16.03
CA LEU B 565 -22.07 6.34 15.98
C LEU B 565 -21.82 5.37 17.15
N ILE B 566 -21.21 4.22 16.83
CA ILE B 566 -20.85 3.25 17.87
C ILE B 566 -19.32 3.13 17.90
N VAL B 567 -18.74 3.40 19.08
CA VAL B 567 -17.28 3.31 19.27
C VAL B 567 -16.96 2.22 20.28
N MET B 568 -16.19 1.22 19.86
CA MET B 568 -15.82 0.14 20.75
C MET B 568 -14.31 0.05 20.97
N GLY B 569 -13.92 -0.43 22.15
CA GLY B 569 -12.51 -0.55 22.47
C GLY B 569 -12.27 -1.52 23.60
N THR B 570 -11.00 -1.78 23.89
CA THR B 570 -10.65 -2.70 24.96
C THR B 570 -9.47 -2.17 25.77
N GLY B 571 -9.29 -2.75 26.95
CA GLY B 571 -8.19 -2.35 27.82
C GLY B 571 -7.87 -0.86 27.82
N SER B 572 -6.59 -0.57 27.62
CA SER B 572 -6.07 0.78 27.63
C SER B 572 -6.64 1.68 26.53
N GLU B 573 -7.23 1.10 25.50
CA GLU B 573 -7.78 1.98 24.46
C GLU B 573 -9.22 2.41 24.74
N LEU B 574 -9.89 1.77 25.68
CA LEU B 574 -11.28 2.15 25.98
C LEU B 574 -11.27 3.64 26.37
N GLU B 575 -10.31 4.01 27.21
CA GLU B 575 -10.18 5.39 27.64
C GLU B 575 -10.15 6.34 26.44
N ILE B 576 -9.45 5.96 25.39
CA ILE B 576 -9.37 6.81 24.20
C ILE B 576 -10.74 6.90 23.54
N ALA B 577 -11.43 5.77 23.43
CA ALA B 577 -12.76 5.75 22.82
C ALA B 577 -13.72 6.62 23.64
N ALA B 578 -13.60 6.58 24.96
CA ALA B 578 -14.47 7.37 25.83
C ALA B 578 -14.24 8.87 25.67
N LYS B 579 -12.98 9.24 25.52
CA LYS B 579 -12.59 10.63 25.36
C LYS B 579 -13.08 11.15 24.00
N ALA B 580 -12.96 10.33 22.97
CA ALA B 580 -13.40 10.71 21.63
C ALA B 580 -14.92 10.89 21.59
N ALA B 581 -15.64 10.04 22.30
CA ALA B 581 -17.11 10.13 22.32
C ALA B 581 -17.58 11.44 22.93
N ASP B 582 -16.87 11.91 23.95
CA ASP B 582 -17.23 13.17 24.58
C ASP B 582 -17.09 14.31 23.57
N GLU B 583 -15.99 14.31 22.82
CA GLU B 583 -15.77 15.34 21.82
C GLU B 583 -16.92 15.34 20.84
N LEU B 584 -17.20 14.16 20.26
CA LEU B 584 -18.25 14.03 19.26
C LEU B 584 -19.64 14.38 19.79
N ARG B 585 -19.88 14.14 21.07
CA ARG B 585 -21.19 14.46 21.61
C ARG B 585 -21.37 15.97 21.73
N LYS B 586 -20.26 16.71 21.76
CA LYS B 586 -20.33 18.16 21.83
C LYS B 586 -20.90 18.66 20.52
N GLU B 587 -20.48 18.05 19.42
CA GLU B 587 -20.96 18.43 18.09
C GLU B 587 -22.40 17.97 17.83
N GLY B 588 -23.07 17.51 18.88
CA GLY B 588 -24.46 17.08 18.76
C GLY B 588 -24.77 15.67 18.27
N LYS B 589 -23.75 14.82 18.10
CA LYS B 589 -23.99 13.45 17.64
C LYS B 589 -24.31 12.57 18.85
N THR B 590 -25.09 11.52 18.65
CA THR B 590 -25.35 10.60 19.75
C THR B 590 -24.33 9.46 19.56
N VAL B 591 -23.57 9.17 20.60
CA VAL B 591 -22.55 8.14 20.52
C VAL B 591 -22.66 7.10 21.64
N ARG B 592 -22.51 5.85 21.25
CA ARG B 592 -22.55 4.73 22.19
C ARG B 592 -21.13 4.17 22.33
N VAL B 593 -20.65 4.08 23.56
CA VAL B 593 -19.32 3.54 23.82
C VAL B 593 -19.44 2.13 24.37
N VAL B 594 -18.87 1.17 23.64
CA VAL B 594 -18.93 -0.23 24.01
C VAL B 594 -17.58 -0.79 24.43
N SER B 595 -17.58 -1.58 25.50
CA SER B 595 -16.38 -2.22 25.99
C SER B 595 -16.42 -3.67 25.53
N PHE B 596 -15.35 -4.14 24.92
CA PHE B 596 -15.30 -5.53 24.47
C PHE B 596 -14.27 -6.33 25.27
N VAL B 597 -14.39 -6.30 26.60
CA VAL B 597 -13.49 -7.05 27.47
C VAL B 597 -13.27 -8.45 26.90
N SER B 598 -14.30 -9.07 26.33
CA SER B 598 -14.12 -10.41 25.80
C SER B 598 -15.03 -10.73 24.65
N TRP B 599 -14.45 -11.06 23.50
CA TRP B 599 -15.20 -11.45 22.30
C TRP B 599 -15.97 -12.73 22.60
N GLU B 600 -15.29 -13.68 23.20
CA GLU B 600 -15.89 -14.98 23.53
C GLU B 600 -17.18 -14.89 24.31
N LEU B 601 -17.20 -14.08 25.36
CA LEU B 601 -18.38 -13.94 26.20
C LEU B 601 -19.53 -13.26 25.44
N PHE B 602 -19.21 -12.29 24.61
CA PHE B 602 -20.23 -11.61 23.82
C PHE B 602 -20.89 -12.56 22.82
N ASP B 603 -20.08 -13.33 22.12
CA ASP B 603 -20.62 -14.25 21.13
C ASP B 603 -21.54 -15.29 21.74
N GLU B 604 -21.38 -15.55 23.03
CA GLU B 604 -22.21 -16.55 23.72
C GLU B 604 -23.52 -15.98 24.20
N GLN B 605 -23.70 -14.67 24.05
CA GLN B 605 -24.92 -14.00 24.48
C GLN B 605 -26.05 -14.18 23.47
N SER B 606 -27.28 -13.93 23.89
CA SER B 606 -28.42 -14.09 23.02
C SER B 606 -28.42 -13.07 21.89
N ASP B 607 -29.17 -13.39 20.84
CA ASP B 607 -29.28 -12.51 19.68
C ASP B 607 -29.94 -11.19 20.11
N GLU B 608 -30.89 -11.29 21.04
CA GLU B 608 -31.59 -10.10 21.54
C GLU B 608 -30.54 -9.19 22.20
N TYR B 609 -29.74 -9.77 23.09
CA TYR B 609 -28.69 -9.00 23.76
C TYR B 609 -27.76 -8.34 22.75
N LYS B 610 -27.25 -9.12 21.81
CA LYS B 610 -26.34 -8.59 20.81
C LYS B 610 -26.96 -7.39 20.09
N GLU B 611 -28.20 -7.56 19.63
CA GLU B 611 -28.89 -6.48 18.94
C GLU B 611 -29.01 -5.24 19.83
N SER B 612 -29.14 -5.45 21.15
CA SER B 612 -29.27 -4.33 22.06
C SER B 612 -27.96 -3.55 22.26
N VAL B 613 -26.84 -4.14 21.84
CA VAL B 613 -25.55 -3.45 21.98
C VAL B 613 -25.08 -2.96 20.62
N LEU B 614 -25.18 -3.83 19.62
CA LEU B 614 -24.78 -3.48 18.26
C LEU B 614 -25.99 -3.61 17.33
N PRO B 615 -26.90 -2.62 17.38
CA PRO B 615 -28.09 -2.67 16.53
C PRO B 615 -27.71 -2.78 15.06
N ALA B 616 -28.26 -3.80 14.39
CA ALA B 616 -27.97 -4.06 12.99
C ALA B 616 -28.21 -2.84 12.09
N ALA B 617 -29.09 -1.95 12.53
CA ALA B 617 -29.41 -0.75 11.75
C ALA B 617 -28.32 0.31 11.77
N VAL B 618 -27.46 0.30 12.79
CA VAL B 618 -26.39 1.29 12.87
C VAL B 618 -25.14 0.79 12.15
N THR B 619 -24.79 1.46 11.07
CA THR B 619 -23.66 1.09 10.26
C THR B 619 -22.35 1.84 10.56
N ALA B 620 -22.46 2.99 11.22
CA ALA B 620 -21.28 3.77 11.56
C ALA B 620 -20.62 3.20 12.82
N ARG B 621 -19.60 2.36 12.61
CA ARG B 621 -18.92 1.72 13.73
C ARG B 621 -17.40 1.88 13.68
N ILE B 622 -16.83 2.14 14.85
CA ILE B 622 -15.38 2.30 14.96
C ILE B 622 -14.84 1.49 16.15
N SER B 623 -13.73 0.79 15.91
CA SER B 623 -13.10 0.02 16.99
C SER B 623 -11.68 0.52 17.07
N ILE B 624 -11.13 0.51 18.29
CA ILE B 624 -9.77 0.93 18.53
C ILE B 624 -9.14 -0.01 19.56
N GLU B 625 -8.00 -0.59 19.19
CA GLU B 625 -7.28 -1.52 20.07
C GLU B 625 -5.82 -1.57 19.64
N ALA B 626 -4.90 -1.43 20.58
CA ALA B 626 -3.47 -1.46 20.27
C ALA B 626 -3.02 -2.88 19.92
N GLY B 627 -3.50 -3.38 18.79
CA GLY B 627 -3.16 -4.71 18.34
C GLY B 627 -3.60 -4.87 16.90
N SER B 628 -3.48 -6.08 16.37
CA SER B 628 -3.88 -6.36 15.00
C SER B 628 -5.36 -6.03 14.74
N THR B 629 -5.68 -5.56 13.53
CA THR B 629 -7.09 -5.24 13.22
C THR B 629 -7.84 -6.45 12.70
N LEU B 630 -7.11 -7.52 12.38
CA LEU B 630 -7.73 -8.73 11.86
C LEU B 630 -8.85 -9.28 12.74
N GLY B 631 -9.99 -9.53 12.13
CA GLY B 631 -11.10 -10.07 12.89
C GLY B 631 -12.10 -9.05 13.40
N TRP B 632 -11.69 -7.79 13.58
CA TRP B 632 -12.63 -6.78 14.08
C TRP B 632 -13.77 -6.53 13.12
N GLN B 633 -13.60 -6.98 11.88
CA GLN B 633 -14.62 -6.78 10.88
C GLN B 633 -15.95 -7.40 11.34
N LYS B 634 -15.92 -8.49 12.10
CA LYS B 634 -17.17 -9.11 12.52
C LYS B 634 -17.99 -8.22 13.44
N TYR B 635 -17.40 -7.17 13.98
CA TYR B 635 -18.14 -6.28 14.84
C TYR B 635 -18.29 -4.87 14.25
N VAL B 636 -17.31 -4.42 13.47
CA VAL B 636 -17.42 -3.07 12.92
C VAL B 636 -18.18 -3.05 11.60
N GLY B 637 -18.46 -4.23 11.05
CA GLY B 637 -19.17 -4.30 9.79
C GLY B 637 -18.31 -3.99 8.58
N ALA B 638 -18.93 -4.10 7.40
CA ALA B 638 -18.23 -3.84 6.15
C ALA B 638 -17.96 -2.34 5.95
N GLN B 639 -18.88 -1.51 6.42
CA GLN B 639 -18.69 -0.07 6.31
C GLN B 639 -17.99 0.54 7.54
N GLY B 640 -17.74 -0.27 8.57
CA GLY B 640 -17.09 0.24 9.77
C GLY B 640 -15.57 0.41 9.64
N LYS B 641 -14.96 1.11 10.59
CA LYS B 641 -13.52 1.31 10.55
C LYS B 641 -12.83 0.76 11.81
N ALA B 642 -11.72 0.05 11.59
CA ALA B 642 -10.96 -0.54 12.68
C ALA B 642 -9.62 0.13 12.78
N ILE B 643 -9.35 0.75 13.92
CA ILE B 643 -8.08 1.41 14.15
C ILE B 643 -7.22 0.50 15.02
N GLY B 644 -6.06 0.14 14.50
CA GLY B 644 -5.17 -0.75 15.22
C GLY B 644 -3.75 -0.71 14.71
N ILE B 645 -2.99 -1.77 15.00
CA ILE B 645 -1.61 -1.84 14.60
C ILE B 645 -1.36 -3.14 13.88
N ASP B 646 -1.00 -3.06 12.61
CA ASP B 646 -0.73 -4.31 11.88
C ASP B 646 0.71 -4.39 11.39
N LYS B 647 1.64 -3.95 12.24
CA LYS B 647 3.07 -4.00 11.93
C LYS B 647 3.75 -4.19 13.29
N PHE B 648 5.07 -4.40 13.32
CA PHE B 648 5.76 -4.56 14.59
C PHE B 648 5.89 -3.21 15.28
N GLY B 649 6.28 -3.24 16.54
CA GLY B 649 6.41 -1.99 17.29
C GLY B 649 7.74 -1.27 17.14
N ALA B 650 8.06 -0.43 18.11
CA ALA B 650 9.28 0.36 18.10
C ALA B 650 9.82 0.58 19.52
N SER B 651 11.12 0.88 19.61
CA SER B 651 11.76 1.11 20.90
C SER B 651 11.69 2.60 21.14
N ALA B 652 10.78 3.02 22.02
CA ALA B 652 10.60 4.44 22.33
C ALA B 652 9.61 4.62 23.46
N PRO B 653 9.54 5.84 24.02
CA PRO B 653 8.59 6.09 25.10
C PRO B 653 7.20 5.75 24.53
N ALA B 654 6.36 5.12 25.33
CA ALA B 654 5.03 4.70 24.90
C ALA B 654 4.20 5.80 24.25
N GLY B 655 4.22 6.99 24.85
CA GLY B 655 3.44 8.11 24.35
C GLY B 655 3.72 8.43 22.90
N THR B 656 5.00 8.42 22.57
CA THR B 656 5.46 8.69 21.22
C THR B 656 4.99 7.59 20.29
N ILE B 657 5.00 6.34 20.73
CA ILE B 657 4.56 5.26 19.86
C ILE B 657 3.07 5.37 19.56
N TYR B 658 2.27 5.67 20.58
CA TYR B 658 0.83 5.82 20.38
C TYR B 658 0.49 6.91 19.35
N LYS B 659 1.25 8.00 19.37
CA LYS B 659 1.01 9.10 18.45
C LYS B 659 1.41 8.68 17.05
N GLU B 660 2.65 8.20 16.90
CA GLU B 660 3.16 7.78 15.60
C GLU B 660 2.32 6.70 14.95
N TYR B 661 1.66 5.86 15.74
CA TYR B 661 0.88 4.79 15.17
C TYR B 661 -0.59 5.18 15.02
N GLY B 662 -0.91 6.41 15.41
CA GLY B 662 -2.27 6.88 15.27
C GLY B 662 -3.31 6.26 16.18
N ILE B 663 -2.89 5.75 17.32
CA ILE B 663 -3.83 5.18 18.28
C ILE B 663 -4.16 6.39 19.16
N THR B 664 -4.97 7.27 18.61
CA THR B 664 -5.32 8.53 19.26
C THR B 664 -6.79 8.92 19.10
N VAL B 665 -7.21 9.86 19.94
CA VAL B 665 -8.57 10.34 19.88
C VAL B 665 -8.83 10.99 18.51
N GLU B 666 -7.84 11.73 17.99
CA GLU B 666 -8.00 12.39 16.69
C GLU B 666 -8.26 11.40 15.57
N SER B 667 -7.68 10.21 15.65
CA SER B 667 -7.90 9.23 14.60
C SER B 667 -9.33 8.75 14.62
N ILE B 668 -9.91 8.70 15.81
CA ILE B 668 -11.29 8.24 15.95
C ILE B 668 -12.21 9.29 15.35
N ILE B 669 -11.91 10.55 15.67
CA ILE B 669 -12.69 11.68 15.19
C ILE B 669 -12.59 11.80 13.67
N ALA B 670 -11.37 11.69 13.15
CA ALA B 670 -11.17 11.77 11.72
C ALA B 670 -12.01 10.71 11.01
N ALA B 671 -12.01 9.50 11.57
CA ALA B 671 -12.79 8.40 10.99
C ALA B 671 -14.29 8.58 11.17
N ALA B 672 -14.68 9.24 12.25
CA ALA B 672 -16.09 9.47 12.51
C ALA B 672 -16.68 10.41 11.45
N LYS B 673 -15.86 11.32 10.94
CA LYS B 673 -16.31 12.28 9.93
C LYS B 673 -16.21 11.74 8.51
N SER B 674 -16.06 10.42 8.40
CA SER B 674 -15.96 9.76 7.10
C SER B 674 -17.30 9.09 6.83
N PHE B 675 -18.19 9.14 7.82
CA PHE B 675 -19.52 8.53 7.70
C PHE B 675 -20.56 9.57 7.34
N ALA C 10 -5.13 9.46 -32.45
CA ALA C 10 -4.53 9.90 -33.74
C ALA C 10 -4.49 8.76 -34.76
N ALA C 11 -4.93 9.03 -35.98
CA ALA C 11 -4.95 8.02 -37.02
C ALA C 11 -3.54 7.58 -37.33
N THR C 12 -3.42 6.35 -37.79
CA THR C 12 -2.12 5.81 -38.12
C THR C 12 -2.22 4.70 -39.17
N GLY C 13 -1.09 4.37 -39.78
CA GLY C 13 -1.06 3.32 -40.77
C GLY C 13 -2.01 3.50 -41.94
N GLU C 14 -2.72 2.43 -42.30
CA GLU C 14 -3.65 2.51 -43.41
C GLU C 14 -4.82 3.45 -43.15
N LEU C 15 -5.23 3.62 -41.89
CA LEU C 15 -6.33 4.52 -41.60
C LEU C 15 -5.91 5.95 -41.92
N LEU C 16 -4.67 6.31 -41.54
CA LEU C 16 -4.16 7.65 -41.83
C LEU C 16 -4.07 7.88 -43.34
N GLU C 17 -3.56 6.91 -44.09
CA GLU C 17 -3.45 7.02 -45.54
C GLU C 17 -4.83 7.17 -46.20
N LYS C 18 -5.80 6.42 -45.70
CA LYS C 18 -7.17 6.47 -46.24
C LYS C 18 -7.83 7.81 -45.95
N SER C 19 -7.64 8.34 -44.75
CA SER C 19 -8.20 9.63 -44.39
C SER C 19 -7.63 10.71 -45.32
N VAL C 20 -6.31 10.78 -45.40
CA VAL C 20 -5.63 11.75 -46.25
C VAL C 20 -6.10 11.63 -47.70
N ASN C 21 -6.22 10.42 -48.19
CA ASN C 21 -6.68 10.24 -49.55
C ASN C 21 -8.16 10.56 -49.71
N THR C 22 -8.93 10.50 -48.62
CA THR C 22 -10.35 10.83 -48.71
C THR C 22 -10.40 12.31 -49.07
N ILE C 23 -9.56 13.10 -48.41
CA ILE C 23 -9.49 14.53 -48.65
C ILE C 23 -9.10 14.80 -50.10
N ARG C 24 -8.07 14.12 -50.57
CA ARG C 24 -7.65 14.31 -51.95
C ARG C 24 -8.75 14.01 -52.94
N PHE C 25 -9.45 12.91 -52.74
CA PHE C 25 -10.51 12.56 -53.68
C PHE C 25 -11.81 13.35 -53.59
N LEU C 26 -12.13 13.87 -52.41
CA LEU C 26 -13.33 14.69 -52.30
C LEU C 26 -13.06 15.93 -53.19
N ALA C 27 -11.85 16.47 -53.09
CA ALA C 27 -11.46 17.64 -53.88
C ALA C 27 -11.50 17.32 -55.36
N ILE C 28 -10.82 16.24 -55.73
CA ILE C 28 -10.78 15.82 -57.14
C ILE C 28 -12.18 15.62 -57.69
N ASP C 29 -13.04 14.91 -56.96
CA ASP C 29 -14.39 14.66 -57.46
C ASP C 29 -15.26 15.91 -57.53
N ALA C 30 -15.13 16.80 -56.52
CA ALA C 30 -15.89 18.05 -56.50
C ALA C 30 -15.54 18.88 -57.74
N VAL C 31 -14.25 19.00 -57.99
CA VAL C 31 -13.75 19.77 -59.13
C VAL C 31 -14.17 19.15 -60.45
N GLU C 32 -14.08 17.83 -60.53
CA GLU C 32 -14.47 17.11 -61.75
C GLU C 32 -15.95 17.33 -62.08
N LYS C 33 -16.80 17.27 -61.05
CA LYS C 33 -18.24 17.46 -61.25
C LYS C 33 -18.59 18.88 -61.69
N ALA C 34 -17.90 19.87 -61.14
CA ALA C 34 -18.16 21.26 -61.51
C ALA C 34 -17.42 21.59 -62.81
N ASN C 35 -16.44 20.76 -63.14
CA ASN C 35 -15.57 20.96 -64.29
C ASN C 35 -14.99 22.37 -64.16
N SER C 36 -14.72 22.75 -62.92
CA SER C 36 -14.18 24.06 -62.58
C SER C 36 -13.59 23.94 -61.18
N GLY C 37 -12.45 24.58 -60.94
CA GLY C 37 -11.86 24.49 -59.62
C GLY C 37 -10.38 24.21 -59.58
N HIS C 38 -9.87 24.08 -58.36
CA HIS C 38 -8.46 23.87 -58.11
C HIS C 38 -8.14 22.60 -57.34
N PRO C 39 -7.74 21.54 -58.05
CA PRO C 39 -7.41 20.28 -57.38
C PRO C 39 -5.96 20.18 -56.88
N GLY C 40 -5.07 20.94 -57.52
CA GLY C 40 -3.66 20.92 -57.16
C GLY C 40 -3.29 21.08 -55.70
N LEU C 41 -3.61 22.24 -55.12
CA LEU C 41 -3.30 22.52 -53.72
C LEU C 41 -3.92 21.50 -52.74
N PRO C 42 -5.23 21.21 -52.86
CA PRO C 42 -5.84 20.25 -51.93
C PRO C 42 -5.11 18.90 -52.01
N MET C 43 -4.72 18.47 -53.21
CA MET C 43 -4.02 17.20 -53.34
C MET C 43 -2.67 17.27 -52.65
N GLY C 44 -2.00 18.41 -52.77
CA GLY C 44 -0.69 18.54 -52.13
C GLY C 44 -0.71 18.81 -50.64
N CYS C 45 -1.73 19.52 -50.16
CA CYS C 45 -1.86 19.89 -48.75
C CYS C 45 -2.73 18.99 -47.87
N ALA C 46 -3.27 17.91 -48.45
CA ALA C 46 -4.13 17.00 -47.70
C ALA C 46 -3.45 16.53 -46.42
N PRO C 47 -2.16 16.17 -46.49
CA PRO C 47 -1.46 15.71 -45.29
C PRO C 47 -1.48 16.69 -44.13
N MET C 48 -1.16 17.95 -44.37
CA MET C 48 -1.18 18.90 -43.27
C MET C 48 -2.61 19.32 -42.92
N GLY C 49 -3.53 19.22 -43.87
CA GLY C 49 -4.90 19.57 -43.56
C GLY C 49 -5.40 18.58 -42.54
N HIS C 50 -5.12 17.30 -42.81
CA HIS C 50 -5.53 16.23 -41.93
C HIS C 50 -4.98 16.42 -40.52
N VAL C 51 -3.67 16.55 -40.41
CA VAL C 51 -3.04 16.72 -39.10
C VAL C 51 -3.64 17.89 -38.34
N LEU C 52 -3.84 18.99 -39.04
CA LEU C 52 -4.37 20.21 -38.48
C LEU C 52 -5.80 20.08 -37.95
N TYR C 53 -6.74 19.69 -38.80
CA TYR C 53 -8.11 19.54 -38.33
C TYR C 53 -8.37 18.31 -37.48
N ASP C 54 -7.66 17.23 -37.72
CA ASP C 54 -7.91 16.02 -36.95
C ASP C 54 -7.16 15.88 -35.63
N GLU C 55 -5.96 16.43 -35.54
CA GLU C 55 -5.18 16.29 -34.31
C GLU C 55 -4.83 17.56 -33.57
N VAL C 56 -4.67 18.67 -34.29
CA VAL C 56 -4.22 19.89 -33.63
C VAL C 56 -5.21 20.93 -33.16
N MET C 57 -6.07 21.38 -34.06
CA MET C 57 -7.04 22.41 -33.72
C MET C 57 -8.11 22.00 -32.74
N ARG C 58 -8.51 22.95 -31.92
CA ARG C 58 -9.58 22.78 -30.94
C ARG C 58 -10.81 23.49 -31.51
N TYR C 59 -11.93 22.79 -31.59
CA TYR C 59 -13.15 23.40 -32.11
C TYR C 59 -14.34 22.50 -31.84
N ASN C 60 -15.53 23.05 -32.00
CA ASN C 60 -16.75 22.27 -31.81
C ASN C 60 -17.42 22.33 -33.17
N PRO C 61 -17.42 21.23 -33.92
CA PRO C 61 -18.07 21.27 -35.24
C PRO C 61 -19.54 21.63 -35.20
N LYS C 62 -20.21 21.42 -34.07
CA LYS C 62 -21.62 21.76 -33.97
C LYS C 62 -21.87 23.19 -33.48
N ASN C 63 -20.80 23.91 -33.18
CA ASN C 63 -20.94 25.31 -32.80
C ASN C 63 -19.78 26.10 -33.41
N PRO C 64 -19.93 26.48 -34.68
CA PRO C 64 -18.85 27.25 -35.32
C PRO C 64 -18.65 28.65 -34.70
N TYR C 65 -19.44 28.99 -33.69
CA TYR C 65 -19.32 30.31 -33.07
C TYR C 65 -18.69 30.34 -31.70
N TRP C 66 -18.27 29.18 -31.21
CA TRP C 66 -17.64 29.10 -29.91
C TRP C 66 -16.48 30.08 -29.82
N PHE C 67 -16.61 31.06 -28.93
CA PHE C 67 -15.61 32.09 -28.75
C PHE C 67 -14.13 31.69 -28.68
N ASN C 68 -13.82 30.70 -27.86
CA ASN C 68 -12.42 30.29 -27.68
C ASN C 68 -11.91 29.20 -28.62
N ARG C 69 -12.59 28.99 -29.74
CA ARG C 69 -12.16 28.00 -30.71
C ARG C 69 -10.84 28.50 -31.34
N ASP C 70 -10.02 27.58 -31.87
CA ASP C 70 -8.80 27.99 -32.57
C ASP C 70 -9.32 28.44 -33.93
N ARG C 71 -8.60 29.34 -34.59
CA ARG C 71 -9.02 29.83 -35.90
C ARG C 71 -8.11 29.34 -37.02
N PHE C 72 -8.71 28.92 -38.12
CA PHE C 72 -7.96 28.47 -39.28
C PHE C 72 -8.35 29.38 -40.44
N VAL C 73 -7.36 29.75 -41.26
CA VAL C 73 -7.57 30.61 -42.42
C VAL C 73 -6.86 30.03 -43.62
N LEU C 74 -7.57 29.89 -44.74
CA LEU C 74 -6.92 29.42 -45.95
C LEU C 74 -6.64 30.66 -46.83
N SER C 75 -5.42 31.18 -46.72
CA SER C 75 -5.00 32.36 -47.47
C SER C 75 -4.98 32.09 -48.97
N ALA C 76 -4.50 30.90 -49.36
CA ALA C 76 -4.48 30.51 -50.78
C ALA C 76 -5.87 29.97 -51.00
N GLY C 77 -6.83 30.90 -51.09
CA GLY C 77 -8.24 30.56 -51.23
C GLY C 77 -8.71 29.68 -52.36
N HIS C 78 -8.03 29.72 -53.49
CA HIS C 78 -8.40 28.89 -54.62
C HIS C 78 -8.45 27.42 -54.21
N GLY C 79 -7.68 27.05 -53.18
CA GLY C 79 -7.68 25.66 -52.75
C GLY C 79 -8.77 25.33 -51.75
N CYS C 80 -9.87 26.05 -51.83
CA CYS C 80 -10.97 25.88 -50.90
C CYS C 80 -11.51 24.45 -50.74
N MET C 81 -11.39 23.59 -51.76
CA MET C 81 -11.89 22.23 -51.61
C MET C 81 -11.16 21.54 -50.45
N LEU C 82 -9.97 22.00 -50.11
CA LEU C 82 -9.25 21.43 -49.00
C LEU C 82 -10.06 21.71 -47.74
N GLN C 83 -10.51 22.95 -47.57
CA GLN C 83 -11.26 23.30 -46.38
C GLN C 83 -12.67 22.73 -46.34
N TYR C 84 -13.37 22.76 -47.48
CA TYR C 84 -14.71 22.19 -47.50
C TYR C 84 -14.64 20.70 -47.14
N ALA C 85 -13.63 19.99 -47.65
CA ALA C 85 -13.46 18.57 -47.38
C ALA C 85 -13.26 18.33 -45.89
N LEU C 86 -12.46 19.16 -45.24
CA LEU C 86 -12.20 19.02 -43.81
C LEU C 86 -13.44 19.38 -42.96
N LEU C 87 -14.13 20.46 -43.31
CA LEU C 87 -15.34 20.85 -42.58
C LEU C 87 -16.34 19.70 -42.66
N HIS C 88 -16.45 19.08 -43.83
CA HIS C 88 -17.36 17.97 -44.01
C HIS C 88 -16.99 16.76 -43.15
N LEU C 89 -15.72 16.38 -43.17
CA LEU C 89 -15.28 15.24 -42.38
C LEU C 89 -15.42 15.52 -40.89
N ALA C 90 -15.12 16.76 -40.49
CA ALA C 90 -15.22 17.15 -39.08
C ALA C 90 -16.65 17.16 -38.56
N GLY C 91 -17.62 17.17 -39.45
CA GLY C 91 -19.01 17.18 -38.98
C GLY C 91 -19.72 18.53 -38.92
N TYR C 92 -19.25 19.54 -39.65
CA TYR C 92 -19.92 20.83 -39.64
C TYR C 92 -21.22 20.71 -40.44
N ASP C 93 -22.29 21.28 -39.88
CA ASP C 93 -23.59 21.23 -40.56
C ASP C 93 -23.64 22.01 -41.88
N SER C 94 -22.72 22.95 -42.06
CA SER C 94 -22.73 23.76 -43.26
C SER C 94 -22.19 23.06 -44.49
N VAL C 95 -21.52 21.92 -44.33
CA VAL C 95 -21.03 21.24 -45.52
C VAL C 95 -21.38 19.75 -45.55
N LYS C 96 -22.55 19.43 -46.13
CA LYS C 96 -22.99 18.05 -46.23
C LYS C 96 -22.57 17.52 -47.58
N GLU C 97 -22.79 16.23 -47.77
CA GLU C 97 -22.42 15.56 -49.00
C GLU C 97 -22.98 16.28 -50.24
N GLU C 98 -24.24 16.70 -50.16
CA GLU C 98 -24.87 17.38 -51.27
C GLU C 98 -24.25 18.76 -51.54
N ASP C 99 -23.75 19.42 -50.49
CA ASP C 99 -23.11 20.71 -50.65
C ASP C 99 -21.80 20.50 -51.46
N LEU C 100 -21.10 19.40 -51.23
CA LEU C 100 -19.88 19.13 -51.99
C LEU C 100 -20.24 18.91 -53.43
N LYS C 101 -21.43 18.35 -53.68
CA LYS C 101 -21.84 18.12 -55.06
C LYS C 101 -22.37 19.37 -55.75
N GLN C 102 -22.41 20.49 -55.02
CA GLN C 102 -22.90 21.75 -55.55
C GLN C 102 -21.77 22.78 -55.57
N PHE C 103 -20.55 22.27 -55.48
CA PHE C 103 -19.37 23.11 -55.54
C PHE C 103 -19.44 24.04 -56.77
N ARG C 104 -19.22 25.34 -56.55
CA ARG C 104 -19.22 26.34 -57.60
C ARG C 104 -20.52 26.52 -58.37
N GLN C 105 -21.62 26.05 -57.79
CA GLN C 105 -22.94 26.18 -58.42
C GLN C 105 -23.76 27.27 -57.74
N TRP C 106 -24.68 27.87 -58.50
CA TRP C 106 -25.54 28.94 -58.01
C TRP C 106 -26.09 28.79 -56.59
N GLY C 107 -25.75 29.76 -55.75
CA GLY C 107 -26.22 29.81 -54.38
C GLY C 107 -25.89 28.67 -53.45
N SER C 108 -24.77 27.97 -53.68
CA SER C 108 -24.42 26.88 -52.80
C SER C 108 -23.58 27.38 -51.62
N ARG C 109 -23.45 26.52 -50.61
CA ARG C 109 -22.67 26.85 -49.44
C ARG C 109 -21.19 26.56 -49.70
N THR C 110 -20.88 26.17 -50.95
CA THR C 110 -19.51 25.85 -51.37
C THR C 110 -19.06 26.62 -52.62
N PRO C 111 -18.90 27.95 -52.50
CA PRO C 111 -18.46 28.80 -53.62
C PRO C 111 -17.00 28.57 -54.03
N GLY C 112 -16.62 29.05 -55.22
CA GLY C 112 -15.27 28.88 -55.73
C GLY C 112 -14.15 29.36 -54.82
N HIS C 113 -14.45 30.30 -53.94
CA HIS C 113 -13.45 30.79 -52.98
C HIS C 113 -14.17 30.85 -51.64
N PRO C 114 -13.45 30.59 -50.55
CA PRO C 114 -14.13 30.63 -49.26
C PRO C 114 -14.72 31.98 -48.84
N GLU C 115 -16.00 31.92 -48.47
CA GLU C 115 -16.74 33.11 -48.05
C GLU C 115 -17.39 32.88 -46.68
N ASN C 116 -16.98 33.68 -45.70
CA ASN C 116 -17.51 33.53 -44.36
C ASN C 116 -19.01 33.83 -44.30
N PHE C 117 -19.51 34.64 -45.21
CA PHE C 117 -20.92 34.97 -45.19
C PHE C 117 -21.81 33.92 -45.82
N GLU C 118 -21.21 32.89 -46.43
CA GLU C 118 -22.01 31.82 -47.03
C GLU C 118 -21.81 30.51 -46.23
N THR C 119 -20.66 30.39 -45.58
CA THR C 119 -20.33 29.14 -44.93
C THR C 119 -19.86 29.14 -43.49
N PRO C 120 -20.77 28.89 -42.52
CA PRO C 120 -20.42 28.85 -41.10
C PRO C 120 -19.25 27.87 -40.94
N GLY C 121 -18.15 28.33 -40.37
CA GLY C 121 -16.99 27.48 -40.23
C GLY C 121 -15.83 28.07 -41.00
N VAL C 122 -16.14 28.95 -41.95
CA VAL C 122 -15.13 29.65 -42.72
C VAL C 122 -15.06 31.02 -42.00
N GLU C 123 -13.89 31.37 -41.47
CA GLU C 123 -13.75 32.60 -40.70
C GLU C 123 -13.75 33.94 -41.45
N VAL C 124 -13.11 33.99 -42.61
CA VAL C 124 -12.98 35.23 -43.38
C VAL C 124 -13.12 34.91 -44.85
N THR C 125 -13.24 35.94 -45.68
CA THR C 125 -13.34 35.70 -47.12
C THR C 125 -11.97 35.88 -47.76
N THR C 126 -11.48 34.86 -48.45
CA THR C 126 -10.20 34.95 -49.15
C THR C 126 -10.44 34.67 -50.64
N GLY C 127 -9.37 34.76 -51.45
CA GLY C 127 -9.48 34.58 -52.89
C GLY C 127 -8.43 35.54 -53.42
N PRO C 128 -8.51 36.81 -53.01
CA PRO C 128 -7.52 37.79 -53.46
C PRO C 128 -6.29 37.40 -52.61
N LEU C 129 -5.21 36.99 -53.27
CA LEU C 129 -4.01 36.53 -52.57
C LEU C 129 -3.42 37.51 -51.59
N GLY C 130 -2.97 36.98 -50.45
CA GLY C 130 -2.35 37.82 -49.45
C GLY C 130 -3.26 38.30 -48.33
N GLN C 131 -4.56 38.42 -48.59
CA GLN C 131 -5.49 38.91 -47.57
C GLN C 131 -5.55 37.95 -46.36
N GLY C 132 -5.59 36.65 -46.64
CA GLY C 132 -5.68 35.65 -45.59
C GLY C 132 -4.63 35.76 -44.50
N ILE C 133 -3.35 35.76 -44.89
CA ILE C 133 -2.27 35.87 -43.91
C ILE C 133 -2.39 37.20 -43.12
N ALA C 134 -2.83 38.28 -43.77
CA ALA C 134 -2.96 39.56 -43.07
C ALA C 134 -4.15 39.48 -42.07
N ASN C 135 -5.23 38.83 -42.49
CA ASN C 135 -6.41 38.64 -41.63
C ASN C 135 -5.97 37.87 -40.41
N ALA C 136 -5.17 36.81 -40.62
CA ALA C 136 -4.71 35.99 -39.52
C ALA C 136 -3.95 36.84 -38.50
N VAL C 137 -3.13 37.77 -38.98
CA VAL C 137 -2.39 38.64 -38.08
C VAL C 137 -3.37 39.44 -37.21
N GLY C 138 -4.54 39.77 -37.77
CA GLY C 138 -5.52 40.51 -37.02
C GLY C 138 -6.24 39.62 -36.01
N LEU C 139 -6.51 38.38 -36.42
CA LEU C 139 -7.17 37.42 -35.53
C LEU C 139 -6.27 37.13 -34.34
N ALA C 140 -4.97 36.96 -34.57
CA ALA C 140 -4.03 36.67 -33.48
C ALA C 140 -3.84 37.91 -32.61
N LEU C 141 -3.94 39.09 -33.20
CA LEU C 141 -3.82 40.32 -32.44
C LEU C 141 -5.02 40.43 -31.49
N ALA C 142 -6.18 40.03 -31.99
CA ALA C 142 -7.40 40.08 -31.20
C ALA C 142 -7.28 39.16 -29.98
N GLU C 143 -6.81 37.94 -30.22
CA GLU C 143 -6.66 36.96 -29.15
C GLU C 143 -5.67 37.47 -28.10
N LYS C 144 -4.53 37.99 -28.54
CA LYS C 144 -3.51 38.49 -27.62
C LYS C 144 -4.04 39.68 -26.82
N HIS C 145 -4.75 40.57 -27.49
CA HIS C 145 -5.31 41.74 -26.84
C HIS C 145 -6.31 41.29 -25.77
N LEU C 146 -7.20 40.38 -26.15
CA LEU C 146 -8.21 39.87 -25.24
C LEU C 146 -7.61 39.11 -24.04
N ALA C 147 -6.59 38.29 -24.26
CA ALA C 147 -5.97 37.53 -23.17
C ALA C 147 -5.31 38.49 -22.19
N ALA C 148 -4.52 39.41 -22.71
CA ALA C 148 -3.83 40.38 -21.86
C ALA C 148 -4.81 41.25 -21.10
N ARG C 149 -5.95 41.52 -21.70
CA ARG C 149 -6.93 42.40 -21.08
C ARG C 149 -7.91 41.71 -20.13
N PHE C 150 -8.21 40.43 -20.36
CA PHE C 150 -9.17 39.75 -19.51
C PHE C 150 -8.70 38.57 -18.67
N ASN C 151 -7.61 37.92 -19.04
CA ASN C 151 -7.13 36.80 -18.26
C ASN C 151 -6.69 37.25 -16.86
N LYS C 152 -6.88 36.35 -15.90
CA LYS C 152 -6.50 36.59 -14.52
C LYS C 152 -5.48 35.54 -14.13
N PRO C 153 -4.73 35.76 -13.05
CA PRO C 153 -3.74 34.74 -12.68
C PRO C 153 -4.34 33.36 -12.43
N ASP C 154 -5.57 33.33 -11.92
CA ASP C 154 -6.25 32.07 -11.65
C ASP C 154 -7.30 31.71 -12.71
N SER C 155 -7.41 32.50 -13.77
CA SER C 155 -8.40 32.24 -14.78
C SER C 155 -7.98 32.66 -16.20
N GLU C 156 -7.52 31.71 -16.97
CA GLU C 156 -7.09 31.98 -18.33
C GLU C 156 -8.26 31.66 -19.26
N ILE C 157 -9.22 32.58 -19.39
CA ILE C 157 -10.38 32.32 -20.25
C ILE C 157 -10.15 32.47 -21.74
N VAL C 158 -9.24 33.34 -22.17
CA VAL C 158 -9.02 33.42 -23.60
C VAL C 158 -7.66 32.80 -23.89
N ASP C 159 -7.67 31.81 -24.78
CA ASP C 159 -6.46 31.11 -25.14
C ASP C 159 -6.68 30.27 -26.40
N HIS C 160 -6.39 30.84 -27.57
CA HIS C 160 -6.52 30.07 -28.80
C HIS C 160 -5.45 30.45 -29.80
N TYR C 161 -5.20 29.54 -30.73
CA TYR C 161 -4.19 29.72 -31.74
C TYR C 161 -4.78 30.08 -33.08
N THR C 162 -3.99 30.75 -33.93
CA THR C 162 -4.46 31.13 -35.26
C THR C 162 -3.60 30.38 -36.29
N TYR C 163 -4.21 29.51 -37.06
CA TYR C 163 -3.48 28.73 -38.06
C TYR C 163 -3.80 29.23 -39.46
N VAL C 164 -2.79 29.29 -40.31
CA VAL C 164 -3.01 29.77 -41.66
C VAL C 164 -2.17 29.04 -42.70
N ILE C 165 -2.79 28.71 -43.83
CA ILE C 165 -2.07 28.05 -44.90
C ILE C 165 -1.97 29.03 -46.08
N LEU C 166 -0.74 29.33 -46.52
CA LEU C 166 -0.53 30.21 -47.65
C LEU C 166 0.43 29.57 -48.66
N GLY C 167 0.37 30.05 -49.90
CA GLY C 167 1.21 29.52 -50.95
C GLY C 167 2.17 30.54 -51.50
N ASP C 168 2.76 30.24 -52.65
CA ASP C 168 3.71 31.18 -53.24
C ASP C 168 3.08 32.53 -53.60
N GLY C 169 1.83 32.51 -54.09
CA GLY C 169 1.14 33.73 -54.49
C GLY C 169 1.07 34.74 -53.37
N CYS C 170 0.69 34.29 -52.18
CA CYS C 170 0.59 35.15 -51.03
C CYS C 170 1.96 35.67 -50.62
N GLN C 171 2.99 34.86 -50.78
CA GLN C 171 4.33 35.25 -50.39
C GLN C 171 4.89 36.35 -51.28
N MET C 172 4.42 36.44 -52.51
CA MET C 172 4.92 37.46 -53.41
C MET C 172 4.24 38.81 -53.22
N GLU C 173 3.03 38.79 -52.65
CA GLU C 173 2.24 39.99 -52.44
C GLU C 173 2.74 40.89 -51.34
N GLY C 174 2.89 42.16 -51.66
CA GLY C 174 3.35 43.12 -50.67
C GLY C 174 2.54 43.15 -49.39
N ILE C 175 1.22 43.01 -49.49
CA ILE C 175 0.38 43.07 -48.29
C ILE C 175 0.82 42.02 -47.25
N ALA C 176 1.29 40.87 -47.72
CA ALA C 176 1.73 39.80 -46.84
C ALA C 176 2.99 40.24 -46.08
N ASN C 177 3.93 40.88 -46.77
CA ASN C 177 5.15 41.30 -46.10
C ASN C 177 4.83 42.36 -45.06
N GLU C 178 3.88 43.24 -45.38
CA GLU C 178 3.48 44.30 -44.46
C GLU C 178 2.92 43.68 -43.18
N ALA C 179 1.98 42.76 -43.33
CA ALA C 179 1.34 42.14 -42.19
C ALA C 179 2.32 41.27 -41.41
N CYS C 180 3.17 40.53 -42.11
CA CYS C 180 4.13 39.70 -41.40
C CYS C 180 5.23 40.49 -40.69
N SER C 181 5.49 41.71 -41.16
CA SER C 181 6.47 42.58 -40.52
C SER C 181 5.86 42.99 -39.19
N LEU C 182 4.56 43.28 -39.20
CA LEU C 182 3.87 43.70 -37.97
C LEU C 182 3.70 42.54 -36.98
N ALA C 183 3.43 41.35 -37.50
CA ALA C 183 3.27 40.18 -36.65
C ALA C 183 4.57 39.94 -35.88
N GLY C 184 5.71 40.01 -36.57
CA GLY C 184 7.00 39.81 -35.91
C GLY C 184 7.24 40.89 -34.86
N HIS C 185 6.97 42.14 -35.25
CA HIS C 185 7.15 43.24 -34.33
C HIS C 185 6.32 43.10 -33.07
N TRP C 186 5.12 42.55 -33.19
CA TRP C 186 4.21 42.36 -32.06
C TRP C 186 4.38 41.05 -31.25
N GLY C 187 5.29 40.19 -31.68
CA GLY C 187 5.51 38.94 -31.00
C GLY C 187 4.27 38.08 -30.87
N LEU C 188 3.59 37.85 -31.99
CA LEU C 188 2.38 37.03 -32.01
C LEU C 188 2.75 35.55 -32.03
N GLY C 189 3.07 35.06 -30.83
CA GLY C 189 3.48 33.67 -30.65
C GLY C 189 2.43 32.65 -31.01
N LYS C 190 1.15 33.00 -30.93
CA LYS C 190 0.13 32.02 -31.27
C LYS C 190 -0.26 31.96 -32.74
N LEU C 191 0.38 32.76 -33.58
CA LEU C 191 0.11 32.74 -35.01
C LEU C 191 1.06 31.73 -35.63
N ILE C 192 0.52 30.68 -36.23
CA ILE C 192 1.34 29.66 -36.82
C ILE C 192 0.92 29.50 -38.26
N ALA C 193 1.81 29.90 -39.17
CA ALA C 193 1.53 29.83 -40.60
C ALA C 193 2.21 28.67 -41.33
N PHE C 194 1.48 28.04 -42.25
CA PHE C 194 2.03 26.96 -43.03
C PHE C 194 2.22 27.43 -44.46
N TYR C 195 3.46 27.38 -44.95
CA TYR C 195 3.74 27.82 -46.31
C TYR C 195 3.88 26.62 -47.25
N ASP C 196 2.90 26.45 -48.13
CA ASP C 196 2.93 25.36 -49.09
C ASP C 196 3.97 25.68 -50.14
N ASP C 197 5.16 25.14 -49.94
CA ASP C 197 6.31 25.34 -50.81
C ASP C 197 6.32 24.32 -51.93
N ASN C 198 5.53 24.54 -52.97
CA ASN C 198 5.49 23.56 -54.03
C ASN C 198 6.16 23.94 -55.35
N HIS C 199 6.84 25.09 -55.35
CA HIS C 199 7.58 25.58 -56.53
C HIS C 199 6.78 25.82 -57.82
N ILE C 200 5.47 25.97 -57.68
CA ILE C 200 4.59 26.17 -58.83
C ILE C 200 3.60 27.32 -58.59
N SER C 201 3.37 28.13 -59.61
CA SER C 201 2.36 29.17 -59.51
C SER C 201 1.68 29.03 -60.88
N ILE C 202 0.81 29.95 -61.27
CA ILE C 202 0.15 29.78 -62.56
C ILE C 202 1.08 29.84 -63.76
N ASP C 203 2.07 30.74 -63.74
CA ASP C 203 3.01 30.87 -64.85
C ASP C 203 3.96 29.66 -64.94
N GLY C 204 3.86 28.75 -63.99
CA GLY C 204 4.72 27.57 -64.01
C GLY C 204 5.68 27.56 -62.86
N ASP C 205 6.88 27.03 -63.10
CA ASP C 205 7.90 26.95 -62.07
C ASP C 205 8.17 28.33 -61.47
N THR C 206 8.35 28.39 -60.16
CA THR C 206 8.59 29.67 -59.50
C THR C 206 9.94 30.32 -59.82
N GLU C 207 10.91 29.55 -60.33
CA GLU C 207 12.22 30.11 -60.64
C GLU C 207 12.12 31.16 -61.75
N ILE C 208 10.95 31.26 -62.36
CA ILE C 208 10.75 32.21 -63.44
C ILE C 208 10.62 33.66 -62.92
N ALA C 209 10.23 33.83 -61.66
CA ALA C 209 10.04 35.18 -61.11
C ALA C 209 10.11 35.26 -59.59
N PHE C 210 10.44 34.15 -58.94
CA PHE C 210 10.45 34.14 -57.49
C PHE C 210 11.59 33.26 -57.00
N THR C 211 12.73 33.88 -56.67
CA THR C 211 13.86 33.12 -56.20
C THR C 211 14.41 33.66 -54.88
N GLU C 212 13.67 34.54 -54.24
CA GLU C 212 14.15 35.09 -52.96
C GLU C 212 14.23 33.97 -51.91
N ASP C 213 14.90 34.24 -50.80
CA ASP C 213 15.02 33.28 -49.71
C ASP C 213 13.94 33.66 -48.69
N VAL C 214 12.77 33.06 -48.85
CA VAL C 214 11.64 33.33 -47.99
C VAL C 214 11.94 33.16 -46.51
N SER C 215 12.47 32.01 -46.13
CA SER C 215 12.76 31.76 -44.73
C SER C 215 13.63 32.86 -44.11
N THR C 216 14.68 33.27 -44.82
CA THR C 216 15.55 34.31 -44.28
C THR C 216 14.81 35.65 -44.19
N ARG C 217 13.93 35.93 -45.15
CA ARG C 217 13.17 37.19 -45.06
C ARG C 217 12.34 37.15 -43.76
N PHE C 218 11.68 36.03 -43.52
CA PHE C 218 10.85 35.92 -42.33
C PHE C 218 11.64 36.05 -41.03
N GLU C 219 12.85 35.51 -41.01
CA GLU C 219 13.68 35.63 -39.83
C GLU C 219 13.98 37.10 -39.65
N ALA C 220 14.20 37.81 -40.75
CA ALA C 220 14.47 39.25 -40.68
C ALA C 220 13.29 40.03 -40.10
N LEU C 221 12.08 39.51 -40.31
CA LEU C 221 10.85 40.12 -39.83
C LEU C 221 10.54 39.76 -38.38
N GLY C 222 11.36 38.90 -37.78
CA GLY C 222 11.14 38.51 -36.39
C GLY C 222 10.40 37.21 -36.18
N TRP C 223 10.33 36.40 -37.22
CA TRP C 223 9.62 35.13 -37.14
C TRP C 223 10.55 33.97 -36.79
N HIS C 224 9.96 32.95 -36.18
CA HIS C 224 10.62 31.70 -35.85
C HIS C 224 10.32 30.90 -37.12
N THR C 225 11.34 30.19 -37.61
CA THR C 225 11.21 29.44 -38.86
C THR C 225 11.53 27.96 -38.72
N ILE C 226 10.80 27.13 -39.46
CA ILE C 226 10.99 25.68 -39.46
C ILE C 226 10.81 25.19 -40.88
N TRP C 227 11.56 24.18 -41.29
CA TRP C 227 11.39 23.64 -42.62
C TRP C 227 11.14 22.14 -42.58
N VAL C 228 9.98 21.72 -43.13
CA VAL C 228 9.61 20.31 -43.23
C VAL C 228 9.80 19.95 -44.70
N LYS C 229 10.91 19.28 -45.00
CA LYS C 229 11.25 18.90 -46.37
C LYS C 229 10.36 17.90 -47.10
N ASN C 230 9.66 17.03 -46.37
CA ASN C 230 8.78 16.05 -47.01
C ASN C 230 7.34 16.19 -46.56
N GLY C 231 6.66 17.19 -47.11
CA GLY C 231 5.28 17.44 -46.76
C GLY C 231 4.29 16.48 -47.38
N ASN C 232 4.75 15.60 -48.28
CA ASN C 232 3.85 14.63 -48.91
C ASN C 232 3.55 13.43 -48.04
N THR C 233 4.57 12.89 -47.38
CA THR C 233 4.40 11.73 -46.51
C THR C 233 5.04 11.89 -45.13
N GLY C 234 5.67 13.02 -44.87
CA GLY C 234 6.29 13.21 -43.57
C GLY C 234 5.34 13.62 -42.47
N TYR C 235 4.33 12.80 -42.19
CA TYR C 235 3.34 13.12 -41.16
C TYR C 235 3.95 13.44 -39.80
N ASP C 236 4.93 12.66 -39.37
CA ASP C 236 5.56 12.90 -38.08
C ASP C 236 6.41 14.16 -38.07
N ASP C 237 6.97 14.52 -39.22
CA ASP C 237 7.75 15.76 -39.30
C ASP C 237 6.80 16.95 -39.12
N ILE C 238 5.63 16.89 -39.76
CA ILE C 238 4.62 17.94 -39.64
C ILE C 238 4.18 18.05 -38.17
N ARG C 239 3.91 16.90 -37.57
CA ARG C 239 3.50 16.84 -36.17
C ARG C 239 4.53 17.47 -35.25
N ALA C 240 5.79 17.12 -35.48
CA ALA C 240 6.90 17.63 -34.69
C ALA C 240 7.06 19.14 -34.86
N ALA C 241 6.92 19.61 -36.09
CA ALA C 241 7.05 21.04 -36.39
C ALA C 241 6.00 21.87 -35.64
N ILE C 242 4.75 21.41 -35.63
CA ILE C 242 3.70 22.12 -34.91
C ILE C 242 4.01 22.15 -33.42
N LYS C 243 4.53 21.04 -32.90
CA LYS C 243 4.87 20.94 -31.49
C LYS C 243 5.94 21.98 -31.15
N GLU C 244 6.98 22.05 -31.97
CA GLU C 244 8.03 23.04 -31.71
C GLU C 244 7.48 24.47 -31.88
N ALA C 245 6.58 24.65 -32.84
CA ALA C 245 6.00 25.97 -33.07
C ALA C 245 5.24 26.49 -31.84
N LYS C 246 4.49 25.63 -31.16
CA LYS C 246 3.73 26.08 -29.99
C LYS C 246 4.65 26.32 -28.81
N ALA C 247 5.85 25.74 -28.86
CA ALA C 247 6.83 25.91 -27.80
C ALA C 247 7.45 27.31 -27.81
N VAL C 248 7.69 27.86 -29.01
CA VAL C 248 8.25 29.21 -29.17
C VAL C 248 7.09 30.19 -28.95
N THR C 249 7.02 30.77 -27.76
CA THR C 249 5.89 31.64 -27.44
C THR C 249 5.97 33.13 -27.71
N ASP C 250 7.15 33.63 -28.02
CA ASP C 250 7.28 35.07 -28.22
C ASP C 250 7.40 35.51 -29.68
N LYS C 251 7.36 34.57 -30.60
CA LYS C 251 7.47 34.88 -32.02
C LYS C 251 6.49 34.07 -32.87
N PRO C 252 5.95 34.68 -33.94
CA PRO C 252 5.04 33.95 -34.81
C PRO C 252 5.90 32.92 -35.50
N THR C 253 5.31 31.80 -35.92
CA THR C 253 6.12 30.78 -36.57
C THR C 253 5.69 30.54 -38.00
N LEU C 254 6.68 30.35 -38.87
CA LEU C 254 6.39 30.06 -40.26
C LEU C 254 6.92 28.66 -40.53
N ILE C 255 6.03 27.75 -40.92
CA ILE C 255 6.48 26.40 -41.21
C ILE C 255 6.48 26.19 -42.71
N LYS C 256 7.67 26.09 -43.29
CA LYS C 256 7.76 25.88 -44.72
C LYS C 256 7.57 24.39 -44.97
N VAL C 257 6.50 24.03 -45.64
CA VAL C 257 6.24 22.63 -45.93
C VAL C 257 6.37 22.37 -47.42
N THR C 258 7.39 21.62 -47.81
CA THR C 258 7.62 21.35 -49.23
C THR C 258 6.70 20.23 -49.71
N THR C 259 5.88 20.51 -50.71
CA THR C 259 4.97 19.49 -51.23
C THR C 259 5.00 19.46 -52.74
N THR C 260 4.31 18.49 -53.34
CA THR C 260 4.25 18.50 -54.78
C THR C 260 2.79 18.68 -55.12
N ILE C 261 2.52 19.77 -55.84
CA ILE C 261 1.16 20.10 -56.24
C ILE C 261 0.61 18.94 -57.06
N GLY C 262 -0.67 18.63 -56.87
CA GLY C 262 -1.29 17.53 -57.59
C GLY C 262 -0.75 16.15 -57.19
N PHE C 263 -0.14 16.04 -56.01
CA PHE C 263 0.41 14.77 -55.57
C PHE C 263 -0.58 13.62 -55.70
N GLY C 264 -0.17 12.57 -56.40
CA GLY C 264 -1.05 11.42 -56.58
C GLY C 264 -1.39 11.25 -58.04
N SER C 265 -1.39 12.34 -58.78
CA SER C 265 -1.71 12.32 -60.20
C SER C 265 -0.46 11.87 -60.94
N PRO C 266 -0.54 10.70 -61.58
CA PRO C 266 0.61 10.18 -62.33
C PRO C 266 1.10 11.07 -63.47
N ASN C 267 0.20 11.77 -64.15
CA ASN C 267 0.64 12.62 -65.26
C ASN C 267 0.53 14.13 -65.07
N LYS C 268 -0.13 14.60 -64.03
CA LYS C 268 -0.28 16.05 -63.84
C LYS C 268 0.36 16.63 -62.60
N ALA C 269 0.87 15.77 -61.72
CA ALA C 269 1.52 16.25 -60.51
C ALA C 269 2.72 17.08 -60.89
N ASN C 270 3.08 18.01 -60.02
CA ASN C 270 4.23 18.84 -60.23
C ASN C 270 4.23 19.66 -61.53
N SER C 271 3.06 20.04 -62.01
CA SER C 271 3.03 20.87 -63.22
C SER C 271 1.96 21.94 -63.00
N TYR C 272 1.95 22.95 -63.85
CA TYR C 272 0.98 24.02 -63.69
C TYR C 272 -0.42 23.59 -64.15
N SER C 273 -0.49 22.50 -64.92
CA SER C 273 -1.76 22.02 -65.42
C SER C 273 -2.73 21.55 -64.34
N VAL C 274 -2.21 21.16 -63.18
CA VAL C 274 -3.06 20.70 -62.08
C VAL C 274 -3.43 21.79 -61.07
N HIS C 275 -2.94 23.00 -61.32
CA HIS C 275 -3.26 24.11 -60.43
C HIS C 275 -4.73 24.51 -60.42
N GLY C 276 -5.27 24.76 -61.62
CA GLY C 276 -6.64 25.22 -61.69
C GLY C 276 -7.60 24.74 -62.76
N SER C 277 -7.62 23.45 -63.01
CA SER C 277 -8.60 22.90 -63.94
C SER C 277 -8.80 21.45 -63.58
N ALA C 278 -9.97 20.93 -63.92
CA ALA C 278 -10.29 19.55 -63.63
C ALA C 278 -9.24 18.61 -64.22
N LEU C 279 -9.00 17.51 -63.54
CA LEU C 279 -8.04 16.52 -64.01
C LEU C 279 -8.53 15.92 -65.32
N GLY C 280 -9.84 15.72 -65.43
CA GLY C 280 -10.40 15.11 -66.61
C GLY C 280 -10.63 13.62 -66.35
N ALA C 281 -11.59 13.03 -67.05
CA ALA C 281 -11.94 11.62 -66.88
C ALA C 281 -10.76 10.66 -66.86
N LYS C 282 -9.97 10.69 -67.92
CA LYS C 282 -8.84 9.80 -68.04
C LYS C 282 -7.85 9.87 -66.88
N GLU C 283 -7.45 11.08 -66.51
CA GLU C 283 -6.49 11.26 -65.42
C GLU C 283 -7.08 10.93 -64.04
N VAL C 284 -8.38 11.10 -63.88
CA VAL C 284 -9.02 10.79 -62.60
C VAL C 284 -8.90 9.28 -62.39
N GLU C 285 -9.21 8.54 -63.46
CA GLU C 285 -9.13 7.08 -63.43
C GLU C 285 -7.68 6.68 -63.12
N ALA C 286 -6.72 7.29 -63.83
CA ALA C 286 -5.31 6.99 -63.61
C ALA C 286 -4.89 7.35 -62.19
N THR C 287 -5.48 8.41 -61.64
CA THR C 287 -5.13 8.84 -60.30
C THR C 287 -5.75 7.90 -59.26
N ARG C 288 -6.91 7.35 -59.55
CA ARG C 288 -7.52 6.43 -58.60
C ARG C 288 -6.69 5.15 -58.54
N GLN C 289 -6.23 4.69 -59.70
CA GLN C 289 -5.42 3.48 -59.72
C GLN C 289 -4.08 3.71 -59.01
N ASN C 290 -3.45 4.84 -59.30
CA ASN C 290 -2.15 5.16 -58.71
C ASN C 290 -2.17 5.22 -57.18
N LEU C 291 -3.24 5.76 -56.59
CA LEU C 291 -3.33 5.84 -55.13
C LEU C 291 -4.03 4.60 -54.56
N GLY C 292 -4.66 3.82 -55.42
CA GLY C 292 -5.35 2.63 -54.95
C GLY C 292 -6.66 3.00 -54.28
N TRP C 293 -7.43 3.81 -55.00
CA TRP C 293 -8.72 4.29 -54.52
C TRP C 293 -9.82 3.64 -55.33
N PRO C 294 -10.29 2.48 -54.89
CA PRO C 294 -11.36 1.76 -55.60
C PRO C 294 -12.67 2.52 -55.53
N TYR C 295 -12.98 2.99 -54.32
CA TYR C 295 -14.19 3.74 -54.04
C TYR C 295 -14.59 4.66 -55.17
N ASP C 296 -15.89 4.90 -55.30
CA ASP C 296 -16.34 5.78 -56.36
C ASP C 296 -16.59 7.21 -55.89
N THR C 297 -17.14 7.98 -56.81
CA THR C 297 -17.47 9.38 -56.63
C THR C 297 -18.00 9.85 -55.27
N PHE C 298 -17.30 10.81 -54.67
CA PHE C 298 -17.70 11.42 -53.40
C PHE C 298 -17.88 10.42 -52.26
N PHE C 299 -17.03 9.41 -52.23
CA PHE C 299 -17.16 8.40 -51.20
C PHE C 299 -16.25 8.56 -49.98
N VAL C 300 -16.83 8.40 -48.80
CA VAL C 300 -16.06 8.47 -47.57
C VAL C 300 -16.14 7.08 -46.92
N PRO C 301 -15.02 6.35 -46.89
CA PRO C 301 -14.95 5.00 -46.30
C PRO C 301 -15.50 5.01 -44.88
N GLU C 302 -16.29 3.99 -44.51
CA GLU C 302 -16.88 3.90 -43.17
C GLU C 302 -15.90 4.01 -42.02
N ASP C 303 -14.72 3.43 -42.16
CA ASP C 303 -13.74 3.51 -41.09
C ASP C 303 -13.17 4.92 -40.93
N VAL C 304 -13.17 5.69 -42.02
CA VAL C 304 -12.66 7.06 -41.97
C VAL C 304 -13.74 7.90 -41.30
N LYS C 305 -14.96 7.73 -41.76
CA LYS C 305 -16.13 8.44 -41.24
C LYS C 305 -16.24 8.23 -39.74
N SER C 306 -16.05 6.98 -39.33
CA SER C 306 -16.13 6.61 -37.93
C SER C 306 -15.03 7.30 -37.12
N HIS C 307 -13.82 7.31 -37.66
CA HIS C 307 -12.70 7.94 -36.98
C HIS C 307 -12.96 9.44 -36.75
N TRP C 308 -13.44 10.12 -37.79
CA TRP C 308 -13.72 11.55 -37.69
C TRP C 308 -14.92 11.92 -36.86
N SER C 309 -15.85 11.00 -36.67
CA SER C 309 -17.06 11.28 -35.91
C SER C 309 -16.83 11.62 -34.46
N ARG C 310 -15.67 11.25 -33.94
CA ARG C 310 -15.38 11.52 -32.55
C ARG C 310 -15.26 13.02 -32.27
N HIS C 311 -15.07 13.82 -33.31
CA HIS C 311 -14.94 15.26 -33.10
C HIS C 311 -16.19 15.93 -32.56
N THR C 312 -17.35 15.34 -32.85
CA THR C 312 -18.61 15.90 -32.37
C THR C 312 -18.68 15.82 -30.85
N PRO C 313 -18.57 14.60 -30.27
CA PRO C 313 -18.64 14.53 -28.80
C PRO C 313 -17.43 15.18 -28.12
N GLU C 314 -16.25 15.09 -28.74
CA GLU C 314 -15.07 15.71 -28.15
C GLU C 314 -15.17 17.23 -28.25
N GLY C 315 -15.68 17.72 -29.37
CA GLY C 315 -15.84 19.15 -29.53
C GLY C 315 -16.82 19.67 -28.48
N ALA C 316 -17.89 18.93 -28.24
CA ALA C 316 -18.90 19.35 -27.27
C ALA C 316 -18.28 19.45 -25.88
N ALA C 317 -17.44 18.48 -25.56
CA ALA C 317 -16.78 18.45 -24.26
C ALA C 317 -15.78 19.60 -24.13
N LEU C 318 -15.03 19.89 -25.21
CA LEU C 318 -14.07 21.02 -25.17
C LEU C 318 -14.81 22.31 -24.84
N GLU C 319 -15.95 22.52 -25.49
CA GLU C 319 -16.69 23.74 -25.25
C GLU C 319 -17.31 23.75 -23.86
N ALA C 320 -17.76 22.57 -23.42
CA ALA C 320 -18.40 22.42 -22.10
C ALA C 320 -17.40 22.82 -21.04
N ASP C 321 -16.19 22.35 -21.22
CA ASP C 321 -15.08 22.63 -20.34
C ASP C 321 -14.89 24.14 -20.23
N TRP C 322 -14.75 24.80 -21.39
CA TRP C 322 -14.56 26.24 -21.43
C TRP C 322 -15.74 26.98 -20.78
N ASN C 323 -16.96 26.50 -21.02
CA ASN C 323 -18.14 27.15 -20.45
C ASN C 323 -18.10 27.12 -18.93
N ALA C 324 -17.68 25.99 -18.37
CA ALA C 324 -17.58 25.89 -16.91
C ALA C 324 -16.59 26.96 -16.43
N LYS C 325 -15.46 27.05 -17.13
CA LYS C 325 -14.42 27.99 -16.81
C LYS C 325 -14.93 29.44 -16.86
N PHE C 326 -15.70 29.76 -17.88
CA PHE C 326 -16.24 31.11 -18.00
C PHE C 326 -17.24 31.38 -16.90
N ALA C 327 -18.03 30.37 -16.56
CA ALA C 327 -19.02 30.53 -15.50
C ALA C 327 -18.32 30.90 -14.20
N GLU C 328 -17.19 30.25 -13.94
CA GLU C 328 -16.42 30.51 -12.73
C GLU C 328 -15.68 31.84 -12.83
N TYR C 329 -15.49 32.35 -14.04
CA TYR C 329 -14.82 33.63 -14.27
C TYR C 329 -15.85 34.75 -14.02
N GLU C 330 -17.07 34.51 -14.46
CA GLU C 330 -18.16 35.47 -14.29
C GLU C 330 -18.53 35.79 -12.84
N LYS C 331 -18.51 34.80 -11.95
CA LYS C 331 -18.84 35.05 -10.55
C LYS C 331 -17.69 35.75 -9.80
N LYS C 332 -16.43 35.44 -10.12
CA LYS C 332 -15.30 36.10 -9.45
C LYS C 332 -15.08 37.50 -9.97
N TYR C 333 -15.03 37.62 -11.30
CA TYR C 333 -14.77 38.89 -11.96
C TYR C 333 -15.95 39.38 -12.80
N ALA C 334 -17.08 39.60 -12.14
CA ALA C 334 -18.31 40.05 -12.81
C ALA C 334 -18.18 41.28 -13.71
N ASP C 335 -17.39 42.27 -13.33
CA ASP C 335 -17.28 43.46 -14.18
C ASP C 335 -16.52 43.15 -15.47
N ASP C 336 -15.36 42.53 -15.35
CA ASP C 336 -14.59 42.18 -16.53
C ASP C 336 -15.41 41.25 -17.43
N ALA C 337 -16.17 40.35 -16.80
CA ALA C 337 -17.00 39.41 -17.53
C ALA C 337 -18.07 40.12 -18.35
N ALA C 338 -18.72 41.12 -17.75
CA ALA C 338 -19.76 41.86 -18.45
C ALA C 338 -19.15 42.58 -19.67
N THR C 339 -17.94 43.12 -19.51
CA THR C 339 -17.25 43.82 -20.58
C THR C 339 -16.85 42.85 -21.69
N LEU C 340 -16.25 41.74 -21.31
CA LEU C 340 -15.85 40.75 -22.29
C LEU C 340 -17.08 40.23 -23.03
N LYS C 341 -18.19 40.04 -22.32
CA LYS C 341 -19.42 39.55 -22.93
C LYS C 341 -19.90 40.46 -24.06
N SER C 342 -19.67 41.76 -23.93
CA SER C 342 -20.08 42.71 -24.97
C SER C 342 -19.35 42.44 -26.30
N ILE C 343 -18.08 42.08 -26.19
CA ILE C 343 -17.26 41.80 -27.34
C ILE C 343 -17.68 40.46 -27.93
N ILE C 344 -17.90 39.48 -27.06
CA ILE C 344 -18.30 38.16 -27.50
C ILE C 344 -19.67 38.10 -28.18
N THR C 345 -20.65 38.79 -27.60
CA THR C 345 -22.00 38.74 -28.18
C THR C 345 -22.27 39.78 -29.24
N GLY C 346 -21.58 40.92 -29.17
CA GLY C 346 -21.82 41.97 -30.14
C GLY C 346 -22.84 42.94 -29.59
N GLU C 347 -23.36 42.66 -28.40
CA GLU C 347 -24.34 43.55 -27.83
C GLU C 347 -23.65 44.76 -27.20
N LEU C 348 -23.92 45.93 -27.76
CA LEU C 348 -23.33 47.17 -27.29
C LEU C 348 -24.07 47.68 -26.06
N PRO C 349 -23.31 48.22 -25.09
CA PRO C 349 -23.86 48.76 -23.85
C PRO C 349 -25.00 49.77 -24.09
N THR C 350 -26.03 49.67 -23.28
CA THR C 350 -27.16 50.58 -23.39
C THR C 350 -26.71 52.02 -23.20
N GLY C 351 -27.25 52.91 -24.02
CA GLY C 351 -26.92 54.33 -23.92
C GLY C 351 -25.57 54.78 -24.46
N TRP C 352 -24.90 53.95 -25.25
CA TRP C 352 -23.61 54.36 -25.78
C TRP C 352 -23.80 55.56 -26.69
N VAL C 353 -24.97 55.66 -27.30
CA VAL C 353 -25.28 56.76 -28.20
C VAL C 353 -25.28 58.10 -27.49
N ASP C 354 -25.62 58.10 -26.21
CA ASP C 354 -25.67 59.35 -25.45
C ASP C 354 -24.31 59.98 -25.27
N ALA C 355 -23.25 59.17 -25.38
CA ALA C 355 -21.89 59.64 -25.22
C ALA C 355 -21.41 60.58 -26.32
N LEU C 356 -22.03 60.53 -27.49
CA LEU C 356 -21.61 61.36 -28.62
C LEU C 356 -21.84 62.86 -28.43
N PRO C 357 -20.84 63.68 -28.80
CA PRO C 357 -20.88 65.14 -28.68
C PRO C 357 -22.04 65.75 -29.45
N LYS C 358 -22.41 66.95 -29.07
CA LYS C 358 -23.50 67.66 -29.73
C LYS C 358 -22.98 69.09 -29.81
N TYR C 359 -23.22 69.79 -30.91
CA TYR C 359 -22.74 71.15 -31.06
C TYR C 359 -23.80 72.10 -31.56
N THR C 360 -23.52 73.39 -31.49
CA THR C 360 -24.46 74.39 -31.98
C THR C 360 -23.64 75.37 -32.80
N PRO C 361 -24.31 76.19 -33.63
CA PRO C 361 -23.54 77.14 -34.44
C PRO C 361 -22.72 78.17 -33.64
N GLU C 362 -22.86 78.16 -32.32
CA GLU C 362 -22.08 79.07 -31.46
C GLU C 362 -20.81 78.39 -30.98
N SER C 363 -20.73 77.07 -31.16
CA SER C 363 -19.54 76.33 -30.76
C SER C 363 -18.40 76.79 -31.68
N PRO C 364 -17.14 76.74 -31.21
CA PRO C 364 -16.08 77.20 -32.12
C PRO C 364 -15.88 76.24 -33.30
N GLY C 365 -15.55 76.81 -34.45
CA GLY C 365 -15.31 75.99 -35.62
C GLY C 365 -14.09 75.10 -35.43
N ASP C 366 -14.06 73.98 -36.15
CA ASP C 366 -12.93 73.06 -36.05
C ASP C 366 -12.94 72.17 -37.28
N ALA C 367 -11.82 71.48 -37.51
CA ALA C 367 -11.73 70.57 -38.64
C ALA C 367 -12.48 69.29 -38.24
N THR C 368 -13.17 68.65 -39.19
CA THR C 368 -13.91 67.44 -38.86
C THR C 368 -12.98 66.33 -38.39
N ARG C 369 -11.71 66.39 -38.81
CA ARG C 369 -10.78 65.37 -38.32
C ARG C 369 -10.59 65.52 -36.82
N ASN C 370 -10.62 66.76 -36.32
CA ASN C 370 -10.46 67.00 -34.87
C ASN C 370 -11.72 66.61 -34.15
N LEU C 371 -12.87 66.94 -34.73
CA LEU C 371 -14.16 66.57 -34.13
C LEU C 371 -14.28 65.04 -34.12
N SER C 372 -13.66 64.38 -35.10
CA SER C 372 -13.67 62.92 -35.18
C SER C 372 -12.98 62.37 -33.94
N GLN C 373 -11.86 62.97 -33.57
CA GLN C 373 -11.14 62.51 -32.39
C GLN C 373 -11.99 62.62 -31.12
N GLN C 374 -12.76 63.70 -30.98
CA GLN C 374 -13.61 63.87 -29.81
C GLN C 374 -14.61 62.71 -29.79
N CYS C 375 -15.19 62.40 -30.95
CA CYS C 375 -16.13 61.29 -31.04
C CYS C 375 -15.44 59.97 -30.69
N LEU C 376 -14.25 59.72 -31.22
CA LEU C 376 -13.57 58.46 -30.92
C LEU C 376 -13.29 58.33 -29.42
N ASN C 377 -12.82 59.40 -28.81
CA ASN C 377 -12.55 59.34 -27.38
C ASN C 377 -13.84 59.20 -26.56
N ALA C 378 -14.93 59.82 -27.01
CA ALA C 378 -16.19 59.70 -26.29
C ALA C 378 -16.69 58.27 -26.35
N LEU C 379 -16.57 57.64 -27.51
CA LEU C 379 -17.02 56.27 -27.68
C LEU C 379 -16.14 55.27 -26.94
N ALA C 380 -14.85 55.55 -26.87
CA ALA C 380 -13.90 54.64 -26.23
C ALA C 380 -14.33 54.20 -24.84
N ASN C 381 -15.03 55.09 -24.12
CA ASN C 381 -15.50 54.79 -22.77
C ASN C 381 -16.74 53.88 -22.72
N VAL C 382 -17.59 53.93 -23.74
CA VAL C 382 -18.80 53.10 -23.75
C VAL C 382 -18.82 51.90 -24.69
N VAL C 383 -17.83 51.76 -25.56
CA VAL C 383 -17.81 50.62 -26.47
C VAL C 383 -16.51 49.88 -26.21
N PRO C 384 -16.59 48.81 -25.41
CA PRO C 384 -15.40 48.02 -25.07
C PRO C 384 -14.60 47.45 -26.23
N GLY C 385 -15.24 47.19 -27.36
CA GLY C 385 -14.52 46.65 -28.49
C GLY C 385 -13.95 47.67 -29.48
N LEU C 386 -13.99 48.96 -29.16
CA LEU C 386 -13.42 49.95 -30.06
C LEU C 386 -11.90 49.86 -29.91
N ILE C 387 -11.22 49.58 -31.02
CA ILE C 387 -9.76 49.44 -31.05
C ILE C 387 -9.27 49.76 -32.47
N GLY C 388 -8.12 50.40 -32.57
CA GLY C 388 -7.60 50.74 -33.88
C GLY C 388 -6.51 51.80 -33.88
N GLY C 389 -6.32 52.42 -35.03
CA GLY C 389 -5.28 53.43 -35.14
C GLY C 389 -4.96 53.87 -36.55
N SER C 390 -3.89 54.62 -36.68
CA SER C 390 -3.47 55.18 -37.95
C SER C 390 -2.20 54.56 -38.50
N ALA C 391 -2.02 54.67 -39.81
CA ALA C 391 -0.84 54.15 -40.49
C ALA C 391 0.25 55.25 -40.50
N ASP C 392 0.93 55.43 -39.37
CA ASP C 392 1.99 56.43 -39.20
C ASP C 392 1.50 57.88 -39.39
N LEU C 393 0.24 58.13 -39.12
CA LEU C 393 -0.32 59.46 -39.31
C LEU C 393 -1.23 59.88 -38.13
N ALA C 394 -0.96 59.30 -36.98
CA ALA C 394 -1.76 59.57 -35.78
C ALA C 394 -1.94 61.05 -35.46
N SER C 395 -0.90 61.83 -35.72
CA SER C 395 -0.91 63.28 -35.45
C SER C 395 -1.65 64.12 -36.46
N SER C 396 -1.92 63.53 -37.62
CA SER C 396 -2.64 64.23 -38.69
C SER C 396 -4.06 63.71 -38.83
N ASN C 397 -4.24 62.42 -38.61
CA ASN C 397 -5.54 61.80 -38.70
C ASN C 397 -6.34 62.06 -37.40
N MET C 398 -5.62 62.33 -36.30
CA MET C 398 -6.23 62.60 -34.99
C MET C 398 -6.98 61.37 -34.49
N THR C 399 -6.28 60.25 -34.46
CA THR C 399 -6.88 59.00 -34.05
C THR C 399 -6.51 58.42 -32.69
N LEU C 400 -5.66 59.10 -31.93
CA LEU C 400 -5.26 58.58 -30.63
C LEU C 400 -6.33 58.61 -29.57
N LEU C 401 -6.55 57.48 -28.91
CA LEU C 401 -7.51 57.40 -27.81
C LEU C 401 -6.64 57.85 -26.64
N LYS C 402 -6.86 59.07 -26.17
CA LYS C 402 -6.07 59.69 -25.11
C LYS C 402 -5.88 58.93 -23.81
N MET C 403 -6.89 58.17 -23.40
CA MET C 403 -6.82 57.43 -22.15
C MET C 403 -6.12 56.06 -22.22
N PHE C 404 -5.49 55.74 -23.36
CA PHE C 404 -4.79 54.45 -23.48
C PHE C 404 -3.39 54.61 -24.07
N GLY C 405 -2.59 53.56 -23.95
CA GLY C 405 -1.25 53.59 -24.49
C GLY C 405 -1.26 52.83 -25.80
N ASP C 406 -0.10 52.39 -26.25
CA ASP C 406 0.01 51.66 -27.51
C ASP C 406 0.06 50.14 -27.34
N PHE C 407 -0.58 49.46 -28.28
CA PHE C 407 -0.57 48.01 -28.30
C PHE C 407 0.86 47.61 -28.70
N GLN C 408 1.50 46.74 -27.92
CA GLN C 408 2.86 46.27 -28.25
C GLN C 408 3.00 44.89 -27.63
N LYS C 409 4.01 44.12 -27.99
CA LYS C 409 4.10 42.76 -27.45
C LYS C 409 3.95 42.70 -25.93
N ASP C 410 4.50 43.68 -25.22
CA ASP C 410 4.44 43.72 -23.75
C ASP C 410 3.24 44.45 -23.15
N THR C 411 2.47 45.13 -24.00
CA THR C 411 1.31 45.88 -23.52
C THR C 411 0.12 45.63 -24.44
N ALA C 412 -0.12 44.34 -24.75
CA ALA C 412 -1.20 43.97 -25.64
C ALA C 412 -2.59 44.37 -25.16
N GLU C 413 -2.71 44.82 -23.92
CA GLU C 413 -4.02 45.22 -23.44
C GLU C 413 -4.39 46.64 -23.81
N GLU C 414 -3.44 47.39 -24.38
CA GLU C 414 -3.69 48.76 -24.79
C GLU C 414 -4.51 48.79 -26.06
N ARG C 415 -5.22 49.89 -26.31
CA ARG C 415 -6.10 49.97 -27.47
C ARG C 415 -5.75 50.86 -28.67
N ASN C 416 -4.58 51.50 -28.65
CA ASN C 416 -4.13 52.29 -29.78
C ASN C 416 -3.20 51.38 -30.58
N VAL C 417 -3.53 51.11 -31.83
CA VAL C 417 -2.68 50.27 -32.64
C VAL C 417 -1.93 51.15 -33.63
N ARG C 418 -0.61 51.03 -33.66
CA ARG C 418 0.25 51.81 -34.55
C ARG C 418 0.68 50.94 -35.71
N PHE C 419 0.11 51.18 -36.87
CA PHE C 419 0.38 50.33 -38.03
C PHE C 419 1.65 50.58 -38.84
N GLY C 420 2.20 51.79 -38.76
CA GLY C 420 3.37 52.10 -39.56
C GLY C 420 2.86 52.48 -40.94
N VAL C 421 3.72 52.56 -41.95
CA VAL C 421 3.26 52.95 -43.28
C VAL C 421 2.88 51.68 -44.06
N ARG C 422 1.78 51.07 -43.61
CA ARG C 422 1.28 49.82 -44.16
C ARG C 422 -0.24 49.85 -44.33
N GLU C 423 -0.72 50.72 -45.20
CA GLU C 423 -2.16 50.85 -45.40
C GLU C 423 -2.91 49.56 -45.72
N HIS C 424 -2.44 48.85 -46.73
CA HIS C 424 -3.12 47.64 -47.16
C HIS C 424 -3.11 46.58 -46.07
N GLY C 425 -1.96 46.33 -45.45
CA GLY C 425 -1.92 45.35 -44.40
C GLY C 425 -2.83 45.78 -43.26
N MET C 426 -2.82 47.08 -42.96
CA MET C 426 -3.66 47.64 -41.90
C MET C 426 -5.12 47.30 -42.18
N GLY C 427 -5.55 47.48 -43.41
CA GLY C 427 -6.93 47.18 -43.77
C GLY C 427 -7.32 45.72 -43.59
N ALA C 428 -6.43 44.80 -43.97
CA ALA C 428 -6.71 43.38 -43.83
C ALA C 428 -6.69 42.94 -42.38
N ILE C 429 -5.84 43.57 -41.58
CA ILE C 429 -5.74 43.25 -40.17
C ILE C 429 -7.03 43.65 -39.46
N CYS C 430 -7.57 44.81 -39.83
CA CYS C 430 -8.81 45.25 -39.23
C CYS C 430 -9.95 44.31 -39.62
N ASN C 431 -9.91 43.75 -40.83
CA ASN C 431 -10.97 42.80 -41.22
C ASN C 431 -10.87 41.57 -40.30
N GLY C 432 -9.65 41.19 -39.95
CA GLY C 432 -9.48 40.05 -39.08
C GLY C 432 -10.07 40.33 -37.72
N ILE C 433 -9.75 41.49 -37.17
CA ILE C 433 -10.27 41.88 -35.87
C ILE C 433 -11.79 41.90 -35.94
N ALA C 434 -12.34 42.57 -36.96
CA ALA C 434 -13.80 42.66 -37.08
C ALA C 434 -14.44 41.30 -37.10
N LEU C 435 -13.81 40.34 -37.78
CA LEU C 435 -14.37 38.99 -37.89
C LEU C 435 -13.98 37.99 -36.80
N HIS C 436 -13.23 38.45 -35.80
CA HIS C 436 -12.86 37.58 -34.69
C HIS C 436 -14.07 37.39 -33.78
N SER C 437 -14.72 38.50 -33.45
CA SER C 437 -15.90 38.51 -32.59
C SER C 437 -16.76 39.70 -32.99
N PRO C 438 -18.09 39.54 -33.00
CA PRO C 438 -19.06 40.57 -33.37
C PRO C 438 -19.03 41.86 -32.57
N GLY C 439 -18.45 41.81 -31.36
CA GLY C 439 -18.37 43.00 -30.52
C GLY C 439 -17.20 43.92 -30.82
N PHE C 440 -16.25 43.48 -31.63
CA PHE C 440 -15.14 44.35 -31.99
C PHE C 440 -15.59 45.42 -32.97
N VAL C 441 -15.13 46.65 -32.75
CA VAL C 441 -15.42 47.76 -33.63
C VAL C 441 -14.07 48.38 -33.99
N PRO C 442 -13.37 47.80 -34.97
CA PRO C 442 -12.07 48.33 -35.37
C PRO C 442 -12.13 49.52 -36.30
N TYR C 443 -11.20 50.46 -36.12
CA TYR C 443 -11.14 51.61 -36.99
C TYR C 443 -9.68 51.78 -37.40
N CYS C 444 -9.45 52.23 -38.63
CA CYS C 444 -8.09 52.45 -39.10
C CYS C 444 -8.10 53.73 -39.94
N ALA C 445 -6.94 54.34 -40.14
CA ALA C 445 -6.89 55.62 -40.83
C ALA C 445 -5.64 55.95 -41.59
N THR C 446 -5.82 56.81 -42.59
CA THR C 446 -4.79 57.40 -43.45
C THR C 446 -5.43 58.58 -44.13
N PHE C 447 -4.66 59.18 -45.03
CA PHE C 447 -5.14 60.28 -45.82
C PHE C 447 -6.07 59.57 -46.82
N PHE C 448 -7.23 60.18 -47.07
CA PHE C 448 -8.25 59.62 -47.97
C PHE C 448 -7.68 59.13 -49.30
N VAL C 449 -6.74 59.88 -49.85
CA VAL C 449 -6.15 59.51 -51.15
C VAL C 449 -5.41 58.18 -51.10
N PHE C 450 -4.91 57.78 -49.93
CA PHE C 450 -4.20 56.53 -49.93
C PHE C 450 -5.06 55.30 -49.72
N THR C 451 -6.37 55.50 -49.87
CA THR C 451 -7.28 54.38 -49.83
C THR C 451 -6.90 53.52 -51.04
N ASP C 452 -6.33 54.14 -52.07
CA ASP C 452 -5.93 53.40 -53.27
C ASP C 452 -4.95 52.28 -52.91
N TYR C 453 -4.08 52.51 -51.92
CA TYR C 453 -3.10 51.49 -51.50
C TYR C 453 -3.77 50.30 -50.82
N MET C 454 -4.89 50.55 -50.14
CA MET C 454 -5.55 49.48 -49.39
C MET C 454 -6.93 49.12 -49.92
N ARG C 455 -7.22 49.53 -51.15
CA ARG C 455 -8.52 49.28 -51.74
C ARG C 455 -8.88 47.79 -51.78
N GLY C 456 -7.86 46.94 -51.96
CA GLY C 456 -8.10 45.50 -52.01
C GLY C 456 -8.75 44.99 -50.73
N ALA C 457 -8.25 45.40 -49.57
CA ALA C 457 -8.84 44.98 -48.31
C ALA C 457 -10.19 45.66 -48.03
N MET C 458 -10.35 46.91 -48.47
CA MET C 458 -11.60 47.65 -48.27
C MET C 458 -12.75 46.99 -49.01
N ARG C 459 -12.50 46.55 -50.23
CA ARG C 459 -13.53 45.88 -50.99
C ARG C 459 -13.92 44.60 -50.28
N ILE C 460 -12.94 43.92 -49.70
CA ILE C 460 -13.27 42.70 -48.96
C ILE C 460 -14.12 43.01 -47.73
N SER C 461 -13.93 44.17 -47.10
CA SER C 461 -14.74 44.54 -45.94
C SER C 461 -16.22 44.58 -46.37
N ALA C 462 -16.49 45.23 -47.50
CA ALA C 462 -17.85 45.33 -48.00
C ALA C 462 -18.41 43.96 -48.38
N LEU C 463 -17.63 43.17 -49.09
CA LEU C 463 -18.13 41.86 -49.50
C LEU C 463 -18.26 40.91 -48.30
N SER C 464 -17.33 40.95 -47.34
CA SER C 464 -17.47 40.00 -46.22
C SER C 464 -18.33 40.51 -45.06
N GLU C 465 -18.86 41.73 -45.21
CA GLU C 465 -19.72 42.31 -44.19
C GLU C 465 -19.00 42.52 -42.86
N ALA C 466 -17.79 43.03 -42.94
CA ALA C 466 -16.95 43.33 -41.79
C ALA C 466 -17.15 44.82 -41.49
N GLY C 467 -17.70 45.12 -40.31
CA GLY C 467 -17.98 46.49 -39.92
C GLY C 467 -16.77 47.32 -39.50
N VAL C 468 -15.81 47.48 -40.40
CA VAL C 468 -14.63 48.26 -40.12
C VAL C 468 -14.96 49.74 -40.35
N ILE C 469 -14.43 50.62 -39.51
CA ILE C 469 -14.68 52.02 -39.69
C ILE C 469 -13.40 52.63 -40.23
N TYR C 470 -13.49 53.20 -41.43
CA TYR C 470 -12.35 53.82 -42.07
C TYR C 470 -12.39 55.34 -41.85
N VAL C 471 -11.44 55.86 -41.08
CA VAL C 471 -11.30 57.29 -40.75
C VAL C 471 -10.31 57.85 -41.75
N MET C 472 -10.82 58.56 -42.76
CA MET C 472 -9.97 59.09 -43.83
C MET C 472 -9.96 60.62 -43.87
N THR C 473 -8.83 61.22 -43.53
CA THR C 473 -8.74 62.67 -43.47
C THR C 473 -8.03 63.31 -44.63
N HIS C 474 -8.04 64.64 -44.66
CA HIS C 474 -7.42 65.38 -45.76
C HIS C 474 -8.13 64.95 -47.05
N ASP C 475 -9.45 65.00 -47.00
CA ASP C 475 -10.35 64.58 -48.06
C ASP C 475 -10.44 65.35 -49.38
N SER C 476 -9.74 66.47 -49.52
CA SER C 476 -9.86 67.22 -50.77
C SER C 476 -8.72 68.17 -51.04
N ILE C 477 -8.92 69.06 -52.01
CA ILE C 477 -7.92 70.07 -52.33
C ILE C 477 -7.75 70.99 -51.13
N GLY C 478 -8.61 70.84 -50.14
CA GLY C 478 -8.51 71.66 -48.95
C GLY C 478 -7.22 71.42 -48.19
N LEU C 479 -6.56 70.29 -48.42
CA LEU C 479 -5.30 70.01 -47.73
C LEU C 479 -4.18 70.93 -48.20
N GLY C 480 -4.39 71.59 -49.33
CA GLY C 480 -3.41 72.56 -49.78
C GLY C 480 -2.15 72.16 -50.53
N GLU C 481 -1.04 72.70 -50.08
CA GLU C 481 0.21 72.52 -50.79
C GLU C 481 0.88 71.16 -50.98
N ASP C 482 0.46 70.11 -50.28
CA ASP C 482 1.09 68.82 -50.54
C ASP C 482 0.85 68.48 -52.03
N GLY C 483 -0.20 69.05 -52.62
CA GLY C 483 -0.42 68.87 -54.04
C GLY C 483 -1.23 67.71 -54.60
N PRO C 484 -1.28 67.58 -55.93
CA PRO C 484 -2.04 66.52 -56.60
C PRO C 484 -1.78 65.09 -56.18
N THR C 485 -0.56 64.75 -55.80
CA THR C 485 -0.30 63.36 -55.40
C THR C 485 -1.05 63.03 -54.13
N HIS C 486 -1.46 64.05 -53.39
CA HIS C 486 -2.16 63.83 -52.12
C HIS C 486 -3.62 64.23 -52.14
N GLN C 487 -4.07 64.90 -53.18
CA GLN C 487 -5.46 65.34 -53.19
C GLN C 487 -6.46 64.41 -53.90
N PRO C 488 -7.47 63.95 -53.14
CA PRO C 488 -8.50 63.06 -53.68
C PRO C 488 -9.30 63.83 -54.72
N ILE C 489 -9.84 63.12 -55.70
CA ILE C 489 -10.65 63.74 -56.74
C ILE C 489 -11.74 62.73 -57.07
N GLU C 490 -11.33 61.57 -57.57
CA GLU C 490 -12.26 60.48 -57.94
C GLU C 490 -12.68 59.64 -56.75
N HIS C 491 -12.01 59.78 -55.63
CA HIS C 491 -12.28 58.88 -54.51
C HIS C 491 -13.68 58.72 -53.97
N LEU C 492 -14.41 59.82 -53.78
CA LEU C 492 -15.78 59.73 -53.26
C LEU C 492 -16.69 58.88 -54.16
N VAL C 493 -16.73 59.18 -55.46
CA VAL C 493 -17.61 58.39 -56.33
C VAL C 493 -17.11 56.99 -56.50
N SER C 494 -15.80 56.77 -56.44
CA SER C 494 -15.26 55.41 -56.60
C SER C 494 -15.79 54.51 -55.47
N PHE C 495 -16.15 55.10 -54.35
CA PHE C 495 -16.69 54.31 -53.24
C PHE C 495 -18.20 54.30 -53.25
N ARG C 496 -18.82 55.36 -53.78
CA ARG C 496 -20.28 55.40 -53.84
C ARG C 496 -20.73 54.30 -54.78
N ALA C 497 -19.87 53.94 -55.73
CA ALA C 497 -20.16 52.90 -56.71
C ALA C 497 -19.95 51.50 -56.18
N MET C 498 -19.19 51.37 -55.10
CA MET C 498 -18.90 50.05 -54.52
C MET C 498 -20.05 49.57 -53.67
N PRO C 499 -20.51 48.35 -53.90
CA PRO C 499 -21.63 47.80 -53.13
C PRO C 499 -21.30 47.65 -51.65
N ASN C 500 -22.33 47.79 -50.81
CA ASN C 500 -22.25 47.58 -49.37
C ASN C 500 -21.19 48.32 -48.58
N ILE C 501 -21.04 49.61 -48.79
CA ILE C 501 -20.10 50.40 -48.03
C ILE C 501 -20.67 51.80 -48.00
N LEU C 502 -20.58 52.46 -46.85
CA LEU C 502 -21.13 53.80 -46.72
C LEU C 502 -20.03 54.82 -46.96
N MET C 503 -20.33 55.83 -47.76
CA MET C 503 -19.36 56.87 -48.06
C MET C 503 -19.85 58.15 -47.38
N LEU C 504 -19.45 58.32 -46.13
CA LEU C 504 -19.87 59.47 -45.33
C LEU C 504 -18.93 60.66 -45.40
N ARG C 505 -19.50 61.85 -45.55
CA ARG C 505 -18.66 63.05 -45.60
C ARG C 505 -19.35 64.16 -44.82
N PRO C 506 -19.21 64.14 -43.49
CA PRO C 506 -19.80 65.12 -42.58
C PRO C 506 -19.29 66.54 -42.82
N ALA C 507 -20.18 67.50 -42.63
CA ALA C 507 -19.86 68.91 -42.83
C ALA C 507 -19.33 69.57 -41.57
N ASP C 508 -19.84 69.14 -40.41
CA ASP C 508 -19.43 69.72 -39.13
C ASP C 508 -19.49 68.76 -37.97
N GLY C 509 -19.50 69.34 -36.76
CA GLY C 509 -19.52 68.54 -35.55
C GLY C 509 -20.73 67.64 -35.41
N ASN C 510 -21.93 68.18 -35.60
CA ASN C 510 -23.11 67.36 -35.47
C ASN C 510 -23.08 66.23 -36.49
N GLU C 511 -22.72 66.57 -37.73
CA GLU C 511 -22.68 65.56 -38.76
C GLU C 511 -21.59 64.52 -38.49
N THR C 512 -20.41 64.89 -38.00
CA THR C 512 -19.46 63.80 -37.79
C THR C 512 -19.92 62.93 -36.61
N ALA C 513 -20.61 63.50 -35.63
CA ALA C 513 -21.13 62.69 -34.52
C ALA C 513 -22.15 61.71 -35.12
N GLY C 514 -23.01 62.22 -36.02
CA GLY C 514 -24.01 61.38 -36.66
C GLY C 514 -23.40 60.29 -37.54
N ALA C 515 -22.28 60.61 -38.18
CA ALA C 515 -21.63 59.63 -39.04
C ALA C 515 -21.06 58.52 -38.15
N TYR C 516 -20.58 58.86 -36.96
CA TYR C 516 -20.07 57.84 -36.05
C TYR C 516 -21.20 56.97 -35.49
N LYS C 517 -22.38 57.56 -35.25
CA LYS C 517 -23.48 56.76 -34.74
C LYS C 517 -23.84 55.71 -35.78
N VAL C 518 -23.96 56.16 -37.02
CA VAL C 518 -24.28 55.28 -38.15
C VAL C 518 -23.20 54.21 -38.31
N ALA C 519 -21.93 54.61 -38.24
CA ALA C 519 -20.85 53.64 -38.40
C ALA C 519 -20.84 52.55 -37.33
N VAL C 520 -21.16 52.92 -36.08
CA VAL C 520 -21.17 51.96 -34.99
C VAL C 520 -22.37 51.03 -35.11
N LEU C 521 -23.52 51.59 -35.48
CA LEU C 521 -24.71 50.78 -35.66
C LEU C 521 -24.58 49.74 -36.77
N ASN C 522 -23.85 50.07 -37.85
CA ASN C 522 -23.69 49.12 -38.96
C ASN C 522 -22.55 48.17 -38.71
N ARG C 523 -22.81 47.05 -38.04
CA ARG C 523 -21.76 46.07 -37.77
C ARG C 523 -21.57 45.10 -38.92
N LYS C 524 -22.43 45.17 -39.93
CA LYS C 524 -22.37 44.30 -41.10
C LYS C 524 -22.05 45.02 -42.40
N ARG C 525 -21.67 46.29 -42.30
CA ARG C 525 -21.36 47.09 -43.47
C ARG C 525 -20.30 48.14 -43.09
N PRO C 526 -19.15 48.12 -43.79
CA PRO C 526 -18.08 49.08 -43.50
C PRO C 526 -18.50 50.53 -43.79
N SER C 527 -17.86 51.46 -43.09
CA SER C 527 -18.15 52.88 -43.24
C SER C 527 -16.87 53.67 -43.50
N ILE C 528 -16.93 54.61 -44.43
CA ILE C 528 -15.79 55.45 -44.69
C ILE C 528 -16.20 56.87 -44.32
N LEU C 529 -15.37 57.54 -43.54
CA LEU C 529 -15.61 58.93 -43.13
C LEU C 529 -14.54 59.80 -43.77
N ALA C 530 -14.98 60.65 -44.70
CA ALA C 530 -14.07 61.57 -45.36
C ALA C 530 -14.03 62.83 -44.47
N LEU C 531 -12.89 63.08 -43.83
CA LEU C 531 -12.75 64.21 -42.93
C LEU C 531 -11.79 65.28 -43.44
N SER C 532 -12.07 66.54 -43.09
CA SER C 532 -11.27 67.68 -43.53
C SER C 532 -10.00 67.97 -42.71
N ARG C 533 -9.03 68.59 -43.36
CA ARG C 533 -7.82 68.96 -42.68
C ARG C 533 -8.07 70.37 -42.18
N GLN C 534 -8.79 71.18 -42.96
CA GLN C 534 -9.06 72.57 -42.59
C GLN C 534 -10.26 72.79 -41.67
N LYS C 535 -10.28 73.92 -40.96
CA LYS C 535 -11.37 74.23 -40.05
C LYS C 535 -12.65 74.61 -40.79
N LEU C 536 -13.76 74.13 -40.27
CA LEU C 536 -15.07 74.35 -40.83
C LEU C 536 -15.99 74.91 -39.75
N PRO C 537 -17.00 75.67 -40.13
CA PRO C 537 -17.89 76.21 -39.08
C PRO C 537 -19.01 75.22 -38.76
N HIS C 538 -19.60 75.33 -37.58
CA HIS C 538 -20.72 74.48 -37.22
C HIS C 538 -21.88 75.21 -37.88
N LEU C 539 -22.72 74.48 -38.61
CA LEU C 539 -23.83 75.10 -39.31
C LEU C 539 -25.17 74.88 -38.65
N PRO C 540 -26.11 75.78 -38.91
CA PRO C 540 -27.44 75.65 -38.33
C PRO C 540 -28.16 74.61 -39.17
N GLY C 541 -28.95 73.74 -38.55
CA GLY C 541 -29.67 72.75 -39.30
C GLY C 541 -29.11 71.35 -39.29
N THR C 542 -27.82 71.21 -39.02
CA THR C 542 -27.21 69.88 -38.97
C THR C 542 -27.59 69.15 -37.68
N SER C 543 -27.74 67.84 -37.78
CA SER C 543 -28.09 67.02 -36.62
C SER C 543 -27.69 65.55 -36.81
N ILE C 544 -27.60 64.83 -35.70
CA ILE C 544 -27.28 63.41 -35.75
C ILE C 544 -28.36 62.70 -36.57
N GLU C 545 -29.63 63.01 -36.31
CA GLU C 545 -30.77 62.41 -37.01
C GLU C 545 -30.80 62.64 -38.51
N GLY C 546 -30.33 63.80 -38.94
CA GLY C 546 -30.32 64.09 -40.37
C GLY C 546 -29.41 63.13 -41.09
N VAL C 547 -28.27 62.86 -40.47
CA VAL C 547 -27.28 61.94 -41.05
C VAL C 547 -27.84 60.55 -41.31
N GLU C 548 -28.64 60.01 -40.39
CA GLU C 548 -29.19 58.67 -40.58
C GLU C 548 -30.01 58.60 -41.87
N LYS C 549 -30.45 59.76 -42.33
CA LYS C 549 -31.25 59.88 -43.54
C LYS C 549 -30.41 60.04 -44.81
N GLY C 550 -29.12 60.31 -44.63
CA GLY C 550 -28.23 60.42 -45.77
C GLY C 550 -28.29 61.72 -46.50
N GLY C 551 -29.51 62.15 -46.83
CA GLY C 551 -29.72 63.42 -47.50
C GLY C 551 -30.85 64.11 -46.78
N TYR C 552 -30.62 65.31 -46.26
CA TYR C 552 -31.66 66.03 -45.55
C TYR C 552 -31.52 67.55 -45.66
N THR C 553 -32.63 68.25 -45.44
CA THR C 553 -32.66 69.71 -45.52
C THR C 553 -32.12 70.38 -44.27
N ILE C 554 -31.17 71.32 -44.43
CA ILE C 554 -30.63 72.01 -43.26
C ILE C 554 -31.18 73.45 -43.12
N SER C 555 -31.69 74.02 -44.21
CA SER C 555 -32.29 75.34 -44.19
C SER C 555 -33.21 75.46 -45.41
N ASP C 556 -34.36 76.08 -45.22
CA ASP C 556 -35.34 76.20 -46.29
C ASP C 556 -36.30 77.35 -45.99
N ASN C 557 -36.53 78.20 -47.00
CA ASN C 557 -37.45 79.34 -46.85
C ASN C 557 -38.54 79.31 -47.92
N SER C 558 -38.88 78.11 -48.40
CA SER C 558 -39.92 77.94 -49.40
C SER C 558 -41.18 77.43 -48.69
N THR C 559 -42.28 77.32 -49.42
CA THR C 559 -43.54 76.82 -48.88
C THR C 559 -44.09 75.86 -49.89
N GLY C 560 -44.95 74.96 -49.45
CA GLY C 560 -45.53 74.01 -50.37
C GLY C 560 -44.58 73.06 -51.05
N ASN C 561 -43.41 72.85 -50.44
CA ASN C 561 -42.39 71.94 -50.96
C ASN C 561 -42.08 72.27 -52.41
N LYS C 562 -41.96 73.56 -52.69
CA LYS C 562 -41.64 73.99 -54.03
C LYS C 562 -40.71 75.19 -53.99
N PRO C 563 -39.44 74.96 -53.61
CA PRO C 563 -38.50 76.09 -53.58
C PRO C 563 -38.17 76.49 -55.01
N ASP C 564 -37.66 77.70 -55.20
CA ASP C 564 -37.30 78.14 -56.54
C ASP C 564 -36.04 77.40 -56.95
N LEU C 565 -35.15 77.22 -55.96
CA LEU C 565 -33.87 76.59 -56.17
C LEU C 565 -33.45 75.63 -55.06
N ILE C 566 -32.85 74.49 -55.43
CA ILE C 566 -32.36 73.55 -54.44
C ILE C 566 -30.84 73.50 -54.59
N VAL C 567 -30.12 73.71 -53.49
CA VAL C 567 -28.67 73.65 -53.53
C VAL C 567 -28.19 72.54 -52.60
N MET C 568 -27.35 71.64 -53.10
CA MET C 568 -26.87 70.57 -52.26
C MET C 568 -25.36 70.48 -52.23
N GLY C 569 -24.82 70.09 -51.08
CA GLY C 569 -23.38 69.95 -50.92
C GLY C 569 -23.03 68.92 -49.87
N THR C 570 -21.73 68.71 -49.65
CA THR C 570 -21.25 67.74 -48.66
C THR C 570 -19.98 68.27 -48.04
N GLY C 571 -19.66 67.78 -46.85
CA GLY C 571 -18.47 68.18 -46.16
C GLY C 571 -18.18 69.67 -46.15
N SER C 572 -16.92 69.99 -46.43
CA SER C 572 -16.42 71.34 -46.43
C SER C 572 -17.13 72.24 -47.45
N GLU C 573 -17.88 71.66 -48.38
CA GLU C 573 -18.57 72.51 -49.36
C GLU C 573 -20.00 72.86 -48.96
N LEU C 574 -20.54 72.25 -47.90
CA LEU C 574 -21.92 72.58 -47.49
C LEU C 574 -21.94 74.07 -47.07
N GLU C 575 -20.89 74.50 -46.39
CA GLU C 575 -20.75 75.87 -45.92
C GLU C 575 -20.84 76.85 -47.10
N ILE C 576 -20.20 76.49 -48.21
CA ILE C 576 -20.25 77.34 -49.39
C ILE C 576 -21.68 77.34 -49.92
N ALA C 577 -22.35 76.19 -49.92
CA ALA C 577 -23.72 76.15 -50.41
C ALA C 577 -24.62 77.01 -49.52
N ALA C 578 -24.39 76.97 -48.21
CA ALA C 578 -25.20 77.74 -47.26
C ALA C 578 -25.06 79.26 -47.48
N LYS C 579 -23.82 79.70 -47.59
CA LYS C 579 -23.49 81.09 -47.81
C LYS C 579 -24.12 81.58 -49.12
N ALA C 580 -24.10 80.74 -50.15
CA ALA C 580 -24.68 81.13 -51.43
C ALA C 580 -26.19 81.24 -51.32
N ALA C 581 -26.78 80.36 -50.50
CA ALA C 581 -28.23 80.37 -50.32
C ALA C 581 -28.69 81.69 -49.67
N ASP C 582 -27.97 82.14 -48.65
CA ASP C 582 -28.30 83.38 -47.97
C ASP C 582 -28.33 84.53 -48.96
N GLU C 583 -27.28 84.60 -49.76
CA GLU C 583 -27.13 85.61 -50.77
C GLU C 583 -28.32 85.62 -51.73
N LEU C 584 -28.75 84.45 -52.19
CA LEU C 584 -29.87 84.36 -53.12
C LEU C 584 -31.22 84.68 -52.48
N ARG C 585 -31.35 84.41 -51.18
CA ARG C 585 -32.62 84.67 -50.52
C ARG C 585 -32.85 86.17 -50.42
N LYS C 586 -31.75 86.93 -50.38
CA LYS C 586 -31.84 88.38 -50.31
C LYS C 586 -32.53 88.91 -51.55
N GLU C 587 -32.28 88.26 -52.68
CA GLU C 587 -32.91 88.67 -53.94
C GLU C 587 -34.33 88.17 -54.04
N GLY C 588 -34.86 87.60 -52.95
CA GLY C 588 -36.23 87.12 -52.96
C GLY C 588 -36.51 85.74 -53.51
N LYS C 589 -35.47 84.91 -53.67
CA LYS C 589 -35.65 83.56 -54.16
C LYS C 589 -35.84 82.64 -52.96
N THR C 590 -36.61 81.57 -53.13
CA THR C 590 -36.77 80.64 -52.02
C THR C 590 -35.75 79.55 -52.32
N VAL C 591 -34.90 79.28 -51.35
CA VAL C 591 -33.86 78.28 -51.54
C VAL C 591 -33.77 77.25 -50.44
N ARG C 592 -33.74 75.99 -50.85
CA ARG C 592 -33.60 74.86 -49.95
C ARG C 592 -32.12 74.37 -50.02
N VAL C 593 -31.45 74.27 -48.87
CA VAL C 593 -30.08 73.75 -48.83
C VAL C 593 -30.15 72.33 -48.27
N VAL C 594 -29.63 71.38 -49.04
CA VAL C 594 -29.63 69.96 -48.68
C VAL C 594 -28.21 69.44 -48.40
N SER C 595 -28.07 68.71 -47.30
CA SER C 595 -26.81 68.09 -46.96
C SER C 595 -26.89 66.66 -47.47
N PHE C 596 -25.88 66.21 -48.21
CA PHE C 596 -25.87 64.84 -48.72
C PHE C 596 -24.75 64.03 -48.07
N VAL C 597 -24.69 64.04 -46.73
CA VAL C 597 -23.67 63.29 -45.99
C VAL C 597 -23.45 61.89 -46.58
N SER C 598 -24.52 61.25 -47.04
CA SER C 598 -24.38 59.93 -47.65
C SER C 598 -25.44 59.62 -48.69
N TRP C 599 -24.99 59.28 -49.90
CA TRP C 599 -25.89 58.91 -51.00
C TRP C 599 -26.62 57.62 -50.64
N GLU C 600 -25.85 56.65 -50.16
CA GLU C 600 -26.36 55.34 -49.78
C GLU C 600 -27.56 55.37 -48.86
N LEU C 601 -27.45 56.13 -47.78
CA LEU C 601 -28.51 56.23 -46.78
C LEU C 601 -29.76 56.91 -47.39
N PHE C 602 -29.54 57.92 -48.23
CA PHE C 602 -30.67 58.59 -48.87
C PHE C 602 -31.41 57.66 -49.82
N ASP C 603 -30.67 56.88 -50.61
CA ASP C 603 -31.31 55.96 -51.57
C ASP C 603 -32.14 54.90 -50.87
N GLU C 604 -31.77 54.57 -49.63
CA GLU C 604 -32.48 53.60 -48.82
C GLU C 604 -33.77 54.14 -48.24
N GLN C 605 -33.93 55.45 -48.22
CA GLN C 605 -35.15 56.06 -47.68
C GLN C 605 -36.35 55.82 -48.58
N SER C 606 -37.55 56.07 -48.05
CA SER C 606 -38.79 55.86 -48.79
C SER C 606 -39.01 56.88 -49.90
N ASP C 607 -39.82 56.52 -50.88
CA ASP C 607 -40.10 57.42 -51.99
C ASP C 607 -40.73 58.70 -51.44
N GLU C 608 -41.52 58.56 -50.38
CA GLU C 608 -42.17 59.73 -49.77
C GLU C 608 -41.09 60.65 -49.22
N TYR C 609 -40.14 60.09 -48.49
CA TYR C 609 -39.09 60.91 -47.92
C TYR C 609 -38.29 61.62 -49.00
N LYS C 610 -37.89 60.87 -50.03
CA LYS C 610 -37.11 61.43 -51.10
C LYS C 610 -37.82 62.62 -51.75
N GLU C 611 -39.11 62.44 -52.03
CA GLU C 611 -39.92 63.48 -52.63
C GLU C 611 -40.00 64.70 -51.70
N SER C 612 -39.91 64.48 -50.40
CA SER C 612 -40.00 65.60 -49.49
C SER C 612 -38.71 66.43 -49.46
N VAL C 613 -37.61 65.87 -49.97
CA VAL C 613 -36.35 66.58 -49.98
C VAL C 613 -36.03 67.12 -51.38
N LEU C 614 -36.19 66.28 -52.38
CA LEU C 614 -35.95 66.65 -53.78
C LEU C 614 -37.27 66.49 -54.53
N PRO C 615 -38.17 67.48 -54.43
CA PRO C 615 -39.45 67.38 -55.14
C PRO C 615 -39.27 67.26 -56.66
N ALA C 616 -39.90 66.25 -57.24
CA ALA C 616 -39.77 66.01 -58.67
C ALA C 616 -40.09 67.26 -59.49
N ALA C 617 -40.98 68.09 -58.98
CA ALA C 617 -41.39 69.30 -59.69
C ALA C 617 -40.31 70.39 -59.73
N VAL C 618 -39.39 70.39 -58.77
CA VAL C 618 -38.35 71.40 -58.80
C VAL C 618 -37.21 70.92 -59.68
N THR C 619 -36.97 71.67 -60.74
CA THR C 619 -35.95 71.34 -61.72
C THR C 619 -34.61 72.09 -61.55
N ALA C 620 -34.65 73.25 -60.91
CA ALA C 620 -33.46 74.05 -60.69
C ALA C 620 -32.62 73.51 -59.53
N ARG C 621 -31.70 72.60 -59.84
CA ARG C 621 -30.87 72.02 -58.80
C ARG C 621 -29.37 72.24 -59.06
N ILE C 622 -28.63 72.47 -57.99
CA ILE C 622 -27.20 72.70 -58.07
C ILE C 622 -26.50 71.90 -56.97
N SER C 623 -25.40 71.23 -57.31
CA SER C 623 -24.65 70.49 -56.32
C SER C 623 -23.23 71.03 -56.35
N ILE C 624 -22.58 71.04 -55.19
CA ILE C 624 -21.21 71.49 -55.12
C ILE C 624 -20.44 70.54 -54.21
N GLU C 625 -19.29 70.05 -54.68
CA GLU C 625 -18.48 69.10 -53.91
C GLU C 625 -17.08 69.12 -54.52
N ALA C 626 -16.05 69.26 -53.67
CA ALA C 626 -14.68 69.30 -54.18
C ALA C 626 -14.22 67.90 -54.58
N GLY C 627 -14.72 67.44 -55.71
CA GLY C 627 -14.39 66.13 -56.23
C GLY C 627 -15.08 65.94 -57.57
N SER C 628 -14.87 64.79 -58.18
CA SER C 628 -15.47 64.45 -59.47
C SER C 628 -16.97 64.69 -59.50
N THR C 629 -17.49 65.17 -60.63
CA THR C 629 -18.92 65.43 -60.78
C THR C 629 -19.70 64.23 -61.26
N LEU C 630 -19.00 63.16 -61.64
CA LEU C 630 -19.65 61.96 -62.13
C LEU C 630 -20.65 61.36 -61.12
N GLY C 631 -21.86 61.08 -61.59
CA GLY C 631 -22.87 60.51 -60.70
C GLY C 631 -23.86 61.52 -60.10
N TRP C 632 -23.46 62.79 -59.98
CA TRP C 632 -24.36 63.79 -59.41
C TRP C 632 -25.60 64.02 -60.26
N GLN C 633 -25.58 63.56 -61.50
CA GLN C 633 -26.73 63.72 -62.36
C GLN C 633 -27.96 63.00 -61.78
N LYS C 634 -27.75 61.97 -60.95
CA LYS C 634 -28.91 61.28 -60.41
C LYS C 634 -29.67 62.13 -59.42
N TYR C 635 -29.05 63.19 -58.90
CA TYR C 635 -29.75 64.05 -57.96
C TYR C 635 -29.99 65.46 -58.52
N VAL C 636 -29.08 65.98 -59.33
CA VAL C 636 -29.32 67.32 -59.84
C VAL C 636 -30.23 67.31 -61.04
N GLY C 637 -30.48 66.12 -61.60
CA GLY C 637 -31.34 66.03 -62.77
C GLY C 637 -30.67 66.44 -64.08
N ALA C 638 -31.39 66.33 -65.18
CA ALA C 638 -30.85 66.67 -66.50
C ALA C 638 -30.65 68.17 -66.70
N GLN C 639 -31.52 68.97 -66.10
CA GLN C 639 -31.40 70.43 -66.21
C GLN C 639 -30.59 70.99 -65.07
N GLY C 640 -30.16 70.13 -64.15
CA GLY C 640 -29.42 70.62 -63.01
C GLY C 640 -27.96 70.90 -63.31
N LYS C 641 -27.27 71.54 -62.38
CA LYS C 641 -25.88 71.82 -62.59
C LYS C 641 -25.01 71.30 -61.44
N ALA C 642 -23.96 70.56 -61.79
CA ALA C 642 -23.04 70.00 -60.81
C ALA C 642 -21.74 70.77 -60.85
N ILE C 643 -21.32 71.29 -59.71
CA ILE C 643 -20.08 72.03 -59.64
C ILE C 643 -19.07 71.15 -58.91
N GLY C 644 -17.96 70.86 -59.58
CA GLY C 644 -16.96 70.00 -58.98
C GLY C 644 -15.60 70.06 -59.65
N ILE C 645 -14.81 69.02 -59.43
CA ILE C 645 -13.48 69.00 -59.99
C ILE C 645 -13.25 67.74 -60.77
N ASP C 646 -13.02 67.85 -62.07
CA ASP C 646 -12.78 66.66 -62.86
C ASP C 646 -11.42 66.69 -63.50
N LYS C 647 -10.42 67.12 -62.73
CA LYS C 647 -9.02 67.14 -63.17
C LYS C 647 -8.21 66.96 -61.90
N PHE C 648 -6.90 66.79 -62.03
CA PHE C 648 -6.06 66.62 -60.86
C PHE C 648 -5.86 67.95 -60.17
N GLY C 649 -5.41 67.90 -58.93
CA GLY C 649 -5.20 69.11 -58.16
C GLY C 649 -3.94 69.91 -58.46
N ALA C 650 -3.51 70.70 -57.49
CA ALA C 650 -2.34 71.55 -57.64
C ALA C 650 -1.64 71.77 -56.29
N SER C 651 -0.36 72.11 -56.34
CA SER C 651 0.41 72.37 -55.12
C SER C 651 0.30 73.87 -54.89
N ALA C 652 -0.49 74.24 -53.88
CA ALA C 652 -0.69 75.65 -53.56
C ALA C 652 -1.53 75.73 -52.31
N PRO C 653 -1.60 76.92 -51.67
CA PRO C 653 -2.41 77.13 -50.47
C PRO C 653 -3.83 76.81 -50.89
N ALA C 654 -4.58 76.15 -50.01
CA ALA C 654 -5.94 75.72 -50.29
C ALA C 654 -6.90 76.80 -50.81
N GLY C 655 -6.87 77.99 -50.19
CA GLY C 655 -7.73 79.07 -50.63
C GLY C 655 -7.57 79.40 -52.10
N THR C 656 -6.34 79.39 -52.58
CA THR C 656 -6.06 79.69 -53.97
C THR C 656 -6.63 78.61 -54.91
N ILE C 657 -6.52 77.36 -54.50
CA ILE C 657 -7.03 76.28 -55.35
C ILE C 657 -8.54 76.36 -55.50
N TYR C 658 -9.23 76.61 -54.38
CA TYR C 658 -10.68 76.72 -54.42
C TYR C 658 -11.13 77.80 -55.39
N LYS C 659 -10.44 78.92 -55.36
CA LYS C 659 -10.77 80.04 -56.22
C LYS C 659 -10.49 79.70 -57.68
N GLU C 660 -9.28 79.22 -57.96
CA GLU C 660 -8.90 78.87 -59.32
C GLU C 660 -9.74 77.73 -59.91
N TYR C 661 -10.31 76.90 -59.05
CA TYR C 661 -11.11 75.79 -59.56
C TYR C 661 -12.59 76.11 -59.55
N GLY C 662 -12.94 77.31 -59.14
CA GLY C 662 -14.34 77.68 -59.12
C GLY C 662 -15.21 77.01 -58.05
N ILE C 663 -14.62 76.55 -56.94
CA ILE C 663 -15.45 75.94 -55.89
C ILE C 663 -15.72 77.13 -54.95
N THR C 664 -16.61 78.00 -55.41
CA THR C 664 -16.93 79.22 -54.71
C THR C 664 -18.41 79.57 -54.68
N VAL C 665 -18.75 80.52 -53.81
CA VAL C 665 -20.12 80.93 -53.70
C VAL C 665 -20.55 81.60 -55.01
N GLU C 666 -19.63 82.33 -55.64
CA GLU C 666 -19.99 83.01 -56.89
C GLU C 666 -20.35 82.04 -58.00
N SER C 667 -19.70 80.88 -58.05
CA SER C 667 -20.01 79.88 -59.08
C SER C 667 -21.45 79.40 -58.93
N ILE C 668 -21.91 79.27 -57.69
CA ILE C 668 -23.26 78.80 -57.44
C ILE C 668 -24.22 79.88 -57.91
N ILE C 669 -23.95 81.10 -57.50
CA ILE C 669 -24.78 82.22 -57.90
C ILE C 669 -24.84 82.35 -59.41
N ALA C 670 -23.69 82.22 -60.07
CA ALA C 670 -23.67 82.32 -61.52
C ALA C 670 -24.54 81.21 -62.13
N ALA C 671 -24.47 80.02 -61.54
CA ALA C 671 -25.25 78.92 -62.05
C ALA C 671 -26.74 79.11 -61.77
N ALA C 672 -27.04 79.71 -60.62
CA ALA C 672 -28.42 79.92 -60.23
C ALA C 672 -29.14 80.83 -61.22
N LYS C 673 -28.40 81.79 -61.78
CA LYS C 673 -29.01 82.72 -62.72
C LYS C 673 -29.03 82.21 -64.15
N SER C 674 -28.90 80.90 -64.30
CA SER C 674 -28.93 80.27 -65.60
C SER C 674 -30.29 79.60 -65.74
N PHE C 675 -31.02 79.55 -64.64
CA PHE C 675 -32.35 78.94 -64.62
C PHE C 675 -33.42 80.00 -64.85
#